data_8SFG
#
_entry.id   8SFG
#
_cell.length_a   61.381
_cell.length_b   160.661
_cell.length_c   71.793
_cell.angle_alpha   90.000
_cell.angle_beta   101.280
_cell.angle_gamma   90.000
#
_symmetry.space_group_name_H-M   'P 1 21 1'
#
loop_
_entity.id
_entity.type
_entity.pdbx_description
1 polymer 'Autotransporter adhesin'
2 non-polymer 'SULFATE ION'
3 non-polymer 'CHLORIDE ION'
4 water water
#
_entity_poly.entity_id   1
_entity_poly.type   'polypeptide(L)'
_entity_poly.pdbx_seq_one_letter_code
;SNA(MSE)GLEKDFKRYGDALKPDTSVPGKSKDIRTTKDFLNGYKNDHAKEIVDGFRSD(MSE)SIKQLVDLFVKGNWSA
EQKGALAWEIESRALKVTFQNKSEKYNRLFREIASAGVVDAKATEQLAPQL(MSE)LLNLSNDGFGGRADPLSKLVLVAK
QLENDGQVGVARQLLEK(MSE)YSAAAVLSNPTLYSDSEKANASKLLSSLAAIHAKNP(MSE)HDTS(MSE)KVWQEKLE
GKQALTVNGVVEKITDASANGKPVLLELDAPGHA(MSE)AAWAKGSGDDRVYGFYDPNAGIVEFSSAEKFGDYLTRFFGK
SDLN(MSE)AQSYKLGKNDAGEAIFNRVVV(MSE)DGNTLASYKPTFGDKTT(MSE)QGILDLPVFDATPIKKPTGGVAS
DLEAL
;
_entity_poly.pdbx_strand_id   A,B,C,D
#
loop_
_chem_comp.id
_chem_comp.type
_chem_comp.name
_chem_comp.formula
CL non-polymer 'CHLORIDE ION' 'Cl -1'
SO4 non-polymer 'SULFATE ION' 'O4 S -2'
#
# COMPACT_ATOMS: atom_id res chain seq x y z
N MSE A 4 -38.67 -1.43 -9.94
CA MSE A 4 -37.67 -0.64 -10.73
C MSE A 4 -37.13 0.50 -9.86
O MSE A 4 -35.96 0.86 -9.95
CB MSE A 4 -38.29 -0.10 -12.01
CG MSE A 4 -37.45 -0.33 -13.26
SE MSE A 4 -38.18 0.59 -14.85
CE MSE A 4 -39.22 -0.63 -15.99
N GLY A 5 -38.01 1.08 -9.02
CA GLY A 5 -37.62 2.18 -8.14
C GLY A 5 -36.87 1.69 -6.91
N LEU A 6 -35.91 0.79 -7.11
CA LEU A 6 -35.08 0.21 -6.01
C LEU A 6 -34.04 1.22 -5.54
N GLU A 7 -33.66 2.17 -6.40
CA GLU A 7 -32.64 3.20 -6.06
C GLU A 7 -33.22 4.15 -5.00
N LYS A 8 -34.44 4.64 -5.20
CA LYS A 8 -35.13 5.55 -4.23
C LYS A 8 -35.42 4.82 -2.91
N ASP A 9 -35.63 3.50 -2.98
CA ASP A 9 -35.91 2.67 -1.77
C ASP A 9 -34.62 2.46 -0.98
N PHE A 10 -33.46 2.45 -1.64
CA PHE A 10 -32.17 2.24 -0.93
C PHE A 10 -31.69 3.57 -0.31
N LYS A 11 -32.02 4.71 -0.93
CA LYS A 11 -31.60 6.03 -0.38
C LYS A 11 -32.36 6.30 0.93
N ARG A 12 -33.67 6.02 0.94
CA ARG A 12 -34.54 6.23 2.13
C ARG A 12 -34.06 5.32 3.28
N TYR A 13 -33.60 4.12 2.91
CA TYR A 13 -33.08 3.11 3.88
C TYR A 13 -31.75 3.59 4.47
N GLY A 14 -30.80 3.97 3.62
CA GLY A 14 -29.48 4.45 4.06
C GLY A 14 -29.58 5.66 4.98
N ASP A 15 -30.52 6.56 4.70
CA ASP A 15 -30.74 7.79 5.51
C ASP A 15 -31.31 7.42 6.87
N ALA A 16 -32.08 6.33 6.95
CA ALA A 16 -32.70 5.89 8.22
C ALA A 16 -31.67 5.31 9.18
N LEU A 17 -30.37 5.35 8.82
CA LEU A 17 -29.29 4.81 9.70
C LEU A 17 -28.27 5.91 10.03
N LYS A 18 -28.74 7.15 10.18
CA LYS A 18 -27.86 8.30 10.55
C LYS A 18 -28.68 9.28 11.40
N ASP A 29 -21.89 4.68 14.74
CA ASP A 29 -22.78 4.09 13.70
C ASP A 29 -23.42 2.82 14.27
N ILE A 30 -24.72 2.65 14.03
CA ILE A 30 -25.49 1.47 14.53
C ILE A 30 -25.15 0.23 13.67
N ARG A 31 -24.74 0.43 12.42
CA ARG A 31 -24.40 -0.67 11.48
C ARG A 31 -23.12 -1.41 11.91
N THR A 32 -22.42 -0.91 12.94
CA THR A 32 -21.16 -1.58 13.41
C THR A 32 -21.30 -2.08 14.85
N THR A 33 -22.45 -1.88 15.49
CA THR A 33 -22.67 -2.35 16.89
C THR A 33 -22.91 -3.87 16.87
N LYS A 34 -22.32 -4.59 17.84
CA LYS A 34 -22.48 -6.08 17.89
C LYS A 34 -23.95 -6.45 18.14
N ASP A 35 -24.76 -5.51 18.60
CA ASP A 35 -26.21 -5.78 18.84
C ASP A 35 -26.93 -5.85 17.49
N PHE A 36 -26.53 -4.98 16.55
CA PHE A 36 -27.11 -4.90 15.18
C PHE A 36 -26.65 -6.10 14.35
N LEU A 37 -25.34 -6.34 14.33
CA LEU A 37 -24.71 -7.43 13.54
C LEU A 37 -25.23 -8.82 13.99
N ASN A 38 -25.53 -9.02 15.27
CA ASN A 38 -26.05 -10.34 15.73
C ASN A 38 -27.43 -10.59 15.09
N GLY A 39 -28.22 -9.52 14.91
CA GLY A 39 -29.55 -9.65 14.29
C GLY A 39 -29.45 -9.72 12.78
N TYR A 40 -28.31 -9.30 12.22
CA TYR A 40 -28.06 -9.30 10.75
C TYR A 40 -27.78 -10.73 10.30
N LYS A 41 -28.84 -11.52 10.15
CA LYS A 41 -28.78 -12.96 9.74
C LYS A 41 -30.02 -13.29 8.91
N ASN A 42 -30.07 -14.52 8.37
CA ASN A 42 -31.25 -14.98 7.59
C ASN A 42 -32.23 -15.70 8.53
N ASP A 43 -33.49 -15.80 8.11
CA ASP A 43 -34.56 -16.48 8.90
C ASP A 43 -34.50 -16.03 10.37
N HIS A 44 -34.59 -14.71 10.61
CA HIS A 44 -34.51 -14.16 11.99
C HIS A 44 -35.51 -13.01 12.15
N ALA A 45 -35.83 -12.35 11.03
CA ALA A 45 -36.80 -11.23 11.03
C ALA A 45 -38.20 -11.76 11.27
N LYS A 46 -38.51 -12.97 10.77
CA LYS A 46 -39.88 -13.52 10.94
C LYS A 46 -40.11 -13.93 12.40
N GLU A 47 -39.11 -13.75 13.28
CA GLU A 47 -39.29 -14.15 14.70
C GLU A 47 -39.03 -13.00 15.68
N ILE A 48 -38.66 -11.79 15.21
CA ILE A 48 -38.45 -10.66 16.17
C ILE A 48 -39.04 -9.37 15.59
N VAL A 49 -39.47 -9.38 14.32
CA VAL A 49 -40.05 -8.16 13.68
C VAL A 49 -41.55 -8.36 13.48
N ASP A 50 -42.36 -7.77 14.36
CA ASP A 50 -43.84 -7.87 14.25
C ASP A 50 -44.28 -7.19 12.95
N GLY A 51 -45.12 -7.86 12.16
CA GLY A 51 -45.61 -7.31 10.88
C GLY A 51 -44.66 -7.57 9.73
N PHE A 52 -43.95 -8.72 9.76
CA PHE A 52 -43.00 -9.11 8.69
C PHE A 52 -43.52 -10.34 7.95
N ARG A 53 -43.39 -10.35 6.62
CA ARG A 53 -43.81 -11.49 5.76
C ARG A 53 -42.72 -11.72 4.71
N SER A 54 -42.23 -12.96 4.61
CA SER A 54 -41.15 -13.35 3.67
C SER A 54 -41.59 -13.25 2.21
N ASP A 55 -42.74 -12.61 1.93
CA ASP A 55 -43.25 -12.45 0.55
C ASP A 55 -43.31 -10.95 0.23
N MSE A 56 -42.80 -10.13 1.15
CA MSE A 56 -42.81 -8.69 0.99
C MSE A 56 -41.80 -8.27 -0.09
O MSE A 56 -40.83 -8.98 -0.35
CB MSE A 56 -42.43 -8.01 2.31
CG MSE A 56 -43.59 -7.83 3.26
SE MSE A 56 -42.94 -7.16 4.99
CE MSE A 56 -42.61 -5.25 4.85
N SER A 57 -42.07 -7.10 -0.69
CA SER A 57 -41.19 -6.55 -1.72
C SER A 57 -40.18 -5.63 -1.03
N ILE A 58 -39.07 -5.31 -1.73
CA ILE A 58 -38.02 -4.43 -1.14
C ILE A 58 -38.68 -3.12 -0.67
N LYS A 59 -39.60 -2.59 -1.48
CA LYS A 59 -40.29 -1.31 -1.12
C LYS A 59 -41.06 -1.49 0.19
N GLN A 60 -41.80 -2.60 0.32
CA GLN A 60 -42.58 -2.88 1.56
C GLN A 60 -41.65 -3.05 2.76
N LEU A 61 -40.50 -3.69 2.55
CA LEU A 61 -39.51 -3.93 3.66
C LEU A 61 -38.93 -2.59 4.13
N VAL A 62 -38.66 -1.66 3.22
CA VAL A 62 -38.09 -0.32 3.59
C VAL A 62 -39.17 0.47 4.35
N ASP A 63 -40.43 0.35 3.92
CA ASP A 63 -41.56 1.07 4.59
C ASP A 63 -41.67 0.59 6.03
N LEU A 64 -41.57 -0.73 6.23
CA LEU A 64 -41.64 -1.35 7.58
C LEU A 64 -40.44 -0.90 8.42
N PHE A 65 -39.30 -0.64 7.77
CA PHE A 65 -38.06 -0.23 8.48
C PHE A 65 -38.14 1.23 8.91
N VAL A 66 -38.57 2.12 8.00
CA VAL A 66 -38.65 3.59 8.31
C VAL A 66 -39.83 3.82 9.26
N LYS A 67 -41.05 3.43 8.87
CA LYS A 67 -42.25 3.60 9.73
C LYS A 67 -42.26 2.52 10.81
N GLY A 68 -41.57 2.77 11.94
CA GLY A 68 -41.52 1.79 13.04
C GLY A 68 -40.32 1.99 13.94
N ASN A 69 -40.52 1.88 15.25
CA ASN A 69 -39.44 2.00 16.27
C ASN A 69 -38.89 0.59 16.50
N TRP A 70 -37.62 0.35 16.14
CA TRP A 70 -37.01 -1.00 16.29
C TRP A 70 -35.77 -0.95 17.20
N SER A 71 -35.37 -2.11 17.72
CA SER A 71 -34.18 -2.25 18.60
C SER A 71 -32.94 -2.42 17.71
N ALA A 72 -31.77 -2.59 18.33
CA ALA A 72 -30.52 -2.79 17.55
C ALA A 72 -30.61 -4.08 16.74
N GLU A 73 -30.95 -5.20 17.40
CA GLU A 73 -31.05 -6.53 16.74
C GLU A 73 -32.18 -6.52 15.71
N GLN A 74 -33.27 -5.79 15.98
CA GLN A 74 -34.42 -5.73 15.06
C GLN A 74 -34.06 -4.98 13.77
N LYS A 75 -33.24 -3.91 13.88
CA LYS A 75 -32.82 -3.16 12.67
C LYS A 75 -31.90 -4.05 11.83
N GLY A 76 -31.09 -4.90 12.48
CA GLY A 76 -30.16 -5.81 11.80
C GLY A 76 -30.91 -6.88 11.00
N ALA A 77 -32.02 -7.38 11.55
CA ALA A 77 -32.82 -8.42 10.86
C ALA A 77 -33.38 -7.84 9.56
N LEU A 78 -34.05 -6.68 9.64
CA LEU A 78 -34.64 -6.04 8.43
C LEU A 78 -33.51 -5.61 7.49
N ALA A 79 -32.38 -5.15 8.05
CA ALA A 79 -31.23 -4.72 7.22
C ALA A 79 -30.81 -5.89 6.32
N TRP A 80 -30.72 -7.10 6.88
CA TRP A 80 -30.31 -8.28 6.08
C TRP A 80 -31.38 -8.59 5.03
N GLU A 81 -32.65 -8.62 5.42
CA GLU A 81 -33.78 -8.91 4.49
C GLU A 81 -33.77 -7.91 3.33
N ILE A 82 -33.38 -6.66 3.61
CA ILE A 82 -33.34 -5.58 2.58
C ILE A 82 -32.06 -5.69 1.76
N GLU A 83 -30.90 -5.70 2.42
CA GLU A 83 -29.58 -5.77 1.70
C GLU A 83 -29.44 -7.08 0.94
N SER A 84 -29.89 -8.22 1.51
CA SER A 84 -29.76 -9.52 0.81
C SER A 84 -30.50 -9.49 -0.53
N ARG A 85 -31.51 -8.61 -0.65
CA ARG A 85 -32.31 -8.50 -1.89
C ARG A 85 -31.81 -7.34 -2.78
N ALA A 86 -31.60 -6.15 -2.20
CA ALA A 86 -31.16 -4.95 -2.94
C ALA A 86 -29.70 -5.05 -3.40
N LEU A 87 -28.79 -5.50 -2.53
CA LEU A 87 -27.34 -5.59 -2.86
C LEU A 87 -26.96 -6.99 -3.34
N LYS A 88 -27.92 -7.77 -3.85
CA LYS A 88 -27.61 -9.16 -4.32
C LYS A 88 -26.82 -9.11 -5.63
N VAL A 89 -25.74 -9.91 -5.71
CA VAL A 89 -24.87 -10.01 -6.92
C VAL A 89 -24.72 -11.49 -7.23
N THR A 90 -25.28 -11.95 -8.36
CA THR A 90 -25.20 -13.39 -8.75
C THR A 90 -24.05 -13.60 -9.74
N PHE A 91 -23.39 -14.75 -9.63
CA PHE A 91 -22.26 -15.14 -10.52
C PHE A 91 -22.65 -16.38 -11.33
N GLN A 92 -21.95 -16.59 -12.45
CA GLN A 92 -22.25 -17.74 -13.34
C GLN A 92 -21.01 -18.03 -14.17
N ASN A 93 -20.87 -19.25 -14.69
CA ASN A 93 -19.70 -19.60 -15.54
C ASN A 93 -19.69 -18.67 -16.76
N LYS A 94 -18.51 -18.22 -17.21
CA LYS A 94 -18.47 -17.35 -18.42
C LYS A 94 -18.80 -18.21 -19.65
N SER A 95 -19.46 -17.62 -20.65
CA SER A 95 -19.80 -18.35 -21.90
C SER A 95 -18.50 -18.82 -22.56
N GLU A 96 -18.56 -19.98 -23.22
CA GLU A 96 -17.35 -20.59 -23.85
C GLU A 96 -16.84 -19.68 -25.00
N LYS A 97 -17.73 -18.92 -25.65
CA LYS A 97 -17.29 -18.07 -26.80
C LYS A 97 -16.29 -17.00 -26.35
N TYR A 98 -16.41 -16.50 -25.12
CA TYR A 98 -15.44 -15.47 -24.64
C TYR A 98 -14.08 -16.12 -24.41
N ASN A 99 -14.06 -17.32 -23.85
CA ASN A 99 -12.79 -18.06 -23.61
C ASN A 99 -12.18 -18.48 -24.95
N ARG A 100 -13.01 -18.89 -25.91
CA ARG A 100 -12.52 -19.32 -27.24
C ARG A 100 -11.86 -18.13 -27.95
N LEU A 101 -12.47 -16.94 -27.86
CA LEU A 101 -11.86 -15.76 -28.54
C LEU A 101 -10.51 -15.42 -27.87
N PHE A 102 -10.45 -15.48 -26.55
CA PHE A 102 -9.18 -15.14 -25.86
C PHE A 102 -8.07 -16.14 -26.21
N ARG A 103 -8.38 -17.44 -26.18
CA ARG A 103 -7.38 -18.49 -26.52
C ARG A 103 -6.90 -18.32 -27.97
N GLU A 104 -7.81 -18.00 -28.90
CA GLU A 104 -7.45 -17.82 -30.33
C GLU A 104 -6.46 -16.67 -30.50
N ILE A 105 -6.69 -15.54 -29.82
CA ILE A 105 -5.79 -14.34 -29.92
C ILE A 105 -4.46 -14.63 -29.22
N ALA A 106 -4.50 -15.12 -27.98
CA ALA A 106 -3.28 -15.38 -27.16
C ALA A 106 -2.37 -16.45 -27.80
N SER A 107 -2.94 -17.42 -28.51
CA SER A 107 -2.14 -18.52 -29.11
C SER A 107 -1.62 -18.18 -30.51
N ALA A 108 -1.98 -17.01 -31.06
CA ALA A 108 -1.54 -16.62 -32.41
C ALA A 108 -0.23 -15.82 -32.37
N GLY A 109 0.57 -15.95 -33.43
CA GLY A 109 1.87 -15.26 -33.61
C GLY A 109 2.79 -15.37 -32.40
N VAL A 110 3.54 -14.30 -32.15
CA VAL A 110 4.51 -14.25 -31.02
C VAL A 110 3.75 -14.38 -29.69
N VAL A 111 4.38 -15.04 -28.71
CA VAL A 111 3.83 -15.25 -27.35
C VAL A 111 3.64 -13.89 -26.68
N ASP A 112 2.50 -13.72 -25.99
CA ASP A 112 2.15 -12.47 -25.27
C ASP A 112 2.32 -12.73 -23.77
N ALA A 113 3.32 -12.09 -23.17
CA ALA A 113 3.63 -12.26 -21.73
C ALA A 113 2.37 -12.15 -20.86
N LYS A 114 1.68 -11.01 -20.91
CA LYS A 114 0.49 -10.81 -20.04
C LYS A 114 -0.64 -11.79 -20.40
N ALA A 115 -0.83 -12.10 -21.67
CA ALA A 115 -1.91 -13.03 -22.08
C ALA A 115 -1.59 -14.44 -21.56
N THR A 116 -0.30 -14.81 -21.53
CA THR A 116 0.12 -16.16 -21.08
C THR A 116 -0.23 -16.32 -19.59
N GLU A 117 -0.20 -15.24 -18.81
CA GLU A 117 -0.53 -15.31 -17.36
C GLU A 117 -1.97 -15.79 -17.17
N GLN A 118 -2.89 -15.34 -18.03
CA GLN A 118 -4.33 -15.69 -17.98
C GLN A 118 -4.59 -17.02 -18.68
N LEU A 119 -3.75 -17.37 -19.66
CA LEU A 119 -3.93 -18.62 -20.47
C LEU A 119 -3.36 -19.87 -19.78
N ALA A 120 -2.14 -19.80 -19.23
CA ALA A 120 -1.45 -20.93 -18.58
C ALA A 120 -2.36 -21.70 -17.61
N PRO A 121 -3.09 -21.03 -16.69
CA PRO A 121 -3.96 -21.74 -15.75
C PRO A 121 -5.12 -22.54 -16.35
N GLN A 122 -5.42 -22.31 -17.63
CA GLN A 122 -6.54 -23.00 -18.33
C GLN A 122 -6.02 -24.21 -19.12
N LEU A 123 -4.69 -24.37 -19.22
CA LEU A 123 -4.10 -25.47 -20.02
C LEU A 123 -3.64 -26.64 -19.15
N MSE A 124 -3.38 -27.77 -19.81
CA MSE A 124 -2.89 -29.00 -19.20
C MSE A 124 -1.68 -29.43 -20.01
O MSE A 124 -1.56 -29.05 -21.17
CB MSE A 124 -3.99 -30.05 -19.19
CG MSE A 124 -4.17 -30.78 -20.51
SE MSE A 124 -5.33 -32.36 -20.35
CE MSE A 124 -6.99 -31.86 -19.45
N LEU A 125 -0.78 -30.22 -19.41
CA LEU A 125 0.42 -30.68 -20.12
C LEU A 125 0.22 -32.07 -20.73
N LEU A 126 0.90 -32.32 -21.85
CA LEU A 126 0.86 -33.59 -22.62
C LEU A 126 2.28 -33.91 -23.12
N ASN A 127 2.54 -35.17 -23.46
CA ASN A 127 3.89 -35.60 -23.96
C ASN A 127 3.85 -37.07 -24.41
N LEU A 128 5.02 -37.59 -24.79
CA LEU A 128 5.20 -38.99 -25.28
C LEU A 128 5.27 -39.96 -24.09
N SER A 129 4.97 -41.24 -24.34
CA SER A 129 5.04 -42.30 -23.29
C SER A 129 6.52 -42.44 -22.87
N ASN A 130 7.42 -42.38 -23.85
CA ASN A 130 8.90 -42.45 -23.66
C ASN A 130 9.48 -41.10 -24.12
N ASP A 131 9.01 -40.01 -23.51
CA ASP A 131 9.45 -38.62 -23.86
C ASP A 131 10.89 -38.41 -23.37
N GLY A 132 11.42 -37.20 -23.59
CA GLY A 132 12.79 -36.85 -23.17
C GLY A 132 12.87 -36.52 -21.70
N PHE A 133 11.77 -36.74 -20.95
CA PHE A 133 11.75 -36.48 -19.49
C PHE A 133 10.69 -37.37 -18.83
N GLY A 134 10.37 -38.49 -19.47
CA GLY A 134 9.41 -39.48 -18.92
C GLY A 134 7.98 -38.99 -19.07
N GLY A 135 7.07 -39.88 -19.44
CA GLY A 135 5.64 -39.52 -19.59
C GLY A 135 4.93 -39.52 -18.26
N ARG A 136 5.68 -39.50 -17.14
CA ARG A 136 5.09 -39.52 -15.78
C ARG A 136 5.15 -38.16 -15.08
N ALA A 137 5.77 -37.14 -15.73
CA ALA A 137 5.89 -35.78 -15.17
C ALA A 137 6.83 -35.81 -13.97
N ASP A 138 7.82 -36.71 -14.04
CA ASP A 138 8.86 -36.92 -13.00
C ASP A 138 9.49 -35.57 -12.59
N PRO A 139 10.06 -34.79 -13.54
CA PRO A 139 10.68 -33.51 -13.19
C PRO A 139 9.70 -32.38 -12.79
N LEU A 140 8.46 -32.42 -13.29
CA LEU A 140 7.46 -31.35 -12.97
C LEU A 140 7.02 -31.45 -11.52
N SER A 141 6.57 -32.63 -11.08
CA SER A 141 6.12 -32.80 -9.67
C SER A 141 7.22 -32.30 -8.73
N LYS A 142 8.48 -32.57 -9.07
CA LYS A 142 9.63 -32.16 -8.22
C LYS A 142 9.83 -30.63 -8.28
N LEU A 143 9.86 -30.04 -9.49
CA LEU A 143 10.03 -28.56 -9.63
C LEU A 143 8.87 -27.84 -8.93
N VAL A 144 7.66 -28.40 -8.99
CA VAL A 144 6.49 -27.75 -8.33
C VAL A 144 6.74 -27.74 -6.82
N LEU A 145 7.32 -28.82 -6.29
CA LEU A 145 7.61 -28.91 -4.83
C LEU A 145 8.68 -27.89 -4.46
N VAL A 146 9.74 -27.74 -5.29
CA VAL A 146 10.80 -26.73 -4.99
C VAL A 146 10.17 -25.34 -5.02
N ALA A 147 9.30 -25.10 -6.01
CA ALA A 147 8.61 -23.80 -6.14
C ALA A 147 7.83 -23.50 -4.85
N LYS A 148 7.14 -24.49 -4.29
CA LYS A 148 6.35 -24.28 -3.05
C LYS A 148 7.31 -24.06 -1.86
N GLN A 149 8.49 -24.69 -1.90
CA GLN A 149 9.50 -24.48 -0.82
C GLN A 149 9.90 -23.00 -0.86
N LEU A 150 10.14 -22.47 -2.06
CA LEU A 150 10.54 -21.06 -2.27
C LEU A 150 9.39 -20.12 -1.91
N GLU A 151 8.16 -20.48 -2.29
CA GLU A 151 6.98 -19.62 -1.98
C GLU A 151 6.77 -19.55 -0.47
N ASN A 152 6.99 -20.65 0.24
CA ASN A 152 6.85 -20.65 1.73
C ASN A 152 7.85 -19.65 2.31
N ASP A 153 9.04 -19.58 1.68
CA ASP A 153 10.16 -18.70 2.11
C ASP A 153 9.97 -17.25 1.64
N GLY A 154 8.84 -16.91 1.02
CA GLY A 154 8.64 -15.49 0.62
C GLY A 154 8.47 -15.22 -0.86
N GLN A 155 9.09 -16.00 -1.76
CA GLN A 155 8.93 -15.72 -3.22
C GLN A 155 7.44 -15.83 -3.58
N VAL A 156 7.03 -15.25 -4.72
CA VAL A 156 5.59 -15.29 -5.11
C VAL A 156 5.44 -15.79 -6.55
N GLY A 157 4.39 -16.59 -6.78
CA GLY A 157 4.03 -17.16 -8.09
C GLY A 157 5.17 -17.90 -8.77
N VAL A 158 6.04 -18.56 -8.02
CA VAL A 158 7.17 -19.31 -8.64
C VAL A 158 6.63 -20.49 -9.45
N ALA A 159 5.58 -21.16 -8.97
CA ALA A 159 5.01 -22.33 -9.69
C ALA A 159 4.18 -21.88 -10.88
N ARG A 160 3.41 -20.78 -10.73
CA ARG A 160 2.58 -20.33 -11.88
C ARG A 160 3.52 -19.87 -13.01
N GLN A 161 4.66 -19.26 -12.70
CA GLN A 161 5.62 -18.77 -13.73
C GLN A 161 6.38 -19.95 -14.35
N LEU A 162 6.51 -21.07 -13.63
CA LEU A 162 7.17 -22.25 -14.24
C LEU A 162 6.33 -22.71 -15.44
N LEU A 163 5.00 -22.78 -15.26
CA LEU A 163 4.08 -23.20 -16.34
C LEU A 163 4.07 -22.15 -17.46
N GLU A 164 4.11 -20.86 -17.10
CA GLU A 164 4.12 -19.76 -18.11
C GLU A 164 5.39 -19.85 -18.95
N LYS A 165 6.53 -20.15 -18.32
CA LYS A 165 7.83 -20.25 -19.03
C LYS A 165 7.89 -21.50 -19.90
N MSE A 166 7.28 -22.59 -19.42
CA MSE A 166 7.28 -23.82 -20.18
C MSE A 166 6.42 -23.64 -21.43
O MSE A 166 6.76 -24.15 -22.49
CB MSE A 166 6.80 -24.98 -19.32
CG MSE A 166 7.89 -25.57 -18.46
SE MSE A 166 7.18 -27.00 -17.36
CE MSE A 166 6.01 -28.06 -18.54
N TYR A 167 5.31 -22.91 -21.28
CA TYR A 167 4.42 -22.63 -22.40
C TYR A 167 5.17 -21.74 -23.40
N SER A 168 5.93 -20.77 -22.89
CA SER A 168 6.71 -19.82 -23.73
C SER A 168 7.85 -20.56 -24.44
N ALA A 169 8.55 -21.45 -23.72
CA ALA A 169 9.68 -22.22 -24.30
C ALA A 169 9.16 -23.11 -25.43
N ALA A 170 8.06 -23.83 -25.17
CA ALA A 170 7.44 -24.73 -26.17
C ALA A 170 7.04 -23.93 -27.41
N ALA A 171 6.45 -22.74 -27.20
CA ALA A 171 6.02 -21.87 -28.31
C ALA A 171 7.25 -21.43 -29.13
N VAL A 172 8.35 -21.11 -28.44
CA VAL A 172 9.60 -20.67 -29.13
C VAL A 172 10.19 -21.85 -29.91
N LEU A 173 10.12 -23.04 -29.34
CA LEU A 173 10.67 -24.26 -29.99
C LEU A 173 9.81 -24.64 -31.22
N SER A 174 8.51 -24.30 -31.21
CA SER A 174 7.61 -24.63 -32.36
C SER A 174 7.71 -23.60 -33.48
N ASN A 175 8.00 -22.33 -33.15
CA ASN A 175 8.08 -21.23 -34.15
C ASN A 175 9.34 -20.42 -33.88
N PRO A 176 10.55 -21.01 -34.02
CA PRO A 176 11.79 -20.30 -33.74
C PRO A 176 12.04 -19.09 -34.65
N THR A 177 11.49 -19.10 -35.86
CA THR A 177 11.68 -17.98 -36.83
C THR A 177 11.05 -16.69 -36.31
N LEU A 178 10.24 -16.76 -35.25
CA LEU A 178 9.57 -15.56 -34.68
C LEU A 178 10.32 -15.07 -33.43
N TYR A 179 11.48 -15.65 -33.10
CA TYR A 179 12.20 -15.21 -31.87
C TYR A 179 13.71 -15.03 -32.15
N SER A 180 14.37 -14.28 -31.28
CA SER A 180 15.83 -14.00 -31.39
C SER A 180 16.64 -15.24 -31.00
N ASP A 181 17.94 -15.23 -31.34
CA ASP A 181 18.86 -16.35 -31.00
C ASP A 181 18.93 -16.52 -29.48
N SER A 182 18.92 -15.39 -28.75
CA SER A 182 18.98 -15.39 -27.27
C SER A 182 17.76 -16.13 -26.71
N GLU A 183 16.59 -15.89 -27.30
CA GLU A 183 15.31 -16.52 -26.86
C GLU A 183 15.31 -18.01 -27.21
N LYS A 184 15.81 -18.37 -28.40
CA LYS A 184 15.85 -19.81 -28.81
C LYS A 184 16.81 -20.57 -27.89
N ALA A 185 17.89 -19.90 -27.45
CA ALA A 185 18.88 -20.51 -26.54
C ALA A 185 18.27 -20.72 -25.14
N ASN A 186 17.48 -19.76 -24.68
CA ASN A 186 16.83 -19.84 -23.34
C ASN A 186 15.78 -20.95 -23.34
N ALA A 187 14.97 -21.03 -24.40
CA ALA A 187 13.92 -22.06 -24.51
C ALA A 187 14.54 -23.45 -24.49
N SER A 188 15.59 -23.67 -25.28
CA SER A 188 16.26 -25.00 -25.33
C SER A 188 16.89 -25.31 -23.97
N LYS A 189 17.46 -24.29 -23.31
CA LYS A 189 18.11 -24.49 -21.99
C LYS A 189 17.06 -24.94 -20.96
N LEU A 190 15.94 -24.22 -20.85
CA LEU A 190 14.88 -24.58 -19.87
C LEU A 190 14.34 -25.99 -20.13
N LEU A 191 13.92 -26.27 -21.37
CA LEU A 191 13.37 -27.62 -21.72
C LEU A 191 14.46 -28.70 -21.54
N SER A 192 15.72 -28.41 -21.92
CA SER A 192 16.80 -29.41 -21.75
C SER A 192 17.04 -29.65 -20.26
N SER A 193 16.73 -28.67 -19.42
CA SER A 193 16.90 -28.80 -17.94
C SER A 193 15.89 -29.81 -17.40
N LEU A 194 14.65 -29.79 -17.90
CA LEU A 194 13.62 -30.77 -17.45
C LEU A 194 14.10 -32.18 -17.81
N ALA A 195 14.71 -32.31 -18.99
CA ALA A 195 15.23 -33.62 -19.46
C ALA A 195 16.40 -34.06 -18.57
N ALA A 196 17.15 -33.10 -18.03
CA ALA A 196 18.32 -33.40 -17.15
C ALA A 196 17.82 -34.02 -15.83
N ILE A 197 16.78 -33.41 -15.25
CA ILE A 197 16.17 -33.87 -13.96
C ILE A 197 15.68 -35.32 -14.14
N HIS A 198 15.25 -35.68 -15.35
CA HIS A 198 14.77 -37.07 -15.60
C HIS A 198 15.96 -38.01 -15.81
N ALA A 199 16.96 -37.55 -16.56
CA ALA A 199 18.16 -38.37 -16.85
C ALA A 199 18.86 -38.71 -15.53
N LYS A 200 19.02 -37.71 -14.65
CA LYS A 200 19.67 -37.92 -13.33
C LYS A 200 18.62 -37.65 -12.23
N ASN A 201 17.77 -38.65 -11.96
CA ASN A 201 16.70 -38.55 -10.93
C ASN A 201 17.35 -38.27 -9.58
N PRO A 202 17.04 -37.13 -8.92
CA PRO A 202 17.63 -36.80 -7.61
C PRO A 202 17.33 -37.82 -6.50
N MSE A 203 16.35 -38.69 -6.73
CA MSE A 203 15.98 -39.71 -5.76
C MSE A 203 17.07 -40.76 -5.63
O MSE A 203 17.15 -41.43 -4.61
CB MSE A 203 14.66 -40.39 -6.16
CG MSE A 203 13.45 -39.49 -6.12
SE MSE A 203 13.03 -38.95 -4.27
CE MSE A 203 12.76 -40.55 -3.18
N HIS A 204 17.90 -40.90 -6.67
CA HIS A 204 18.96 -41.90 -6.65
C HIS A 204 20.31 -41.28 -6.23
N ASP A 205 20.37 -39.97 -6.03
CA ASP A 205 21.64 -39.30 -5.62
C ASP A 205 22.00 -39.78 -4.21
N THR A 206 23.30 -40.05 -3.98
CA THR A 206 23.78 -40.54 -2.66
C THR A 206 24.69 -39.50 -1.99
N SER A 207 24.95 -38.36 -2.66
CA SER A 207 25.80 -37.29 -2.06
C SER A 207 24.93 -36.42 -1.14
N MSE A 208 23.62 -36.42 -1.42
CA MSE A 208 22.66 -35.69 -0.61
C MSE A 208 21.32 -36.43 -0.69
O MSE A 208 21.00 -37.03 -1.71
CB MSE A 208 22.54 -34.25 -1.09
CG MSE A 208 21.96 -34.09 -2.48
SE MSE A 208 21.73 -32.18 -2.89
CE MSE A 208 23.37 -31.53 -3.74
N LYS A 209 20.57 -36.39 0.41
CA LYS A 209 19.28 -37.08 0.51
C LYS A 209 18.17 -36.03 0.35
N VAL A 210 17.51 -35.97 -0.81
CA VAL A 210 16.44 -34.97 -1.09
C VAL A 210 15.12 -35.41 -0.44
N TRP A 211 15.04 -36.64 0.08
CA TRP A 211 13.78 -37.15 0.70
C TRP A 211 13.96 -37.39 2.20
N GLN A 212 12.88 -37.27 2.96
CA GLN A 212 12.87 -37.50 4.43
C GLN A 212 12.35 -38.92 4.70
N GLU A 213 11.29 -39.32 4.01
CA GLU A 213 10.64 -40.65 4.14
C GLU A 213 10.08 -41.12 2.79
N LYS A 214 9.98 -42.45 2.61
CA LYS A 214 9.38 -43.07 1.40
C LYS A 214 8.31 -44.05 1.89
N LEU A 215 7.06 -43.58 1.99
CA LEU A 215 5.93 -44.41 2.48
C LEU A 215 5.41 -45.31 1.34
N GLU A 216 5.70 -46.62 1.43
CA GLU A 216 5.30 -47.62 0.41
C GLU A 216 5.05 -48.97 1.11
N GLY A 217 4.66 -49.99 0.34
CA GLY A 217 4.38 -51.32 0.91
C GLY A 217 3.30 -51.26 1.96
N LYS A 218 3.58 -51.82 3.15
CA LYS A 218 2.62 -51.86 4.28
C LYS A 218 2.47 -50.46 4.90
N GLN A 219 3.32 -49.51 4.50
CA GLN A 219 3.26 -48.12 5.06
C GLN A 219 2.64 -47.18 4.02
N ALA A 220 2.22 -47.72 2.87
CA ALA A 220 1.61 -46.93 1.77
C ALA A 220 0.44 -46.10 2.29
N LEU A 221 0.22 -44.92 1.72
CA LEU A 221 -0.89 -44.02 2.16
C LEU A 221 -2.07 -44.10 1.19
N THR A 222 -3.26 -43.86 1.72
CA THR A 222 -4.52 -43.81 0.93
C THR A 222 -4.73 -42.33 0.61
N VAL A 223 -5.80 -41.95 -0.08
CA VAL A 223 -6.01 -40.51 -0.36
C VAL A 223 -6.25 -39.79 0.98
N ASN A 224 -6.96 -40.45 1.92
CA ASN A 224 -7.23 -39.84 3.25
C ASN A 224 -5.90 -39.67 4.01
N GLY A 225 -4.99 -40.64 3.86
CA GLY A 225 -3.68 -40.57 4.53
C GLY A 225 -2.92 -39.35 4.06
N VAL A 226 -2.91 -39.11 2.74
CA VAL A 226 -2.22 -37.91 2.14
C VAL A 226 -2.88 -36.65 2.69
N VAL A 227 -4.22 -36.63 2.75
CA VAL A 227 -4.94 -35.42 3.26
C VAL A 227 -4.51 -35.12 4.70
N GLU A 228 -4.45 -36.15 5.55
CA GLU A 228 -4.06 -35.95 6.97
C GLU A 228 -2.62 -35.42 7.05
N LYS A 229 -1.72 -35.98 6.25
CA LYS A 229 -0.28 -35.56 6.23
C LYS A 229 -0.17 -34.10 5.77
N ILE A 230 -0.91 -33.71 4.75
CA ILE A 230 -0.88 -32.32 4.19
C ILE A 230 -1.53 -31.32 5.13
N THR A 231 -2.69 -31.67 5.71
CA THR A 231 -3.45 -30.74 6.59
C THR A 231 -3.01 -30.82 8.07
N ASP A 232 -2.13 -31.76 8.43
CA ASP A 232 -1.69 -31.93 9.84
C ASP A 232 -1.32 -30.56 10.44
N ALA A 233 -2.05 -30.14 11.47
CA ALA A 233 -1.84 -28.85 12.15
C ALA A 233 -0.48 -28.79 12.85
N SER A 234 0.21 -29.91 13.00
CA SER A 234 1.54 -29.95 13.68
C SER A 234 2.64 -29.40 12.77
N ALA A 235 2.32 -29.00 11.53
CA ALA A 235 3.34 -28.45 10.60
C ALA A 235 3.44 -26.92 10.71
N ASN A 236 2.76 -26.30 11.67
CA ASN A 236 2.81 -24.84 11.89
C ASN A 236 2.98 -24.09 10.56
N GLY A 237 3.99 -23.23 10.47
CA GLY A 237 4.28 -22.44 9.26
C GLY A 237 5.37 -23.08 8.42
N LYS A 238 5.54 -24.40 8.54
CA LYS A 238 6.58 -25.14 7.79
C LYS A 238 5.94 -25.76 6.56
N PRO A 239 6.71 -25.98 5.48
CA PRO A 239 6.17 -26.55 4.26
C PRO A 239 6.12 -28.08 4.28
N VAL A 240 5.03 -28.65 3.76
CA VAL A 240 4.86 -30.12 3.64
C VAL A 240 4.92 -30.37 2.13
N LEU A 241 5.96 -31.08 1.68
CA LEU A 241 6.16 -31.34 0.23
C LEU A 241 6.10 -32.84 -0.05
N LEU A 242 5.01 -33.30 -0.68
CA LEU A 242 4.84 -34.74 -0.97
C LEU A 242 4.76 -35.00 -2.47
N GLU A 243 5.45 -36.05 -2.93
CA GLU A 243 5.36 -36.49 -4.33
C GLU A 243 4.46 -37.73 -4.30
N LEU A 244 3.32 -37.69 -4.98
CA LEU A 244 2.39 -38.86 -5.00
C LEU A 244 2.68 -39.68 -6.27
N ASP A 245 3.24 -40.88 -6.10
CA ASP A 245 3.60 -41.74 -7.25
C ASP A 245 2.56 -42.84 -7.49
N ALA A 246 2.07 -42.91 -8.72
CA ALA A 246 1.13 -43.94 -9.22
C ALA A 246 1.85 -44.61 -10.37
N PRO A 247 1.47 -45.83 -10.80
CA PRO A 247 2.15 -46.49 -11.91
C PRO A 247 2.27 -45.56 -13.13
N GLY A 248 3.50 -45.20 -13.50
CA GLY A 248 3.79 -44.34 -14.67
C GLY A 248 3.11 -42.98 -14.63
N HIS A 249 2.86 -42.44 -13.43
CA HIS A 249 2.21 -41.10 -13.32
C HIS A 249 2.56 -40.49 -11.95
N ALA A 250 3.28 -39.35 -11.96
CA ALA A 250 3.67 -38.66 -10.71
C ALA A 250 2.85 -37.37 -10.51
N MSE A 251 2.46 -37.15 -9.27
CA MSE A 251 1.69 -35.98 -8.87
C MSE A 251 2.39 -35.34 -7.67
O MSE A 251 3.35 -35.90 -7.15
CB MSE A 251 0.25 -36.37 -8.51
CG MSE A 251 -0.59 -36.78 -9.68
SE MSE A 251 -1.89 -38.15 -9.14
CE MSE A 251 -0.91 -39.78 -8.64
N ALA A 252 1.88 -34.19 -7.23
CA ALA A 252 2.45 -33.51 -6.08
C ALA A 252 1.33 -32.95 -5.21
N ALA A 253 1.59 -32.87 -3.91
CA ALA A 253 0.65 -32.32 -2.92
C ALA A 253 1.49 -31.51 -1.94
N TRP A 254 0.94 -30.44 -1.37
CA TRP A 254 1.78 -29.63 -0.46
C TRP A 254 0.93 -28.74 0.45
N ALA A 255 1.62 -28.14 1.41
CA ALA A 255 1.07 -27.17 2.39
C ALA A 255 2.17 -26.11 2.56
N LYS A 256 1.79 -24.83 2.53
CA LYS A 256 2.81 -23.75 2.68
C LYS A 256 2.14 -22.51 3.27
N GLY A 257 2.93 -21.64 3.91
CA GLY A 257 2.40 -20.40 4.52
C GLY A 257 2.03 -20.64 5.96
N SER A 258 1.55 -19.59 6.62
CA SER A 258 1.14 -19.69 8.05
C SER A 258 -0.13 -18.88 8.29
N GLY A 259 -0.90 -19.26 9.30
CA GLY A 259 -2.15 -18.54 9.65
C GLY A 259 -3.13 -18.55 8.50
N ASP A 260 -3.72 -17.39 8.21
CA ASP A 260 -4.72 -17.23 7.11
C ASP A 260 -4.04 -17.49 5.76
N ASP A 261 -2.72 -17.27 5.68
CA ASP A 261 -1.98 -17.44 4.40
C ASP A 261 -1.64 -18.91 4.16
N ARG A 262 -1.86 -19.80 5.13
CA ARG A 262 -1.52 -21.23 4.87
C ARG A 262 -2.44 -21.76 3.77
N VAL A 263 -1.85 -22.45 2.78
CA VAL A 263 -2.57 -22.99 1.60
C VAL A 263 -2.24 -24.48 1.44
N TYR A 264 -3.22 -25.27 1.02
CA TYR A 264 -3.07 -26.74 0.77
C TYR A 264 -3.27 -26.92 -0.73
N GLY A 265 -2.32 -27.54 -1.43
CA GLY A 265 -2.47 -27.66 -2.89
C GLY A 265 -2.19 -29.05 -3.44
N PHE A 266 -2.53 -29.23 -4.73
CA PHE A 266 -2.35 -30.50 -5.46
C PHE A 266 -1.98 -30.19 -6.91
N TYR A 267 -1.03 -30.95 -7.46
CA TYR A 267 -0.63 -30.78 -8.87
C TYR A 267 -0.73 -32.11 -9.63
N ASP A 268 -1.33 -32.04 -10.80
CA ASP A 268 -1.49 -33.20 -11.72
C ASP A 268 -1.42 -32.64 -13.13
N PRO A 269 -0.60 -33.20 -14.04
CA PRO A 269 -0.51 -32.68 -15.40
C PRO A 269 -1.89 -32.47 -16.06
N ASN A 270 -2.90 -33.23 -15.61
CA ASN A 270 -4.28 -33.14 -16.18
C ASN A 270 -5.06 -32.00 -15.51
N ALA A 271 -5.12 -31.98 -14.19
CA ALA A 271 -5.89 -30.94 -13.45
C ALA A 271 -5.08 -29.65 -13.31
N GLY A 272 -3.76 -29.70 -13.47
CA GLY A 272 -2.94 -28.49 -13.26
C GLY A 272 -2.76 -28.24 -11.77
N ILE A 273 -2.49 -26.98 -11.39
CA ILE A 273 -2.26 -26.63 -9.94
C ILE A 273 -3.59 -26.17 -9.31
N VAL A 274 -3.96 -26.76 -8.17
CA VAL A 274 -5.21 -26.39 -7.44
C VAL A 274 -4.83 -26.15 -5.98
N GLU A 275 -5.20 -25.00 -5.42
CA GLU A 275 -4.88 -24.65 -4.01
C GLU A 275 -6.12 -24.17 -3.27
N PHE A 276 -6.14 -24.41 -1.95
CA PHE A 276 -7.26 -24.02 -1.05
C PHE A 276 -6.73 -23.48 0.28
N SER A 277 -7.45 -22.51 0.85
CA SER A 277 -7.09 -21.96 2.18
C SER A 277 -7.68 -22.91 3.23
N SER A 278 -8.77 -23.59 2.84
CA SER A 278 -9.53 -24.53 3.70
C SER A 278 -9.00 -25.96 3.60
N ALA A 279 -8.62 -26.53 4.74
CA ALA A 279 -8.14 -27.93 4.81
C ALA A 279 -9.32 -28.85 4.44
N GLU A 280 -10.53 -28.48 4.87
CA GLU A 280 -11.76 -29.28 4.59
C GLU A 280 -12.01 -29.32 3.07
N LYS A 281 -11.94 -28.18 2.38
CA LYS A 281 -12.16 -28.17 0.91
C LYS A 281 -11.04 -28.96 0.22
N PHE A 282 -9.81 -28.85 0.71
CA PHE A 282 -8.70 -29.62 0.09
C PHE A 282 -9.01 -31.10 0.19
N GLY A 283 -9.44 -31.55 1.38
CA GLY A 283 -9.80 -32.96 1.62
C GLY A 283 -10.96 -33.39 0.75
N ASP A 284 -11.97 -32.53 0.61
CA ASP A 284 -13.18 -32.85 -0.21
C ASP A 284 -12.74 -32.97 -1.68
N TYR A 285 -11.84 -32.09 -2.13
CA TYR A 285 -11.37 -32.10 -3.53
C TYR A 285 -10.59 -33.38 -3.84
N LEU A 286 -9.61 -33.70 -3.00
CA LEU A 286 -8.74 -34.87 -3.26
C LEU A 286 -9.56 -36.18 -3.15
N THR A 287 -10.48 -36.26 -2.17
CA THR A 287 -11.33 -37.47 -1.97
C THR A 287 -12.20 -37.70 -3.21
N ARG A 288 -12.80 -36.63 -3.74
CA ARG A 288 -13.70 -36.71 -4.92
C ARG A 288 -12.88 -36.86 -6.19
N PHE A 289 -11.63 -36.37 -6.18
CA PHE A 289 -10.77 -36.48 -7.39
C PHE A 289 -10.45 -37.96 -7.67
N PHE A 290 -10.02 -38.68 -6.62
CA PHE A 290 -9.65 -40.12 -6.76
C PHE A 290 -10.84 -41.07 -6.51
N GLY A 291 -11.86 -40.63 -5.75
CA GLY A 291 -13.01 -41.50 -5.39
C GLY A 291 -13.94 -41.88 -6.54
N LYS A 292 -14.62 -43.03 -6.42
CA LYS A 292 -15.58 -43.50 -7.44
C LYS A 292 -16.82 -42.60 -7.50
N SER A 293 -17.08 -41.85 -6.43
CA SER A 293 -18.27 -40.96 -6.39
C SER A 293 -18.18 -39.85 -7.43
N ASP A 294 -16.97 -39.44 -7.84
CA ASP A 294 -16.88 -38.32 -8.83
C ASP A 294 -15.96 -38.68 -10.00
N LEU A 295 -14.73 -38.16 -10.02
CA LEU A 295 -13.80 -38.39 -11.17
C LEU A 295 -13.23 -39.81 -11.18
N ASN A 296 -13.07 -40.46 -10.03
CA ASN A 296 -12.57 -41.87 -10.01
C ASN A 296 -11.20 -41.96 -10.67
N MSE A 297 -10.31 -41.01 -10.34
CA MSE A 297 -8.97 -41.00 -10.93
C MSE A 297 -8.09 -42.09 -10.32
O MSE A 297 -7.11 -42.49 -10.93
CB MSE A 297 -8.34 -39.61 -10.77
CG MSE A 297 -9.07 -38.53 -11.57
SE MSE A 297 -9.05 -38.93 -13.48
CE MSE A 297 -10.68 -39.89 -13.98
N ALA A 298 -8.45 -42.57 -9.12
CA ALA A 298 -7.68 -43.62 -8.48
C ALA A 298 -7.66 -44.85 -9.38
N GLN A 299 -8.80 -45.15 -10.02
CA GLN A 299 -8.89 -46.34 -10.90
C GLN A 299 -8.32 -45.97 -12.28
N SER A 300 -8.40 -44.69 -12.67
CA SER A 300 -7.85 -44.27 -13.99
C SER A 300 -6.32 -44.35 -13.95
N TYR A 301 -5.71 -43.97 -12.81
CA TYR A 301 -4.23 -44.02 -12.69
C TYR A 301 -3.80 -45.42 -12.21
N LYS A 302 -4.76 -46.33 -12.16
CA LYS A 302 -4.53 -47.77 -11.80
C LYS A 302 -3.85 -47.91 -10.43
N LEU A 303 -4.39 -47.27 -9.39
CA LEU A 303 -3.80 -47.39 -8.03
C LEU A 303 -4.15 -48.77 -7.46
N GLY A 304 -3.23 -49.36 -6.70
CA GLY A 304 -3.47 -50.66 -6.05
C GLY A 304 -4.34 -50.45 -4.82
N LYS A 305 -4.62 -51.52 -4.07
CA LYS A 305 -5.46 -51.37 -2.85
C LYS A 305 -4.77 -52.00 -1.65
N ASN A 306 -5.09 -51.53 -0.45
CA ASN A 306 -4.52 -52.09 0.80
C ASN A 306 -5.41 -53.27 1.23
N ASP A 307 -5.09 -53.96 2.32
CA ASP A 307 -5.89 -55.12 2.78
C ASP A 307 -7.36 -54.72 2.98
N ALA A 308 -7.64 -53.44 3.24
CA ALA A 308 -9.03 -52.97 3.47
C ALA A 308 -9.74 -52.69 2.14
N GLY A 309 -9.01 -52.78 1.02
CA GLY A 309 -9.60 -52.51 -0.31
C GLY A 309 -9.60 -51.02 -0.63
N GLU A 310 -8.86 -50.23 0.14
CA GLU A 310 -8.78 -48.76 -0.06
C GLU A 310 -7.65 -48.46 -1.06
N ALA A 311 -7.89 -47.56 -2.03
CA ALA A 311 -6.87 -47.21 -3.03
C ALA A 311 -5.66 -46.59 -2.32
N ILE A 312 -4.45 -47.03 -2.70
CA ILE A 312 -3.18 -46.52 -2.10
C ILE A 312 -2.19 -46.13 -3.21
N PHE A 313 -1.33 -45.15 -2.92
CA PHE A 313 -0.31 -44.72 -3.90
C PHE A 313 0.86 -45.72 -3.83
N ASN A 314 1.43 -46.07 -4.99
CA ASN A 314 2.57 -47.03 -5.00
C ASN A 314 3.66 -46.49 -4.07
N ARG A 315 3.74 -45.17 -3.96
CA ARG A 315 4.77 -44.54 -3.09
C ARG A 315 4.43 -43.07 -2.87
N VAL A 316 4.68 -42.59 -1.65
CA VAL A 316 4.48 -41.16 -1.28
C VAL A 316 5.84 -40.73 -0.70
N VAL A 317 6.48 -39.75 -1.34
CA VAL A 317 7.82 -39.29 -0.88
C VAL A 317 7.67 -37.98 -0.11
N VAL A 318 8.05 -37.98 1.17
CA VAL A 318 8.05 -36.74 1.99
C VAL A 318 9.38 -36.08 1.65
N MSE A 319 9.33 -35.03 0.83
CA MSE A 319 10.53 -34.35 0.37
C MSE A 319 11.07 -33.36 1.39
O MSE A 319 10.37 -32.96 2.33
CB MSE A 319 10.21 -33.58 -0.92
CG MSE A 319 11.34 -33.48 -1.90
SE MSE A 319 11.73 -35.22 -2.73
CE MSE A 319 10.29 -35.73 -3.96
N ASP A 320 12.34 -33.01 1.18
CA ASP A 320 13.06 -32.03 1.97
C ASP A 320 13.30 -30.85 1.02
N GLY A 321 12.40 -29.86 1.03
CA GLY A 321 12.47 -28.70 0.14
C GLY A 321 13.85 -28.08 0.04
N ASN A 322 14.52 -27.84 1.17
CA ASN A 322 15.87 -27.21 1.17
C ASN A 322 16.88 -28.05 0.38
N THR A 323 16.98 -29.36 0.66
CA THR A 323 17.96 -30.24 -0.05
C THR A 323 17.61 -30.34 -1.54
N LEU A 324 16.34 -30.56 -1.87
CA LEU A 324 15.91 -30.69 -3.29
C LEU A 324 16.17 -29.38 -4.04
N ALA A 325 15.90 -28.23 -3.41
CA ALA A 325 16.10 -26.92 -4.05
C ALA A 325 17.58 -26.71 -4.43
N SER A 326 18.50 -27.26 -3.64
CA SER A 326 19.97 -27.09 -3.88
C SER A 326 20.54 -28.23 -4.75
N TYR A 327 19.70 -29.14 -5.23
CA TYR A 327 20.19 -30.26 -6.09
C TYR A 327 20.56 -29.76 -7.49
N LYS A 328 21.66 -30.30 -8.05
CA LYS A 328 22.15 -29.94 -9.40
C LYS A 328 21.91 -31.12 -10.34
N PRO A 329 20.93 -31.02 -11.28
CA PRO A 329 20.63 -32.12 -12.21
C PRO A 329 21.73 -32.45 -13.23
N THR A 330 22.36 -31.42 -13.81
CA THR A 330 23.45 -31.60 -14.81
C THR A 330 24.80 -31.53 -14.09
N PHE A 331 25.57 -32.63 -14.10
CA PHE A 331 26.91 -32.65 -13.43
C PHE A 331 27.84 -31.66 -14.13
N GLY A 332 28.77 -31.06 -13.40
CA GLY A 332 29.71 -30.07 -13.97
C GLY A 332 29.09 -28.68 -13.98
N ASP A 333 27.79 -28.61 -14.32
CA ASP A 333 27.02 -27.33 -14.35
C ASP A 333 26.61 -27.01 -12.90
N LYS A 334 26.60 -25.73 -12.52
CA LYS A 334 26.25 -25.32 -11.13
C LYS A 334 24.78 -24.89 -11.04
N THR A 335 23.98 -25.11 -12.10
CA THR A 335 22.54 -24.72 -12.08
C THR A 335 21.79 -25.68 -11.13
N THR A 336 21.11 -25.13 -10.13
CA THR A 336 20.35 -25.95 -9.14
C THR A 336 18.87 -25.96 -9.53
N MSE A 337 18.07 -26.76 -8.82
CA MSE A 337 16.63 -26.86 -9.08
C MSE A 337 16.01 -25.48 -8.93
O MSE A 337 15.17 -25.08 -9.73
CB MSE A 337 15.98 -27.85 -8.12
CG MSE A 337 16.46 -29.28 -8.28
SE MSE A 337 15.66 -30.09 -9.85
CE MSE A 337 13.87 -30.68 -9.31
N GLN A 338 16.43 -24.75 -7.88
CA GLN A 338 15.93 -23.41 -7.65
C GLN A 338 16.39 -22.53 -8.82
N GLY A 339 17.59 -22.80 -9.34
CA GLY A 339 18.13 -22.04 -10.48
C GLY A 339 17.29 -22.23 -11.72
N ILE A 340 16.81 -23.47 -11.95
CA ILE A 340 15.96 -23.80 -13.14
C ILE A 340 14.65 -23.01 -13.06
N LEU A 341 14.09 -22.83 -11.87
CA LEU A 341 12.81 -22.08 -11.72
C LEU A 341 13.04 -20.59 -12.06
N ASP A 342 14.29 -20.12 -12.02
CA ASP A 342 14.61 -18.69 -12.33
C ASP A 342 15.14 -18.55 -13.76
N LEU A 343 15.35 -19.66 -14.48
CA LEU A 343 15.84 -19.55 -15.89
C LEU A 343 14.90 -18.67 -16.69
N PRO A 344 15.43 -17.71 -17.49
CA PRO A 344 14.60 -16.84 -18.30
C PRO A 344 14.26 -17.44 -19.67
N VAL A 345 13.30 -16.82 -20.36
CA VAL A 345 12.90 -17.26 -21.72
C VAL A 345 12.97 -16.04 -22.63
N PHE A 346 12.57 -14.87 -22.11
CA PHE A 346 12.59 -13.63 -22.93
C PHE A 346 13.57 -12.57 -22.37
N ASP A 347 14.11 -11.78 -23.29
CA ASP A 347 15.08 -10.69 -23.02
C ASP A 347 15.26 -9.89 -24.32
N GLY B 5 13.40 -45.72 -26.13
CA GLY B 5 14.81 -45.42 -25.75
C GLY B 5 15.22 -44.02 -26.16
N LEU B 6 14.36 -43.03 -25.91
CA LEU B 6 14.63 -41.60 -26.24
C LEU B 6 15.62 -41.00 -25.25
N GLU B 7 15.71 -41.57 -24.04
CA GLU B 7 16.63 -41.06 -22.99
C GLU B 7 18.08 -41.31 -23.40
N LYS B 8 18.39 -42.53 -23.87
CA LYS B 8 19.75 -42.92 -24.33
C LYS B 8 20.14 -42.13 -25.60
N ASP B 9 19.13 -41.78 -26.41
CA ASP B 9 19.35 -41.03 -27.67
C ASP B 9 19.65 -39.55 -27.35
N PHE B 10 19.11 -39.04 -26.24
CA PHE B 10 19.33 -37.62 -25.86
C PHE B 10 20.69 -37.48 -25.15
N LYS B 11 21.14 -38.51 -24.42
CA LYS B 11 22.45 -38.44 -23.72
C LYS B 11 23.59 -38.44 -24.75
N ARG B 12 23.49 -39.29 -25.78
CA ARG B 12 24.54 -39.37 -26.84
C ARG B 12 24.59 -38.04 -27.60
N TYR B 13 23.43 -37.40 -27.77
CA TYR B 13 23.28 -36.10 -28.47
C TYR B 13 23.93 -34.98 -27.62
N GLY B 14 23.56 -34.90 -26.34
CA GLY B 14 24.09 -33.87 -25.42
C GLY B 14 25.60 -33.94 -25.30
N ASP B 15 26.15 -35.16 -25.28
CA ASP B 15 27.62 -35.39 -25.17
C ASP B 15 28.33 -34.94 -26.45
N ALA B 16 27.64 -35.01 -27.60
CA ALA B 16 28.21 -34.61 -28.91
C ALA B 16 28.40 -33.08 -28.99
N LEU B 17 28.07 -32.34 -27.93
CA LEU B 17 28.25 -30.86 -27.91
C LEU B 17 29.11 -30.47 -26.71
N ILE B 30 29.33 -24.26 -28.46
CA ILE B 30 28.85 -24.17 -29.87
C ILE B 30 27.34 -23.88 -29.87
N ARG B 31 26.61 -24.28 -28.82
CA ARG B 31 25.14 -24.06 -28.73
C ARG B 31 24.82 -22.58 -28.51
N THR B 32 25.84 -21.73 -28.31
CA THR B 32 25.60 -20.27 -28.08
C THR B 32 26.22 -19.42 -29.19
N THR B 33 26.85 -20.05 -30.20
CA THR B 33 27.46 -19.28 -31.33
C THR B 33 26.35 -18.82 -32.28
N LYS B 34 26.45 -17.60 -32.80
CA LYS B 34 25.43 -17.04 -33.73
C LYS B 34 25.37 -17.87 -35.02
N ASP B 35 26.41 -18.64 -35.31
CA ASP B 35 26.45 -19.49 -36.54
C ASP B 35 25.52 -20.69 -36.33
N PHE B 36 25.51 -21.25 -35.11
CA PHE B 36 24.67 -22.42 -34.74
C PHE B 36 23.20 -22.01 -34.62
N LEU B 37 22.94 -20.92 -33.87
CA LEU B 37 21.57 -20.42 -33.60
C LEU B 37 20.88 -19.99 -34.90
N ASN B 38 21.61 -19.45 -35.89
CA ASN B 38 20.95 -19.05 -37.16
C ASN B 38 20.41 -20.30 -37.88
N GLY B 39 21.13 -21.42 -37.76
CA GLY B 39 20.69 -22.69 -38.38
C GLY B 39 19.61 -23.36 -37.56
N TYR B 40 19.49 -22.98 -36.27
CA TYR B 40 18.50 -23.58 -35.34
C TYR B 40 17.12 -22.99 -35.65
N LYS B 41 16.48 -23.52 -36.70
CA LYS B 41 15.12 -23.10 -37.16
C LYS B 41 14.41 -24.31 -37.79
N ASN B 42 13.16 -24.13 -38.21
CA ASN B 42 12.36 -25.21 -38.84
C ASN B 42 12.52 -25.13 -40.37
N ASP B 43 12.23 -26.23 -41.07
CA ASP B 43 12.33 -26.31 -42.56
C ASP B 43 13.65 -25.70 -43.04
N HIS B 44 14.78 -26.21 -42.52
CA HIS B 44 16.11 -25.68 -42.88
C HIS B 44 17.11 -26.84 -43.02
N ALA B 45 16.85 -27.93 -42.29
CA ALA B 45 17.72 -29.13 -42.35
C ALA B 45 17.54 -29.82 -43.71
N LYS B 46 16.32 -29.78 -44.25
CA LYS B 46 16.04 -30.44 -45.56
C LYS B 46 16.71 -29.66 -46.69
N GLU B 47 17.44 -28.58 -46.39
CA GLU B 47 18.10 -27.80 -47.47
C GLU B 47 19.61 -27.62 -47.23
N ILE B 48 20.18 -28.10 -46.11
CA ILE B 48 21.65 -27.93 -45.89
C ILE B 48 22.25 -29.22 -45.30
N VAL B 49 21.40 -30.19 -44.92
CA VAL B 49 21.90 -31.46 -44.32
C VAL B 49 21.70 -32.60 -45.32
N ASP B 50 22.78 -33.01 -46.00
CA ASP B 50 22.73 -34.12 -46.98
C ASP B 50 22.35 -35.40 -46.22
N GLY B 51 21.38 -36.15 -46.73
CA GLY B 51 20.94 -37.42 -46.09
C GLY B 51 19.91 -37.18 -45.00
N PHE B 52 19.06 -36.17 -45.15
CA PHE B 52 18.00 -35.84 -44.16
C PHE B 52 16.61 -36.08 -44.77
N ARG B 53 15.71 -36.68 -43.99
CA ARG B 53 14.30 -36.94 -44.41
C ARG B 53 13.38 -36.60 -43.23
N SER B 54 12.37 -35.76 -43.47
CA SER B 54 11.42 -35.29 -42.42
C SER B 54 10.53 -36.43 -41.92
N ASP B 55 10.86 -37.70 -42.21
CA ASP B 55 10.07 -38.86 -41.71
C ASP B 55 10.98 -39.70 -40.82
N MSE B 56 12.17 -39.19 -40.54
CA MSE B 56 13.14 -39.87 -39.70
C MSE B 56 12.69 -39.88 -38.24
O MSE B 56 11.93 -39.01 -37.82
CB MSE B 56 14.51 -39.18 -39.78
CG MSE B 56 15.36 -39.61 -40.95
SE MSE B 56 16.97 -38.49 -41.11
CE MSE B 56 18.26 -39.16 -39.80
N SER B 57 13.16 -40.86 -37.48
CA SER B 57 12.85 -40.99 -36.08
C SER B 57 13.94 -40.27 -35.27
N ILE B 58 13.66 -39.95 -34.01
CA ILE B 58 14.66 -39.23 -33.15
C ILE B 58 15.97 -40.03 -33.15
N LYS B 59 15.87 -41.36 -33.06
CA LYS B 59 17.09 -42.22 -33.04
C LYS B 59 17.87 -42.04 -34.34
N GLN B 60 17.18 -42.05 -35.48
CA GLN B 60 17.84 -41.87 -36.81
C GLN B 60 18.46 -40.47 -36.90
N LEU B 61 17.79 -39.45 -36.36
CA LEU B 61 18.30 -38.05 -36.41
C LEU B 61 19.59 -37.92 -35.59
N VAL B 62 19.65 -38.59 -34.43
CA VAL B 62 20.86 -38.52 -33.55
C VAL B 62 22.00 -39.26 -34.25
N ASP B 63 21.70 -40.38 -34.92
CA ASP B 63 22.74 -41.17 -35.65
C ASP B 63 23.34 -40.30 -36.75
N LEU B 64 22.49 -39.57 -37.48
CA LEU B 64 22.93 -38.66 -38.58
C LEU B 64 23.78 -37.52 -37.99
N PHE B 65 23.47 -37.12 -36.75
CA PHE B 65 24.19 -36.00 -36.08
C PHE B 65 25.58 -36.46 -35.61
N VAL B 66 25.66 -37.63 -34.95
CA VAL B 66 26.96 -38.15 -34.43
C VAL B 66 27.81 -38.63 -35.61
N LYS B 67 27.31 -39.57 -36.42
CA LYS B 67 28.05 -40.11 -37.59
C LYS B 67 27.97 -39.09 -38.74
N GLY B 68 28.88 -38.11 -38.77
CA GLY B 68 28.90 -37.09 -39.83
C GLY B 68 29.58 -35.80 -39.40
N ASN B 69 30.39 -35.22 -40.29
CA ASN B 69 31.11 -33.94 -40.03
C ASN B 69 30.19 -32.81 -40.49
N TRP B 70 29.74 -31.95 -39.56
CA TRP B 70 28.80 -30.85 -39.92
C TRP B 70 29.39 -29.48 -39.54
N SER B 71 28.86 -28.42 -40.16
CA SER B 71 29.30 -27.03 -39.88
C SER B 71 28.50 -26.49 -38.68
N ALA B 72 28.73 -25.22 -38.31
CA ALA B 72 28.01 -24.61 -37.17
C ALA B 72 26.51 -24.55 -37.47
N GLU B 73 26.14 -23.99 -38.63
CA GLU B 73 24.72 -23.84 -39.05
C GLU B 73 24.08 -25.22 -39.27
N GLN B 74 24.86 -26.19 -39.76
CA GLN B 74 24.34 -27.56 -40.01
C GLN B 74 24.02 -28.27 -38.69
N LYS B 75 24.83 -28.06 -37.64
CA LYS B 75 24.56 -28.69 -36.33
C LYS B 75 23.29 -28.07 -35.73
N GLY B 76 23.07 -26.77 -35.98
CA GLY B 76 21.89 -26.06 -35.48
C GLY B 76 20.62 -26.58 -36.11
N ALA B 77 20.66 -26.90 -37.41
CA ALA B 77 19.48 -27.42 -38.13
C ALA B 77 19.05 -28.76 -37.52
N LEU B 78 19.99 -29.71 -37.40
CA LEU B 78 19.68 -31.04 -36.81
C LEU B 78 19.31 -30.87 -35.34
N ALA B 79 19.97 -29.95 -34.64
CA ALA B 79 19.68 -29.70 -33.20
C ALA B 79 18.19 -29.36 -33.06
N TRP B 80 17.67 -28.49 -33.93
CA TRP B 80 16.23 -28.10 -33.86
C TRP B 80 15.35 -29.31 -34.18
N GLU B 81 15.66 -30.04 -35.26
CA GLU B 81 14.87 -31.24 -35.68
C GLU B 81 14.83 -32.25 -34.53
N ILE B 82 15.93 -32.36 -33.77
CA ILE B 82 16.03 -33.32 -32.63
C ILE B 82 15.33 -32.75 -31.39
N GLU B 83 15.69 -31.53 -30.97
CA GLU B 83 15.10 -30.90 -29.76
C GLU B 83 13.60 -30.63 -29.96
N SER B 84 13.18 -30.21 -31.16
CA SER B 84 11.74 -29.92 -31.39
C SER B 84 10.90 -31.18 -31.16
N ARG B 85 11.52 -32.36 -31.31
CA ARG B 85 10.82 -33.66 -31.13
C ARG B 85 11.05 -34.23 -29.72
N ALA B 86 12.31 -34.26 -29.25
CA ALA B 86 12.67 -34.83 -27.93
C ALA B 86 12.20 -33.92 -26.76
N LEU B 87 12.40 -32.61 -26.86
CA LEU B 87 12.03 -31.66 -25.77
C LEU B 87 10.65 -31.05 -26.01
N LYS B 88 9.80 -31.71 -26.80
CA LYS B 88 8.45 -31.17 -27.10
C LYS B 88 7.54 -31.25 -25.88
N VAL B 89 6.84 -30.15 -25.60
CA VAL B 89 5.86 -30.06 -24.48
C VAL B 89 4.57 -29.49 -25.09
N THR B 90 3.52 -30.32 -25.17
CA THR B 90 2.24 -29.88 -25.77
C THR B 90 1.25 -29.43 -24.69
N PHE B 91 0.51 -28.38 -25.00
CA PHE B 91 -0.53 -27.83 -24.08
C PHE B 91 -1.89 -27.96 -24.79
N GLN B 92 -2.94 -28.06 -23.98
CA GLN B 92 -4.31 -28.21 -24.51
C GLN B 92 -5.26 -27.72 -23.42
N ASN B 93 -6.47 -27.30 -23.79
CA ASN B 93 -7.47 -26.83 -22.80
C ASN B 93 -7.72 -27.94 -21.78
N LYS B 94 -7.88 -27.59 -20.51
CA LYS B 94 -8.15 -28.62 -19.46
C LYS B 94 -9.53 -29.21 -19.68
N SER B 95 -9.69 -30.51 -19.39
CA SER B 95 -11.01 -31.19 -19.56
C SER B 95 -12.01 -30.50 -18.64
N GLU B 96 -13.28 -30.44 -19.06
CA GLU B 96 -14.34 -29.74 -18.29
C GLU B 96 -14.54 -30.39 -16.91
N LYS B 97 -14.34 -31.71 -16.78
CA LYS B 97 -14.59 -32.38 -15.47
C LYS B 97 -13.66 -31.84 -14.38
N TYR B 98 -12.43 -31.45 -14.72
CA TYR B 98 -11.50 -30.92 -13.68
C TYR B 98 -11.98 -29.54 -13.25
N ASN B 99 -12.43 -28.72 -14.19
CA ASN B 99 -12.94 -27.35 -13.87
C ASN B 99 -14.24 -27.48 -13.08
N ARG B 100 -15.10 -28.44 -13.44
CA ARG B 100 -16.40 -28.64 -12.75
C ARG B 100 -16.13 -29.06 -11.30
N LEU B 101 -15.17 -29.94 -11.06
CA LEU B 101 -14.88 -30.37 -9.67
C LEU B 101 -14.36 -29.18 -8.85
N PHE B 102 -13.48 -28.36 -9.45
CA PHE B 102 -12.92 -27.21 -8.70
C PHE B 102 -14.03 -26.20 -8.36
N ARG B 103 -14.86 -25.85 -9.34
CA ARG B 103 -15.96 -24.87 -9.12
C ARG B 103 -16.92 -25.40 -8.06
N GLU B 104 -17.23 -26.70 -8.07
CA GLU B 104 -18.17 -27.30 -7.09
C GLU B 104 -17.63 -27.15 -5.66
N ILE B 105 -16.34 -27.42 -5.46
CA ILE B 105 -15.70 -27.32 -4.11
C ILE B 105 -15.59 -25.85 -3.69
N ALA B 106 -15.03 -25.00 -4.56
CA ALA B 106 -14.80 -23.56 -4.26
C ALA B 106 -16.09 -22.80 -3.99
N SER B 107 -17.20 -23.18 -4.64
CA SER B 107 -18.48 -22.44 -4.48
C SER B 107 -19.31 -22.97 -3.31
N ALA B 108 -18.88 -24.04 -2.65
CA ALA B 108 -19.67 -24.64 -1.56
C ALA B 108 -19.29 -24.06 -0.18
N GLY B 109 -20.26 -24.04 0.74
CA GLY B 109 -20.09 -23.60 2.14
C GLY B 109 -19.34 -22.30 2.31
N VAL B 110 -18.49 -22.23 3.33
CA VAL B 110 -17.68 -21.01 3.64
C VAL B 110 -16.78 -20.68 2.46
N VAL B 111 -16.61 -19.39 2.17
CA VAL B 111 -15.77 -18.91 1.05
C VAL B 111 -14.32 -19.26 1.35
N ASP B 112 -13.60 -19.73 0.33
CA ASP B 112 -12.17 -20.10 0.45
C ASP B 112 -11.37 -18.99 -0.24
N ALA B 113 -10.63 -18.20 0.55
CA ALA B 113 -9.84 -17.08 0.02
C ALA B 113 -8.99 -17.49 -1.19
N LYS B 114 -8.10 -18.47 -1.02
CA LYS B 114 -7.20 -18.89 -2.11
C LYS B 114 -7.98 -19.48 -3.30
N ALA B 115 -9.05 -20.23 -3.03
CA ALA B 115 -9.84 -20.84 -4.12
C ALA B 115 -10.57 -19.74 -4.92
N THR B 116 -10.99 -18.67 -4.23
CA THR B 116 -11.70 -17.56 -4.89
C THR B 116 -10.78 -16.88 -5.92
N GLU B 117 -9.47 -16.85 -5.65
CA GLU B 117 -8.50 -16.23 -6.60
C GLU B 117 -8.57 -16.93 -7.96
N GLN B 118 -8.68 -18.25 -7.94
CA GLN B 118 -8.70 -19.12 -9.15
C GLN B 118 -10.13 -19.18 -9.75
N LEU B 119 -11.15 -18.99 -8.91
CA LEU B 119 -12.57 -19.08 -9.35
C LEU B 119 -13.07 -17.77 -9.99
N ALA B 120 -12.79 -16.62 -9.35
CA ALA B 120 -13.26 -15.29 -9.83
C ALA B 120 -13.06 -15.08 -11.33
N PRO B 121 -11.87 -15.34 -11.90
CA PRO B 121 -11.64 -15.14 -13.34
C PRO B 121 -12.48 -16.00 -14.29
N GLN B 122 -13.14 -17.03 -13.77
CA GLN B 122 -13.96 -17.97 -14.60
C GLN B 122 -15.43 -17.55 -14.55
N LEU B 123 -15.79 -16.60 -13.67
CA LEU B 123 -17.22 -16.21 -13.53
C LEU B 123 -17.55 -14.90 -14.26
N MSE B 124 -18.86 -14.67 -14.39
CA MSE B 124 -19.42 -13.48 -15.02
C MSE B 124 -20.46 -12.93 -14.05
O MSE B 124 -20.99 -13.70 -13.24
CB MSE B 124 -20.03 -13.82 -16.38
CG MSE B 124 -21.41 -14.46 -16.30
SE MSE B 124 -22.39 -14.43 -17.99
CE MSE B 124 -21.17 -15.07 -19.41
N LEU B 125 -20.75 -11.64 -14.10
CA LEU B 125 -21.74 -11.06 -13.19
C LEU B 125 -23.10 -10.94 -13.90
N LEU B 126 -24.19 -11.00 -13.12
CA LEU B 126 -25.55 -10.92 -13.72
C LEU B 126 -26.37 -9.85 -13.00
N ASN B 127 -27.21 -9.16 -13.77
CA ASN B 127 -28.15 -8.08 -13.35
C ASN B 127 -27.79 -7.59 -11.94
N ASP B 131 -32.75 -5.20 -11.28
CA ASP B 131 -32.59 -5.28 -9.80
C ASP B 131 -31.09 -5.14 -9.45
N GLY B 132 -30.78 -5.18 -8.16
CA GLY B 132 -29.39 -5.01 -7.68
C GLY B 132 -29.03 -3.54 -7.65
N PHE B 133 -28.22 -3.11 -8.61
CA PHE B 133 -27.81 -1.68 -8.75
C PHE B 133 -27.37 -1.42 -10.19
N GLY B 134 -28.06 -0.51 -10.87
CA GLY B 134 -27.73 -0.19 -12.28
C GLY B 134 -28.16 -1.26 -13.27
N GLY B 135 -27.57 -2.47 -13.20
CA GLY B 135 -27.86 -3.54 -14.18
C GLY B 135 -27.06 -3.31 -15.46
N ARG B 136 -26.42 -2.15 -15.52
CA ARG B 136 -25.54 -1.60 -16.59
C ARG B 136 -24.06 -1.79 -16.18
N ALA B 137 -23.81 -2.13 -14.91
CA ALA B 137 -22.45 -2.30 -14.36
C ALA B 137 -21.80 -0.91 -14.26
N ASP B 138 -22.64 0.11 -14.05
CA ASP B 138 -22.27 1.54 -13.92
C ASP B 138 -21.12 1.70 -12.93
N PRO B 139 -21.25 1.24 -11.66
CA PRO B 139 -20.17 1.39 -10.69
C PRO B 139 -18.94 0.49 -10.91
N LEU B 140 -19.12 -0.68 -11.56
CA LEU B 140 -17.99 -1.60 -11.80
C LEU B 140 -17.02 -1.04 -12.85
N SER B 141 -17.54 -0.65 -14.01
CA SER B 141 -16.65 -0.10 -15.06
C SER B 141 -15.83 1.05 -14.48
N LYS B 142 -16.43 1.87 -13.61
CA LYS B 142 -15.72 3.02 -12.98
C LYS B 142 -14.67 2.53 -11.99
N LEU B 143 -15.04 1.62 -11.07
CA LEU B 143 -14.07 1.09 -10.08
C LEU B 143 -12.92 0.37 -10.79
N VAL B 144 -13.20 -0.32 -11.90
CA VAL B 144 -12.12 -1.03 -12.65
C VAL B 144 -11.14 0.01 -13.19
N LEU B 145 -11.65 1.17 -13.62
CA LEU B 145 -10.77 2.24 -14.16
C LEU B 145 -9.92 2.82 -13.02
N VAL B 146 -10.51 3.04 -11.85
CA VAL B 146 -9.72 3.57 -10.69
C VAL B 146 -8.65 2.55 -10.33
N ALA B 147 -9.01 1.26 -10.35
CA ALA B 147 -8.07 0.15 -10.03
C ALA B 147 -6.88 0.22 -10.98
N LYS B 148 -7.13 0.45 -12.27
CA LYS B 148 -6.02 0.53 -13.27
C LYS B 148 -5.20 1.81 -13.03
N GLN B 149 -5.83 2.89 -12.55
CA GLN B 149 -5.09 4.14 -12.22
C GLN B 149 -4.11 3.80 -11.09
N LEU B 150 -4.57 3.05 -10.09
CA LEU B 150 -3.75 2.64 -8.92
C LEU B 150 -2.67 1.64 -9.36
N GLU B 151 -3.01 0.71 -10.24
CA GLU B 151 -2.03 -0.30 -10.72
C GLU B 151 -0.92 0.39 -11.50
N ASN B 152 -1.26 1.41 -12.29
CA ASN B 152 -0.24 2.16 -13.07
C ASN B 152 0.74 2.80 -12.08
N ASP B 153 0.21 3.26 -10.93
CA ASP B 153 0.99 3.93 -9.86
C ASP B 153 1.73 2.92 -8.97
N GLY B 154 1.72 1.63 -9.30
CA GLY B 154 2.49 0.67 -8.48
C GLY B 154 1.69 -0.42 -7.77
N GLN B 155 0.45 -0.19 -7.36
CA GLN B 155 -0.31 -1.27 -6.65
C GLN B 155 -0.44 -2.49 -7.57
N VAL B 156 -0.74 -3.66 -7.02
CA VAL B 156 -0.82 -4.90 -7.85
C VAL B 156 -2.14 -5.63 -7.61
N GLY B 157 -2.72 -6.18 -8.70
CA GLY B 157 -3.97 -6.97 -8.68
C GLY B 157 -5.13 -6.26 -8.00
N VAL B 158 -5.21 -4.94 -8.08
CA VAL B 158 -6.33 -4.19 -7.43
C VAL B 158 -7.65 -4.54 -8.12
N ALA B 159 -7.66 -4.71 -9.44
CA ALA B 159 -8.92 -5.04 -10.17
C ALA B 159 -9.30 -6.50 -9.98
N ARG B 160 -8.31 -7.41 -9.98
CA ARG B 160 -8.66 -8.85 -9.81
C ARG B 160 -9.24 -9.05 -8.41
N GLN B 161 -8.72 -8.34 -7.40
CA GLN B 161 -9.21 -8.45 -6.00
C GLN B 161 -10.57 -7.78 -5.85
N LEU B 162 -10.91 -6.81 -6.70
CA LEU B 162 -12.26 -6.19 -6.60
C LEU B 162 -13.32 -7.26 -6.90
N LEU B 163 -13.09 -8.07 -7.93
CA LEU B 163 -14.03 -9.15 -8.31
C LEU B 163 -14.03 -10.24 -7.22
N GLU B 164 -12.86 -10.57 -6.68
CA GLU B 164 -12.74 -11.59 -5.60
C GLU B 164 -13.51 -11.12 -4.37
N LYS B 165 -13.41 -9.84 -4.03
CA LYS B 165 -14.08 -9.27 -2.83
C LYS B 165 -15.58 -9.20 -3.04
N MSE B 166 -16.00 -8.90 -4.28
CA MSE B 166 -17.43 -8.82 -4.55
C MSE B 166 -18.05 -10.20 -4.44
O MSE B 166 -19.17 -10.35 -3.95
CB MSE B 166 -17.65 -8.21 -5.94
CG MSE B 166 -17.57 -6.71 -5.98
SE MSE B 166 -17.83 -6.09 -7.81
CE MSE B 166 -19.51 -6.94 -8.35
N TYR B 167 -17.32 -11.21 -4.92
CA TYR B 167 -17.78 -12.58 -4.84
C TYR B 167 -17.85 -13.01 -3.37
N SER B 168 -16.85 -12.60 -2.58
CA SER B 168 -16.77 -12.94 -1.14
C SER B 168 -17.88 -12.22 -0.36
N ALA B 169 -18.13 -10.94 -0.68
CA ALA B 169 -19.17 -10.15 0.00
C ALA B 169 -20.54 -10.77 -0.27
N ALA B 170 -20.82 -11.10 -1.54
CA ALA B 170 -22.09 -11.72 -1.95
C ALA B 170 -22.29 -13.04 -1.19
N ALA B 171 -21.23 -13.85 -1.10
CA ALA B 171 -21.29 -15.14 -0.39
C ALA B 171 -21.59 -14.92 1.09
N VAL B 172 -20.99 -13.88 1.69
CA VAL B 172 -21.20 -13.56 3.14
C VAL B 172 -22.64 -13.09 3.33
N LEU B 173 -23.16 -12.32 2.38
CA LEU B 173 -24.54 -11.80 2.46
C LEU B 173 -25.56 -12.94 2.28
N SER B 174 -25.21 -13.99 1.55
CA SER B 174 -26.12 -15.15 1.31
C SER B 174 -26.10 -16.14 2.48
N ASN B 175 -24.97 -16.28 3.18
CA ASN B 175 -24.82 -17.21 4.32
C ASN B 175 -24.16 -16.50 5.49
N PRO B 176 -24.80 -15.45 6.07
CA PRO B 176 -24.18 -14.69 7.17
C PRO B 176 -23.90 -15.52 8.43
N THR B 177 -24.69 -16.57 8.66
CA THR B 177 -24.52 -17.44 9.86
C THR B 177 -23.15 -18.15 9.85
N LEU B 178 -22.43 -18.13 8.72
CA LEU B 178 -21.10 -18.79 8.60
C LEU B 178 -19.97 -17.77 8.74
N TYR B 179 -20.27 -16.52 9.08
CA TYR B 179 -19.19 -15.50 9.19
C TYR B 179 -19.36 -14.66 10.46
N SER B 180 -18.26 -14.02 10.87
CA SER B 180 -18.24 -13.16 12.08
C SER B 180 -18.97 -11.84 11.81
N ASP B 181 -19.30 -11.10 12.88
CA ASP B 181 -19.99 -9.79 12.76
C ASP B 181 -19.10 -8.82 11.97
N SER B 182 -17.79 -8.89 12.19
CA SER B 182 -16.81 -8.03 11.49
C SER B 182 -16.89 -8.27 9.98
N GLU B 183 -17.00 -9.55 9.58
CA GLU B 183 -17.07 -9.97 8.15
C GLU B 183 -18.41 -9.54 7.54
N LYS B 184 -19.50 -9.68 8.29
CA LYS B 184 -20.85 -9.29 7.79
C LYS B 184 -20.89 -7.77 7.61
N ALA B 185 -20.20 -7.03 8.47
CA ALA B 185 -20.15 -5.55 8.40
C ALA B 185 -19.34 -5.11 7.17
N ASN B 186 -18.24 -5.82 6.90
CA ASN B 186 -17.36 -5.51 5.74
C ASN B 186 -18.11 -5.78 4.42
N ALA B 187 -18.79 -6.93 4.35
CA ALA B 187 -19.54 -7.33 3.14
C ALA B 187 -20.63 -6.31 2.84
N SER B 188 -21.41 -5.92 3.86
CA SER B 188 -22.49 -4.92 3.65
C SER B 188 -21.90 -3.58 3.24
N LYS B 189 -20.77 -3.21 3.84
CA LYS B 189 -20.13 -1.90 3.52
C LYS B 189 -19.70 -1.89 2.06
N LEU B 190 -18.97 -2.92 1.61
CA LEU B 190 -18.48 -2.97 0.20
C LEU B 190 -19.65 -2.94 -0.79
N LEU B 191 -20.62 -3.84 -0.63
CA LEU B 191 -21.79 -3.89 -1.56
C LEU B 191 -22.60 -2.60 -1.46
N SER B 192 -22.78 -2.04 -0.26
CA SER B 192 -23.56 -0.79 -0.12
C SER B 192 -22.80 0.36 -0.79
N SER B 193 -21.46 0.24 -0.88
CA SER B 193 -20.63 1.28 -1.54
C SER B 193 -20.87 1.27 -3.05
N LEU B 194 -21.02 0.09 -3.65
CA LEU B 194 -21.30 0.00 -5.11
C LEU B 194 -22.66 0.64 -5.38
N ALA B 195 -23.61 0.45 -4.47
CA ALA B 195 -24.97 1.04 -4.61
C ALA B 195 -24.88 2.56 -4.48
N ALA B 196 -23.92 3.05 -3.69
CA ALA B 196 -23.73 4.50 -3.47
C ALA B 196 -23.25 5.16 -4.77
N ILE B 197 -22.26 4.52 -5.43
CA ILE B 197 -21.69 5.02 -6.72
C ILE B 197 -22.80 5.13 -7.77
N HIS B 198 -23.81 4.26 -7.68
CA HIS B 198 -24.93 4.29 -8.66
C HIS B 198 -25.93 5.39 -8.26
N ALA B 199 -26.23 5.48 -6.96
CA ALA B 199 -27.18 6.49 -6.45
C ALA B 199 -26.66 7.90 -6.77
N LYS B 200 -25.36 8.12 -6.54
CA LYS B 200 -24.73 9.45 -6.80
C LYS B 200 -23.65 9.25 -7.88
N ASN B 201 -24.10 9.20 -9.14
CA ASN B 201 -23.19 9.02 -10.31
C ASN B 201 -22.17 10.15 -10.32
N PRO B 202 -20.85 9.86 -10.24
CA PRO B 202 -19.83 10.91 -10.24
C PRO B 202 -19.79 11.78 -11.51
N MSE B 203 -20.47 11.29 -12.57
CA MSE B 203 -20.51 12.02 -13.83
C MSE B 203 -21.36 13.29 -13.69
O MSE B 203 -21.18 14.23 -14.46
CB MSE B 203 -21.08 11.13 -14.93
CG MSE B 203 -20.23 9.92 -15.28
SE MSE B 203 -18.53 10.42 -16.09
CE MSE B 203 -18.91 11.49 -17.69
N HIS B 204 -22.26 13.31 -12.70
CA HIS B 204 -23.13 14.46 -12.49
C HIS B 204 -22.59 15.39 -11.40
N ASP B 205 -21.47 15.05 -10.76
CA ASP B 205 -20.91 15.90 -9.69
C ASP B 205 -20.44 17.24 -10.30
N THR B 206 -20.69 18.35 -9.60
CA THR B 206 -20.32 19.70 -10.09
C THR B 206 -19.18 20.31 -9.27
N SER B 207 -18.72 19.62 -8.21
CA SER B 207 -17.60 20.13 -7.38
C SER B 207 -16.28 19.73 -8.03
N MSE B 208 -16.32 18.66 -8.82
CA MSE B 208 -15.13 18.16 -9.49
C MSE B 208 -15.54 17.47 -10.78
O MSE B 208 -16.62 16.89 -10.87
CB MSE B 208 -14.36 17.20 -8.58
CG MSE B 208 -15.09 15.92 -8.25
SE MSE B 208 -13.97 14.73 -7.22
CE MSE B 208 -14.26 15.10 -5.31
N LYS B 209 -14.64 17.54 -11.78
CA LYS B 209 -14.88 16.93 -13.08
C LYS B 209 -14.04 15.64 -13.15
N VAL B 210 -14.66 14.47 -13.02
CA VAL B 210 -13.96 13.15 -13.07
C VAL B 210 -13.64 12.73 -14.51
N TRP B 211 -14.18 13.46 -15.49
CA TRP B 211 -13.97 13.12 -16.93
C TRP B 211 -13.17 14.22 -17.64
N GLN B 212 -12.42 13.83 -18.68
CA GLN B 212 -11.60 14.76 -19.49
C GLN B 212 -12.38 15.13 -20.74
N GLU B 213 -12.99 14.13 -21.38
CA GLU B 213 -13.77 14.27 -22.64
C GLU B 213 -14.96 13.32 -22.61
N LYS B 214 -16.04 13.65 -23.33
CA LYS B 214 -17.27 12.83 -23.37
C LYS B 214 -17.66 12.74 -24.84
N LEU B 215 -17.06 11.78 -25.55
CA LEU B 215 -17.21 11.60 -27.01
C LEU B 215 -18.54 10.91 -27.33
N GLU B 216 -19.49 11.68 -27.87
CA GLU B 216 -20.84 11.19 -28.26
C GLU B 216 -21.32 11.96 -29.50
N GLY B 217 -22.50 11.62 -30.01
CA GLY B 217 -23.06 12.29 -31.20
C GLY B 217 -22.11 12.20 -32.40
N LYS B 218 -21.81 13.34 -33.01
CA LYS B 218 -20.92 13.37 -34.20
C LYS B 218 -19.46 13.16 -33.78
N GLN B 219 -19.18 13.11 -32.48
CA GLN B 219 -17.78 12.89 -32.00
C GLN B 219 -17.64 11.45 -31.49
N ALA B 220 -18.73 10.66 -31.57
CA ALA B 220 -18.75 9.25 -31.10
C ALA B 220 -17.60 8.45 -31.70
N LEU B 221 -17.07 7.49 -30.95
CA LEU B 221 -15.95 6.64 -31.42
C LEU B 221 -16.44 5.26 -31.86
N THR B 222 -15.72 4.68 -32.81
CA THR B 222 -15.98 3.31 -33.31
C THR B 222 -15.06 2.39 -32.50
N VAL B 223 -15.10 1.09 -32.74
CA VAL B 223 -14.20 0.18 -31.98
C VAL B 223 -12.76 0.53 -32.36
N ASN B 224 -12.50 0.88 -33.63
CA ASN B 224 -11.13 1.23 -34.08
C ASN B 224 -10.68 2.53 -33.38
N GLY B 225 -11.61 3.47 -33.19
CA GLY B 225 -11.29 4.73 -32.50
C GLY B 225 -10.80 4.45 -31.08
N VAL B 226 -11.52 3.58 -30.37
CA VAL B 226 -11.16 3.18 -28.97
C VAL B 226 -9.78 2.52 -29.01
N VAL B 227 -9.55 1.63 -29.96
CA VAL B 227 -8.24 0.90 -30.07
C VAL B 227 -7.10 1.91 -30.25
N GLU B 228 -7.27 2.90 -31.12
CA GLU B 228 -6.20 3.91 -31.38
C GLU B 228 -5.92 4.69 -30.09
N LYS B 229 -6.97 5.11 -29.39
CA LYS B 229 -6.84 5.87 -28.11
C LYS B 229 -6.11 5.03 -27.06
N ILE B 230 -6.48 3.76 -26.93
CA ILE B 230 -5.89 2.83 -25.91
C ILE B 230 -4.44 2.49 -26.25
N THR B 231 -4.15 2.18 -27.52
CA THR B 231 -2.79 1.74 -27.96
C THR B 231 -1.87 2.90 -28.33
N ASP B 232 -2.35 4.15 -28.33
CA ASP B 232 -1.48 5.32 -28.65
C ASP B 232 -0.11 5.17 -27.95
N ALA B 233 0.97 5.08 -28.73
CA ALA B 233 2.34 4.90 -28.20
C ALA B 233 2.82 6.16 -27.46
N SER B 234 2.15 7.29 -27.63
CA SER B 234 2.58 8.56 -26.97
C SER B 234 2.22 8.56 -25.48
N ALA B 235 1.39 7.59 -25.05
CA ALA B 235 0.93 7.54 -23.64
C ALA B 235 1.83 6.63 -22.82
N ASN B 236 2.93 6.11 -23.38
CA ASN B 236 3.83 5.20 -22.60
C ASN B 236 4.02 5.76 -21.19
N GLY B 237 3.74 4.95 -20.17
CA GLY B 237 3.90 5.33 -18.75
C GLY B 237 2.67 5.94 -18.13
N LYS B 238 1.81 6.60 -18.93
CA LYS B 238 0.59 7.23 -18.37
C LYS B 238 -0.59 6.30 -18.59
N PRO B 239 -1.62 6.35 -17.73
CA PRO B 239 -2.78 5.47 -17.90
C PRO B 239 -3.84 6.09 -18.82
N VAL B 240 -4.44 5.24 -19.67
CA VAL B 240 -5.55 5.65 -20.56
C VAL B 240 -6.79 4.93 -19.98
N LEU B 241 -7.75 5.69 -19.47
CA LEU B 241 -8.95 5.10 -18.80
C LEU B 241 -10.22 5.51 -19.53
N LEU B 242 -10.84 4.56 -20.25
CA LEU B 242 -12.07 4.84 -21.03
C LEU B 242 -13.26 4.01 -20.54
N GLU B 243 -14.43 4.65 -20.42
CA GLU B 243 -15.68 3.94 -20.07
C GLU B 243 -16.45 3.84 -21.38
N LEU B 244 -16.72 2.62 -21.85
CA LEU B 244 -17.45 2.42 -23.12
C LEU B 244 -18.93 2.19 -22.80
N ASP B 245 -19.79 3.16 -23.14
CA ASP B 245 -21.23 3.05 -22.84
C ASP B 245 -22.05 2.65 -24.06
N ALA B 246 -22.86 1.60 -23.88
CA ALA B 246 -23.80 1.06 -24.87
C ALA B 246 -25.17 1.13 -24.21
N PRO B 247 -26.31 1.08 -24.95
CA PRO B 247 -27.62 1.17 -24.30
C PRO B 247 -27.76 0.16 -23.16
N GLY B 248 -27.90 0.66 -21.93
CA GLY B 248 -28.09 -0.15 -20.71
C GLY B 248 -26.95 -1.15 -20.46
N HIS B 249 -25.74 -0.84 -20.91
CA HIS B 249 -24.59 -1.77 -20.71
C HIS B 249 -23.28 -0.97 -20.76
N ALA B 250 -22.54 -0.95 -19.63
CA ALA B 250 -21.27 -0.17 -19.54
C ALA B 250 -20.08 -1.11 -19.48
N MSE B 251 -19.03 -0.74 -20.21
CA MSE B 251 -17.81 -1.51 -20.28
C MSE B 251 -16.63 -0.57 -20.00
O MSE B 251 -16.83 0.64 -19.87
CB MSE B 251 -17.66 -2.14 -21.68
CG MSE B 251 -18.65 -3.25 -21.97
SE MSE B 251 -19.07 -3.30 -23.87
CE MSE B 251 -20.07 -1.68 -24.31
N ALA B 252 -15.44 -1.14 -19.94
CA ALA B 252 -14.25 -0.33 -19.69
C ALA B 252 -13.10 -0.84 -20.55
N ALA B 253 -12.21 0.07 -20.93
CA ALA B 253 -11.00 -0.24 -21.72
C ALA B 253 -9.87 0.61 -21.13
N TRP B 254 -8.63 0.12 -21.17
CA TRP B 254 -7.54 0.90 -20.55
C TRP B 254 -6.16 0.47 -21.06
N ALA B 255 -5.17 1.27 -20.68
CA ALA B 255 -3.73 1.04 -20.94
C ALA B 255 -3.00 1.48 -19.68
N LYS B 256 -2.02 0.69 -19.21
CA LYS B 256 -1.27 1.09 -17.99
C LYS B 256 0.10 0.41 -17.99
N GLY B 257 1.05 0.98 -17.25
CA GLY B 257 2.42 0.44 -17.19
C GLY B 257 3.31 1.09 -18.24
N SER B 258 4.58 0.70 -18.30
CA SER B 258 5.51 1.29 -19.30
C SER B 258 6.43 0.22 -19.89
N GLY B 259 6.90 0.45 -21.13
CA GLY B 259 7.79 -0.49 -21.82
C GLY B 259 7.15 -1.86 -21.99
N ASP B 260 7.90 -2.93 -21.68
CA ASP B 260 7.38 -4.32 -21.80
C ASP B 260 6.25 -4.56 -20.81
N ASP B 261 6.21 -3.78 -19.71
CA ASP B 261 5.16 -3.95 -18.67
C ASP B 261 3.86 -3.25 -19.08
N ARG B 262 3.87 -2.46 -20.16
CA ARG B 262 2.59 -1.78 -20.54
C ARG B 262 1.59 -2.86 -20.97
N VAL B 263 0.36 -2.75 -20.47
CA VAL B 263 -0.73 -3.72 -20.78
C VAL B 263 -1.97 -2.96 -21.27
N TYR B 264 -2.68 -3.57 -22.23
CA TYR B 264 -3.92 -3.00 -22.82
C TYR B 264 -5.05 -3.94 -22.41
N GLY B 265 -6.11 -3.41 -21.78
CA GLY B 265 -7.17 -4.32 -21.30
C GLY B 265 -8.58 -3.86 -21.62
N PHE B 266 -9.53 -4.77 -21.38
CA PHE B 266 -10.96 -4.56 -21.64
C PHE B 266 -11.79 -5.28 -20.56
N TYR B 267 -12.84 -4.62 -20.08
CA TYR B 267 -13.74 -5.24 -19.06
C TYR B 267 -15.19 -5.20 -19.56
N ASP B 268 -15.87 -6.34 -19.40
CA ASP B 268 -17.29 -6.52 -19.78
C ASP B 268 -17.87 -7.50 -18.77
N PRO B 269 -19.02 -7.20 -18.12
CA PRO B 269 -19.61 -8.13 -17.15
C PRO B 269 -19.71 -9.57 -17.67
N ASN B 270 -19.79 -9.74 -19.00
CA ASN B 270 -19.92 -11.08 -19.62
C ASN B 270 -18.53 -11.71 -19.81
N ALA B 271 -17.60 -11.00 -20.46
CA ALA B 271 -16.25 -11.57 -20.71
C ALA B 271 -15.32 -11.41 -19.50
N GLY B 272 -15.65 -10.52 -18.57
CA GLY B 272 -14.75 -10.31 -17.42
C GLY B 272 -13.58 -9.42 -17.82
N ILE B 273 -12.44 -9.52 -17.11
CA ILE B 273 -11.24 -8.69 -17.42
C ILE B 273 -10.31 -9.46 -18.37
N VAL B 274 -9.89 -8.81 -19.47
CA VAL B 274 -8.94 -9.42 -20.45
C VAL B 274 -7.84 -8.40 -20.69
N GLU B 275 -6.57 -8.81 -20.57
CA GLU B 275 -5.42 -7.91 -20.81
C GLU B 275 -4.41 -8.55 -21.76
N PHE B 276 -3.67 -7.69 -22.48
CA PHE B 276 -2.63 -8.13 -23.45
C PHE B 276 -1.40 -7.20 -23.34
N SER B 277 -0.22 -7.77 -23.58
CA SER B 277 1.04 -6.99 -23.59
C SER B 277 1.17 -6.38 -24.99
N SER B 278 0.57 -7.08 -25.97
CA SER B 278 0.60 -6.69 -27.41
C SER B 278 -0.57 -5.78 -27.80
N ALA B 279 -0.25 -4.61 -28.35
CA ALA B 279 -1.27 -3.65 -28.82
C ALA B 279 -2.01 -4.29 -30.01
N GLU B 280 -1.29 -5.04 -30.83
CA GLU B 280 -1.87 -5.73 -32.01
C GLU B 280 -2.91 -6.76 -31.55
N LYS B 281 -2.57 -7.59 -30.55
CA LYS B 281 -3.54 -8.61 -30.06
C LYS B 281 -4.74 -7.90 -29.42
N PHE B 282 -4.49 -6.80 -28.71
CA PHE B 282 -5.63 -6.07 -28.08
C PHE B 282 -6.58 -5.60 -29.18
N GLY B 283 -6.02 -5.01 -30.24
CA GLY B 283 -6.82 -4.51 -31.37
C GLY B 283 -7.56 -5.65 -32.06
N ASP B 284 -6.89 -6.80 -32.24
CA ASP B 284 -7.52 -7.97 -32.89
C ASP B 284 -8.68 -8.48 -32.01
N TYR B 285 -8.48 -8.52 -30.69
CA TYR B 285 -9.52 -8.99 -29.75
C TYR B 285 -10.75 -8.07 -29.76
N LEU B 286 -10.52 -6.77 -29.59
CA LEU B 286 -11.65 -5.81 -29.52
C LEU B 286 -12.40 -5.76 -30.86
N THR B 287 -11.68 -5.77 -31.97
CA THR B 287 -12.31 -5.72 -33.32
C THR B 287 -13.18 -6.95 -33.55
N ARG B 288 -12.70 -8.13 -33.15
CA ARG B 288 -13.44 -9.41 -33.33
C ARG B 288 -14.51 -9.54 -32.26
N PHE B 289 -14.34 -8.88 -31.12
CA PHE B 289 -15.34 -8.96 -30.04
C PHE B 289 -16.64 -8.28 -30.51
N PHE B 290 -16.51 -7.07 -31.05
CA PHE B 290 -17.68 -6.27 -31.50
C PHE B 290 -18.02 -6.52 -32.99
N GLY B 291 -17.04 -6.94 -33.79
CA GLY B 291 -17.24 -7.14 -35.25
C GLY B 291 -18.12 -8.32 -35.62
N LYS B 292 -18.74 -8.25 -36.80
CA LYS B 292 -19.63 -9.30 -37.36
C LYS B 292 -18.80 -10.55 -37.70
N SER B 293 -17.49 -10.41 -37.87
CA SER B 293 -16.61 -11.54 -38.23
C SER B 293 -16.59 -12.60 -37.12
N ASP B 294 -16.81 -12.22 -35.85
CA ASP B 294 -16.76 -13.22 -34.77
C ASP B 294 -17.98 -13.13 -33.84
N LEU B 295 -17.81 -12.52 -32.67
CA LEU B 295 -18.88 -12.45 -31.65
C LEU B 295 -19.98 -11.46 -32.03
N ASN B 296 -19.66 -10.39 -32.75
CA ASN B 296 -20.72 -9.43 -33.21
C ASN B 296 -21.43 -8.84 -31.99
N MSE B 297 -20.65 -8.49 -30.96
CA MSE B 297 -21.20 -7.92 -29.71
C MSE B 297 -21.74 -6.50 -29.95
O MSE B 297 -22.64 -6.07 -29.20
CB MSE B 297 -20.13 -7.91 -28.61
CG MSE B 297 -19.83 -9.27 -28.04
SE MSE B 297 -21.47 -10.24 -27.57
CE MSE B 297 -22.11 -11.23 -29.14
N ALA B 298 -21.22 -5.79 -30.97
CA ALA B 298 -21.66 -4.45 -31.25
C ALA B 298 -23.16 -4.46 -31.55
N GLN B 299 -23.62 -5.47 -32.30
CA GLN B 299 -25.05 -5.55 -32.66
C GLN B 299 -25.83 -6.18 -31.49
N SER B 300 -25.18 -7.03 -30.69
CA SER B 300 -25.86 -7.65 -29.53
C SER B 300 -26.14 -6.58 -28.47
N TYR B 301 -25.19 -5.64 -28.28
CA TYR B 301 -25.39 -4.56 -27.28
C TYR B 301 -26.12 -3.38 -27.96
N LYS B 302 -26.61 -3.60 -29.16
CA LYS B 302 -27.44 -2.63 -29.94
C LYS B 302 -26.72 -1.29 -30.13
N LEU B 303 -25.48 -1.30 -30.61
CA LEU B 303 -24.75 -0.04 -30.87
C LEU B 303 -25.29 0.57 -32.17
N GLY B 304 -25.38 1.89 -32.25
CA GLY B 304 -25.84 2.57 -33.46
C GLY B 304 -24.70 2.63 -34.46
N LYS B 305 -24.91 3.31 -35.59
CA LYS B 305 -23.85 3.41 -36.62
C LYS B 305 -23.62 4.88 -37.00
N ASN B 306 -22.42 5.19 -37.49
CA ASN B 306 -22.07 6.56 -37.94
C ASN B 306 -22.50 6.67 -39.40
N ASP B 307 -22.32 7.84 -40.03
CA ASP B 307 -22.74 8.00 -41.46
C ASP B 307 -22.03 6.97 -42.35
N ALA B 308 -20.87 6.45 -41.93
CA ALA B 308 -20.15 5.45 -42.75
C ALA B 308 -20.70 4.04 -42.52
N GLY B 309 -21.65 3.88 -41.59
CA GLY B 309 -22.24 2.56 -41.28
C GLY B 309 -21.39 1.78 -40.30
N GLU B 310 -20.43 2.43 -39.66
CA GLU B 310 -19.52 1.79 -38.68
C GLU B 310 -20.17 1.84 -37.28
N ALA B 311 -20.12 0.74 -36.54
CA ALA B 311 -20.70 0.70 -35.19
C ALA B 311 -20.01 1.71 -34.27
N ILE B 312 -20.79 2.50 -33.52
CA ILE B 312 -20.23 3.53 -32.59
C ILE B 312 -20.86 3.38 -31.20
N PHE B 313 -20.10 3.73 -30.16
CA PHE B 313 -20.62 3.64 -28.78
C PHE B 313 -21.50 4.85 -28.49
N ASN B 314 -22.61 4.66 -27.76
CA ASN B 314 -23.50 5.80 -27.44
C ASN B 314 -22.66 6.90 -26.77
N ARG B 315 -21.62 6.50 -26.06
CA ARG B 315 -20.73 7.48 -25.39
C ARG B 315 -19.43 6.79 -24.95
N VAL B 316 -18.32 7.50 -25.08
CA VAL B 316 -16.99 7.03 -24.61
C VAL B 316 -16.49 8.14 -23.69
N VAL B 317 -16.27 7.81 -22.42
CA VAL B 317 -15.80 8.83 -21.44
C VAL B 317 -14.30 8.65 -21.20
N VAL B 318 -13.50 9.66 -21.55
CA VAL B 318 -12.04 9.63 -21.27
C VAL B 318 -11.95 10.10 -19.83
N MSE B 319 -11.73 9.17 -18.90
CA MSE B 319 -11.69 9.48 -17.49
C MSE B 319 -10.37 10.08 -17.05
O MSE B 319 -9.35 9.97 -17.74
CB MSE B 319 -11.91 8.21 -16.66
CG MSE B 319 -13.31 7.71 -16.65
SE MSE B 319 -14.51 8.88 -15.64
CE MSE B 319 -16.19 7.86 -15.89
N ASP B 320 -10.42 10.72 -15.88
CA ASP B 320 -9.27 11.31 -15.21
C ASP B 320 -9.08 10.45 -13.95
N GLY B 321 -8.23 9.42 -14.04
CA GLY B 321 -7.97 8.49 -12.91
C GLY B 321 -7.79 9.18 -11.57
N ASN B 322 -6.95 10.22 -11.52
CA ASN B 322 -6.66 10.94 -10.26
C ASN B 322 -7.95 11.55 -9.66
N THR B 323 -8.73 12.30 -10.45
CA THR B 323 -9.97 12.94 -9.93
C THR B 323 -11.01 11.88 -9.53
N LEU B 324 -11.21 10.87 -10.37
CA LEU B 324 -12.20 9.79 -10.08
C LEU B 324 -11.78 9.03 -8.81
N ALA B 325 -10.48 8.75 -8.66
CA ALA B 325 -9.97 7.99 -7.49
C ALA B 325 -10.28 8.75 -6.19
N SER B 326 -10.28 10.08 -6.23
CA SER B 326 -10.53 10.92 -5.02
C SER B 326 -12.01 11.27 -4.85
N TYR B 327 -12.89 10.74 -5.71
CA TYR B 327 -14.35 11.04 -5.58
C TYR B 327 -14.95 10.27 -4.40
N LYS B 328 -15.87 10.92 -3.67
CA LYS B 328 -16.56 10.33 -2.50
C LYS B 328 -18.02 10.07 -2.88
N PRO B 329 -18.44 8.81 -3.08
CA PRO B 329 -19.82 8.49 -3.45
C PRO B 329 -20.90 8.80 -2.39
N THR B 330 -20.63 8.46 -1.13
CA THR B 330 -21.60 8.68 -0.02
C THR B 330 -21.25 9.98 0.72
N PHE B 331 -22.16 10.97 0.67
CA PHE B 331 -21.96 12.28 1.36
C PHE B 331 -21.80 12.05 2.86
N GLY B 332 -21.03 12.92 3.52
CA GLY B 332 -20.80 12.81 4.97
C GLY B 332 -19.67 11.83 5.26
N ASP B 333 -19.64 10.71 4.53
CA ASP B 333 -18.58 9.68 4.67
C ASP B 333 -17.34 10.16 3.89
N LYS B 334 -16.13 9.88 4.38
CA LYS B 334 -14.88 10.30 3.70
C LYS B 334 -14.30 9.17 2.85
N THR B 335 -15.04 8.07 2.68
CA THR B 335 -14.52 6.94 1.87
C THR B 335 -14.52 7.34 0.38
N THR B 336 -13.37 7.26 -0.28
CA THR B 336 -13.22 7.62 -1.71
C THR B 336 -13.27 6.35 -2.55
N MSE B 337 -13.31 6.52 -3.89
CA MSE B 337 -13.36 5.41 -4.83
C MSE B 337 -12.15 4.51 -4.58
O MSE B 337 -12.28 3.28 -4.57
CB MSE B 337 -13.35 5.90 -6.27
CG MSE B 337 -14.57 6.73 -6.63
SE MSE B 337 -16.13 5.63 -6.95
CE MSE B 337 -15.93 4.86 -8.75
N GLN B 338 -10.98 5.13 -4.39
CA GLN B 338 -9.77 4.37 -4.13
C GLN B 338 -9.95 3.66 -2.78
N GLY B 339 -10.65 4.30 -1.84
CA GLY B 339 -10.89 3.71 -0.52
C GLY B 339 -11.73 2.46 -0.63
N ILE B 340 -12.74 2.48 -1.51
CA ILE B 340 -13.65 1.32 -1.73
C ILE B 340 -12.85 0.12 -2.25
N LEU B 341 -11.87 0.36 -3.11
CA LEU B 341 -11.06 -0.76 -3.68
C LEU B 341 -10.19 -1.39 -2.59
N ASP B 342 -9.96 -0.67 -1.48
CA ASP B 342 -9.11 -1.21 -0.39
C ASP B 342 -10.00 -1.75 0.74
N LEU B 343 -11.32 -1.56 0.66
CA LEU B 343 -12.22 -2.08 1.74
C LEU B 343 -11.97 -3.59 1.87
N PRO B 344 -11.82 -4.10 3.11
CA PRO B 344 -11.62 -5.54 3.30
C PRO B 344 -12.95 -6.30 3.40
N VAL B 345 -12.87 -7.63 3.36
CA VAL B 345 -14.06 -8.50 3.53
C VAL B 345 -13.74 -9.47 4.66
N PHE B 346 -12.49 -9.97 4.70
CA PHE B 346 -12.03 -10.91 5.75
C PHE B 346 -10.87 -10.28 6.53
N ASP B 347 -10.71 -10.70 7.79
CA ASP B 347 -9.64 -10.19 8.68
C ASP B 347 -8.32 -10.90 8.35
N GLU C 7 30.84 13.93 -12.54
CA GLU C 7 29.53 13.38 -13.02
C GLU C 7 29.74 11.96 -13.57
N LYS C 8 30.74 11.79 -14.44
CA LYS C 8 31.04 10.47 -15.05
C LYS C 8 31.71 9.53 -14.06
N ASP C 9 32.18 10.02 -12.92
CA ASP C 9 32.91 9.19 -11.91
C ASP C 9 31.96 8.23 -11.19
N PHE C 10 30.69 8.61 -11.01
CA PHE C 10 29.73 7.74 -10.29
C PHE C 10 29.17 6.68 -11.25
N LYS C 11 29.05 7.01 -12.55
CA LYS C 11 28.53 6.04 -13.55
C LYS C 11 29.55 4.91 -13.75
N ARG C 12 30.84 5.24 -13.85
CA ARG C 12 31.90 4.22 -14.05
C ARG C 12 31.99 3.34 -12.81
N TYR C 13 31.72 3.90 -11.63
CA TYR C 13 31.71 3.16 -10.33
C TYR C 13 30.53 2.18 -10.30
N GLY C 14 29.32 2.68 -10.59
CA GLY C 14 28.11 1.85 -10.58
C GLY C 14 28.20 0.69 -11.57
N ASP C 15 28.81 0.92 -12.73
CA ASP C 15 28.99 -0.12 -13.79
C ASP C 15 29.99 -1.18 -13.32
N ALA C 16 30.95 -0.79 -12.48
CA ALA C 16 31.98 -1.73 -11.97
C ALA C 16 31.39 -2.73 -10.97
N LEU C 17 30.06 -2.68 -10.74
CA LEU C 17 29.38 -3.62 -9.81
C LEU C 17 28.24 -4.32 -10.57
N LYS C 18 28.38 -4.45 -11.90
CA LYS C 18 27.35 -5.08 -12.76
C LYS C 18 28.03 -5.80 -13.92
N ASP C 29 24.22 -10.19 -7.00
CA ASP C 29 24.78 -8.82 -6.85
C ASP C 29 25.79 -8.83 -5.70
N ILE C 30 26.96 -8.20 -5.91
CA ILE C 30 28.06 -8.15 -4.90
C ILE C 30 27.70 -7.15 -3.80
N ARG C 31 26.88 -6.14 -4.12
CA ARG C 31 26.48 -5.07 -3.15
C ARG C 31 25.58 -5.63 -2.04
N THR C 32 25.13 -6.89 -2.15
CA THR C 32 24.24 -7.49 -1.12
C THR C 32 24.89 -8.69 -0.42
N THR C 33 26.14 -9.03 -0.79
CA THR C 33 26.84 -10.18 -0.15
C THR C 33 27.35 -9.75 1.24
N LYS C 34 27.23 -10.62 2.24
CA LYS C 34 27.67 -10.28 3.62
C LYS C 34 29.19 -10.08 3.66
N ASP C 35 29.91 -10.54 2.64
CA ASP C 35 31.39 -10.34 2.58
C ASP C 35 31.69 -8.88 2.23
N PHE C 36 30.87 -8.31 1.33
CA PHE C 36 31.01 -6.90 0.87
C PHE C 36 30.56 -5.93 1.97
N LEU C 37 29.37 -6.19 2.53
CA LEU C 37 28.75 -5.33 3.58
C LEU C 37 29.63 -5.29 4.85
N ASN C 38 30.32 -6.38 5.20
CA ASN C 38 31.20 -6.36 6.41
C ASN C 38 32.35 -5.37 6.19
N GLY C 39 32.84 -5.27 4.95
CA GLY C 39 33.93 -4.33 4.63
C GLY C 39 33.41 -2.91 4.45
N TYR C 40 32.09 -2.78 4.22
CA TYR C 40 31.44 -1.46 4.00
C TYR C 40 31.29 -0.75 5.36
N LYS C 41 32.39 -0.16 5.84
CA LYS C 41 32.44 0.60 7.12
C LYS C 41 33.48 1.71 7.01
N ASN C 42 33.63 2.52 8.06
CA ASN C 42 34.60 3.64 8.07
C ASN C 42 35.95 3.17 8.64
N ASP C 43 37.02 3.89 8.34
CA ASP C 43 38.39 3.59 8.84
C ASP C 43 38.68 2.09 8.68
N HIS C 44 38.57 1.57 7.46
CA HIS C 44 38.79 0.13 7.17
C HIS C 44 39.54 -0.03 5.86
N ALA C 45 39.39 0.94 4.95
CA ALA C 45 40.09 0.93 3.65
C ALA C 45 41.59 1.20 3.87
N LYS C 46 41.91 2.04 4.85
CA LYS C 46 43.31 2.40 5.20
C LYS C 46 44.06 1.17 5.73
N GLU C 47 43.36 0.03 5.92
CA GLU C 47 44.04 -1.16 6.51
C GLU C 47 43.89 -2.42 5.64
N ILE C 48 43.17 -2.37 4.51
CA ILE C 48 43.06 -3.61 3.67
C ILE C 48 43.20 -3.24 2.19
N VAL C 49 43.22 -1.94 1.87
CA VAL C 49 43.35 -1.50 0.45
C VAL C 49 44.73 -0.88 0.23
N ASP C 50 45.65 -1.65 -0.37
CA ASP C 50 47.02 -1.17 -0.66
C ASP C 50 46.91 -0.02 -1.67
N GLY C 51 47.59 1.10 -1.40
CA GLY C 51 47.57 2.27 -2.30
C GLY C 51 46.38 3.18 -2.03
N PHE C 52 45.95 3.27 -0.76
CA PHE C 52 44.81 4.13 -0.37
C PHE C 52 45.29 5.31 0.49
N ARG C 53 44.74 6.48 0.24
CA ARG C 53 45.09 7.72 0.98
C ARG C 53 43.80 8.47 1.32
N SER C 54 43.58 8.76 2.61
CA SER C 54 42.35 9.47 3.06
C SER C 54 42.33 10.93 2.57
N ASP C 55 43.20 11.31 1.63
CA ASP C 55 43.21 12.70 1.08
C ASP C 55 42.91 12.63 -0.41
N MSE C 56 42.54 11.43 -0.88
CA MSE C 56 42.22 11.20 -2.29
C MSE C 56 40.89 11.85 -2.64
O MSE C 56 40.04 12.05 -1.78
CB MSE C 56 42.13 9.69 -2.56
CG MSE C 56 43.46 9.02 -2.84
SE MSE C 56 43.21 7.08 -2.99
CE MSE C 56 43.95 6.42 -4.68
N SER C 57 40.72 12.17 -3.93
CA SER C 57 39.50 12.76 -4.43
C SER C 57 38.58 11.63 -4.90
N ILE C 58 37.28 11.90 -5.05
CA ILE C 58 36.32 10.85 -5.50
C ILE C 58 36.82 10.25 -6.83
N LYS C 59 37.34 11.08 -7.73
CA LYS C 59 37.87 10.59 -9.03
C LYS C 59 39.01 9.60 -8.78
N GLN C 60 39.95 9.94 -7.89
CA GLN C 60 41.10 9.06 -7.58
C GLN C 60 40.61 7.76 -6.92
N LEU C 61 39.59 7.85 -6.06
CA LEU C 61 39.04 6.66 -5.36
C LEU C 61 38.40 5.69 -6.38
N VAL C 62 37.69 6.24 -7.37
CA VAL C 62 37.02 5.39 -8.41
C VAL C 62 38.11 4.74 -9.29
N ASP C 63 39.19 5.49 -9.58
CA ASP C 63 40.30 4.95 -10.42
C ASP C 63 40.93 3.76 -9.69
N LEU C 64 41.13 3.89 -8.37
CA LEU C 64 41.73 2.81 -7.54
C LEU C 64 40.78 1.62 -7.49
N PHE C 65 39.47 1.88 -7.57
CA PHE C 65 38.44 0.81 -7.51
C PHE C 65 38.38 0.04 -8.84
N VAL C 66 38.34 0.74 -9.96
CA VAL C 66 38.27 0.10 -11.31
C VAL C 66 39.63 -0.56 -11.62
N LYS C 67 40.71 0.22 -11.63
CA LYS C 67 42.07 -0.30 -11.93
C LYS C 67 42.62 -1.03 -10.70
N GLY C 68 42.29 -2.32 -10.55
CA GLY C 68 42.76 -3.12 -9.40
C GLY C 68 41.86 -4.30 -9.11
N ASN C 69 42.47 -5.45 -8.78
CA ASN C 69 41.75 -6.70 -8.43
C ASN C 69 41.51 -6.68 -6.93
N TRP C 70 40.24 -6.60 -6.49
CA TRP C 70 39.93 -6.54 -5.04
C TRP C 70 39.02 -7.70 -4.62
N SER C 71 39.00 -7.98 -3.31
CA SER C 71 38.15 -9.06 -2.74
C SER C 71 36.76 -8.48 -2.44
N ALA C 72 35.87 -9.29 -1.87
CA ALA C 72 34.50 -8.82 -1.53
C ALA C 72 34.60 -7.73 -0.46
N GLU C 73 35.33 -7.98 0.64
CA GLU C 73 35.45 -7.00 1.74
C GLU C 73 36.23 -5.76 1.27
N GLN C 74 37.19 -5.93 0.36
CA GLN C 74 38.00 -4.79 -0.16
C GLN C 74 37.13 -3.88 -1.02
N LYS C 75 36.20 -4.44 -1.81
CA LYS C 75 35.30 -3.59 -2.64
C LYS C 75 34.36 -2.81 -1.72
N GLY C 76 33.95 -3.41 -0.60
CA GLY C 76 33.06 -2.76 0.37
C GLY C 76 33.72 -1.58 1.05
N ALA C 77 35.03 -1.70 1.35
CA ALA C 77 35.77 -0.61 2.01
C ALA C 77 35.81 0.62 1.08
N LEU C 78 36.25 0.43 -0.17
CA LEU C 78 36.31 1.55 -1.16
C LEU C 78 34.89 2.05 -1.45
N ALA C 79 33.92 1.14 -1.50
CA ALA C 79 32.51 1.53 -1.76
C ALA C 79 32.08 2.56 -0.71
N TRP C 80 32.39 2.29 0.57
CA TRP C 80 32.00 3.23 1.65
C TRP C 80 32.75 4.57 1.50
N GLU C 81 34.07 4.50 1.27
CA GLU C 81 34.90 5.73 1.10
C GLU C 81 34.35 6.57 -0.06
N ILE C 82 33.84 5.91 -1.11
CA ILE C 82 33.29 6.60 -2.32
C ILE C 82 31.86 7.10 -2.02
N GLU C 83 30.97 6.21 -1.59
CA GLU C 83 29.56 6.57 -1.31
C GLU C 83 29.45 7.57 -0.15
N SER C 84 30.28 7.41 0.89
CA SER C 84 30.21 8.34 2.06
C SER C 84 30.52 9.78 1.60
N ARG C 85 31.23 9.93 0.48
CA ARG C 85 31.58 11.27 -0.06
C ARG C 85 30.61 11.70 -1.16
N ALA C 86 30.32 10.81 -2.12
CA ALA C 86 29.44 11.13 -3.27
C ALA C 86 27.96 11.23 -2.86
N LEU C 87 27.47 10.28 -2.05
CA LEU C 87 26.04 10.26 -1.64
C LEU C 87 25.84 10.94 -0.27
N LYS C 88 26.74 11.84 0.13
CA LYS C 88 26.60 12.49 1.46
C LYS C 88 25.45 13.50 1.47
N VAL C 89 24.60 13.45 2.51
CA VAL C 89 23.46 14.39 2.69
C VAL C 89 23.54 14.93 4.12
N THR C 90 23.86 16.21 4.29
CA THR C 90 23.99 16.83 5.64
C THR C 90 22.72 17.59 6.01
N PHE C 91 22.33 17.54 7.28
CA PHE C 91 21.13 18.25 7.81
C PHE C 91 21.53 19.27 8.86
N GLN C 92 20.68 20.26 9.10
CA GLN C 92 20.92 21.31 10.13
C GLN C 92 19.56 21.92 10.50
N ASN C 93 19.46 22.51 11.69
CA ASN C 93 18.19 23.11 12.16
C ASN C 93 17.74 24.18 11.16
N LYS C 94 16.43 24.26 10.89
CA LYS C 94 15.92 25.30 9.96
C LYS C 94 16.05 26.67 10.61
N SER C 95 16.30 27.70 9.82
CA SER C 95 16.37 29.09 10.31
C SER C 95 15.01 29.46 10.94
N GLU C 96 15.04 30.29 11.99
CA GLU C 96 13.82 30.72 12.70
C GLU C 96 12.88 31.51 11.75
N LYS C 97 13.41 32.21 10.75
CA LYS C 97 12.57 33.03 9.84
C LYS C 97 11.56 32.16 9.07
N TYR C 98 11.91 30.91 8.75
CA TYR C 98 10.96 30.05 8.01
C TYR C 98 9.81 29.66 8.94
N ASN C 99 10.13 29.32 10.19
CA ASN C 99 9.09 28.95 11.18
C ASN C 99 8.23 30.17 11.53
N ARG C 100 8.85 31.35 11.63
CA ARG C 100 8.10 32.58 11.98
C ARG C 100 7.11 32.90 10.86
N LEU C 101 7.50 32.75 9.59
CA LEU C 101 6.56 33.05 8.50
C LEU C 101 5.39 32.05 8.53
N PHE C 102 5.68 30.77 8.78
CA PHE C 102 4.59 29.76 8.79
C PHE C 102 3.61 30.04 9.94
N ARG C 103 4.13 30.29 11.15
CA ARG C 103 3.27 30.57 12.34
C ARG C 103 2.40 31.81 12.08
N GLU C 104 2.97 32.86 11.47
CA GLU C 104 2.22 34.11 11.19
C GLU C 104 1.03 33.84 10.25
N ILE C 105 1.25 33.07 9.20
CA ILE C 105 0.17 32.76 8.20
C ILE C 105 -0.87 31.82 8.83
N ALA C 106 -0.41 30.71 9.44
CA ALA C 106 -1.30 29.69 10.03
C ALA C 106 -2.16 30.23 11.18
N SER C 107 -1.65 31.20 11.93
CA SER C 107 -2.39 31.76 13.10
C SER C 107 -3.34 32.90 12.71
N ALA C 108 -3.32 33.33 11.45
CA ALA C 108 -4.18 34.46 11.02
C ALA C 108 -5.55 33.98 10.50
N GLY C 109 -6.57 34.81 10.68
CA GLY C 109 -7.95 34.55 10.23
C GLY C 109 -8.49 33.19 10.69
N VAL C 110 -9.31 32.59 9.83
CA VAL C 110 -9.96 31.27 10.10
C VAL C 110 -8.87 30.20 10.29
N VAL C 111 -9.15 29.24 11.18
CA VAL C 111 -8.25 28.10 11.48
C VAL C 111 -8.11 27.24 10.22
N ASP C 112 -6.89 26.81 9.91
CA ASP C 112 -6.57 25.95 8.74
C ASP C 112 -6.28 24.55 9.30
N ALA C 113 -7.17 23.59 9.01
CA ALA C 113 -7.03 22.20 9.52
C ALA C 113 -5.62 21.65 9.29
N LYS C 114 -5.18 21.59 8.03
CA LYS C 114 -3.85 21.00 7.72
C LYS C 114 -2.71 21.83 8.34
N ALA C 115 -2.83 23.15 8.36
CA ALA C 115 -1.77 24.01 8.92
C ALA C 115 -1.69 23.78 10.44
N THR C 116 -2.83 23.53 11.09
CA THR C 116 -2.87 23.32 12.57
C THR C 116 -2.06 22.06 12.93
N GLU C 117 -2.05 21.05 12.06
CA GLU C 117 -1.29 19.79 12.34
C GLU C 117 0.20 20.13 12.49
N GLN C 118 0.72 21.03 11.66
CA GLN C 118 2.15 21.44 11.65
C GLN C 118 2.42 22.52 12.71
N LEU C 119 1.40 23.31 13.05
CA LEU C 119 1.53 24.44 14.01
C LEU C 119 1.45 24.00 15.47
N ALA C 120 0.47 23.15 15.83
CA ALA C 120 0.25 22.70 17.23
C ALA C 120 1.55 22.27 17.92
N PRO C 121 2.38 21.38 17.30
CA PRO C 121 3.62 20.93 17.92
C PRO C 121 4.69 22.01 18.20
N GLN C 122 4.53 23.20 17.63
CA GLN C 122 5.51 24.31 17.79
C GLN C 122 5.04 25.28 18.88
N LEU C 123 3.81 25.10 19.39
CA LEU C 123 3.28 26.05 20.40
C LEU C 123 3.37 25.51 21.83
N MSE C 124 3.19 26.44 22.76
CA MSE C 124 3.19 26.18 24.19
C MSE C 124 1.93 26.85 24.75
O MSE C 124 1.42 27.78 24.13
CB MSE C 124 4.47 26.70 24.84
CG MSE C 124 4.48 28.17 25.14
SE MSE C 124 6.26 28.59 25.86
CE MSE C 124 6.11 30.33 26.77
N LEU C 125 1.44 26.37 25.89
CA LEU C 125 0.20 26.88 26.47
C LEU C 125 0.47 27.92 27.55
N LEU C 126 -0.49 28.84 27.71
CA LEU C 126 -0.47 29.96 28.70
C LEU C 126 -1.87 30.13 29.31
N ASN C 127 -1.97 30.84 30.45
CA ASN C 127 -3.27 31.09 31.14
C ASN C 127 -3.50 32.62 31.27
N ASN C 130 -3.18 31.97 35.93
CA ASN C 130 -4.31 32.04 36.90
C ASN C 130 -5.63 32.15 36.14
N ASP C 131 -5.85 31.25 35.16
CA ASP C 131 -7.09 31.24 34.33
C ASP C 131 -8.25 30.72 35.19
N GLY C 132 -9.44 30.60 34.60
CA GLY C 132 -10.63 30.10 35.33
C GLY C 132 -10.63 28.58 35.41
N PHE C 133 -9.56 27.93 34.92
CA PHE C 133 -9.49 26.44 34.96
C PHE C 133 -8.04 25.97 34.77
N GLY C 134 -7.77 24.75 35.24
CA GLY C 134 -6.44 24.12 35.11
C GLY C 134 -5.41 24.73 36.04
N GLY C 135 -4.94 25.93 35.72
CA GLY C 135 -3.92 26.66 36.51
C GLY C 135 -2.53 26.02 36.44
N ARG C 136 -2.47 24.72 36.74
CA ARG C 136 -1.23 23.92 36.74
C ARG C 136 -1.27 22.89 35.59
N ALA C 137 -2.24 23.02 34.68
CA ALA C 137 -2.43 22.07 33.54
C ALA C 137 -2.92 20.74 34.11
N ASP C 138 -3.68 20.83 35.21
CA ASP C 138 -4.28 19.69 35.95
C ASP C 138 -5.00 18.76 34.98
N PRO C 139 -5.98 19.24 34.19
CA PRO C 139 -6.71 18.39 33.25
C PRO C 139 -5.91 17.92 32.02
N LEU C 140 -4.91 18.68 31.59
CA LEU C 140 -4.11 18.30 30.39
C LEU C 140 -3.22 17.10 30.68
N SER C 141 -2.41 17.17 31.74
CA SER C 141 -1.52 16.04 32.09
C SER C 141 -2.35 14.75 32.20
N LYS C 142 -3.56 14.85 32.73
CA LYS C 142 -4.45 13.66 32.88
C LYS C 142 -4.97 13.20 31.52
N LEU C 143 -5.50 14.11 30.70
CA LEU C 143 -6.02 13.73 29.36
C LEU C 143 -4.88 13.14 28.51
N VAL C 144 -3.66 13.66 28.64
CA VAL C 144 -2.52 13.13 27.85
C VAL C 144 -2.27 11.68 28.29
N LEU C 145 -2.41 11.38 29.59
CA LEU C 145 -2.21 10.01 30.11
C LEU C 145 -3.32 9.09 29.56
N VAL C 146 -4.57 9.55 29.53
CA VAL C 146 -5.68 8.72 28.98
C VAL C 146 -5.40 8.47 27.49
N ALA C 147 -4.95 9.50 26.78
CA ALA C 147 -4.62 9.40 25.34
C ALA C 147 -3.57 8.30 25.15
N LYS C 148 -2.55 8.25 26.00
CA LYS C 148 -1.48 7.23 25.89
C LYS C 148 -2.05 5.84 26.23
N GLN C 149 -3.02 5.79 27.14
CA GLN C 149 -3.67 4.50 27.49
C GLN C 149 -4.37 3.97 26.23
N LEU C 150 -5.08 4.87 25.53
CA LEU C 150 -5.81 4.53 24.28
C LEU C 150 -4.82 4.18 23.16
N GLU C 151 -3.71 4.94 23.06
CA GLU C 151 -2.71 4.68 21.99
C GLU C 151 -2.06 3.31 22.23
N ASN C 152 -1.81 2.94 23.48
CA ASN C 152 -1.22 1.61 23.78
C ASN C 152 -2.18 0.53 23.27
N ASP C 153 -3.48 0.79 23.40
CA ASP C 153 -4.59 -0.13 23.00
C ASP C 153 -4.86 -0.06 21.49
N GLY C 154 -4.06 0.66 20.69
CA GLY C 154 -4.31 0.64 19.23
C GLY C 154 -4.63 1.98 18.59
N GLN C 155 -5.32 2.90 19.27
CA GLN C 155 -5.65 4.21 18.62
C GLN C 155 -4.35 4.93 18.22
N VAL C 156 -4.44 5.91 17.31
CA VAL C 156 -3.20 6.61 16.84
C VAL C 156 -3.38 8.14 16.93
N GLY C 157 -2.31 8.84 17.32
CA GLY C 157 -2.26 10.32 17.43
C GLY C 157 -3.39 10.91 18.25
N VAL C 158 -3.86 10.21 19.29
CA VAL C 158 -4.97 10.74 20.14
C VAL C 158 -4.48 11.99 20.89
N ALA C 159 -3.23 12.00 21.34
CA ALA C 159 -2.68 13.15 22.11
C ALA C 159 -2.35 14.31 21.17
N ARG C 160 -1.81 14.02 19.98
CA ARG C 160 -1.45 15.08 19.01
C ARG C 160 -2.73 15.84 18.61
N GLN C 161 -3.84 15.12 18.42
CA GLN C 161 -5.13 15.71 18.00
C GLN C 161 -5.79 16.46 19.16
N LEU C 162 -5.47 16.09 20.41
CA LEU C 162 -6.05 16.82 21.57
C LEU C 162 -5.53 18.27 21.53
N LEU C 163 -4.23 18.44 21.26
CA LEU C 163 -3.60 19.79 21.19
C LEU C 163 -4.15 20.54 19.97
N GLU C 164 -4.32 19.85 18.85
CA GLU C 164 -4.84 20.48 17.60
C GLU C 164 -6.28 20.97 17.85
N LYS C 165 -7.08 20.17 18.56
CA LYS C 165 -8.50 20.52 18.85
C LYS C 165 -8.59 21.66 19.85
N MSE C 166 -7.68 21.66 20.82
CA MSE C 166 -7.70 22.72 21.84
C MSE C 166 -7.34 24.04 21.19
O MSE C 166 -7.90 25.08 21.53
CB MSE C 166 -6.73 22.38 22.96
CG MSE C 166 -7.33 21.46 23.99
SE MSE C 166 -5.96 21.20 25.34
CE MSE C 166 -5.47 23.02 25.92
N TYR C 167 -6.38 24.00 20.26
CA TYR C 167 -5.97 25.19 19.53
C TYR C 167 -7.14 25.68 18.67
N SER C 168 -7.85 24.73 18.04
CA SER C 168 -9.00 25.06 17.16
C SER C 168 -10.17 25.62 17.99
N ALA C 169 -10.44 25.01 19.14
CA ALA C 169 -11.55 25.45 20.02
C ALA C 169 -11.26 26.87 20.52
N ALA C 170 -10.04 27.12 20.98
CA ALA C 170 -9.63 28.44 21.49
C ALA C 170 -9.80 29.48 20.37
N ALA C 171 -9.37 29.14 19.16
CA ALA C 171 -9.49 30.07 18.00
C ALA C 171 -10.96 30.37 17.71
N VAL C 172 -11.82 29.35 17.82
CA VAL C 172 -13.29 29.51 17.56
C VAL C 172 -13.90 30.40 18.66
N LEU C 173 -13.44 30.20 19.91
CA LEU C 173 -13.95 30.98 21.06
C LEU C 173 -13.50 32.45 20.96
N SER C 174 -12.35 32.71 20.34
CA SER C 174 -11.83 34.10 20.21
C SER C 174 -12.45 34.84 19.02
N ASN C 175 -12.80 34.12 17.96
CA ASN C 175 -13.40 34.73 16.73
C ASN C 175 -14.62 33.92 16.30
N PRO C 176 -15.70 33.89 17.13
CA PRO C 176 -16.89 33.12 16.81
C PRO C 176 -17.61 33.57 15.53
N THR C 177 -17.46 34.85 15.16
CA THR C 177 -18.08 35.43 13.95
C THR C 177 -17.59 34.74 12.67
N LEU C 178 -16.50 33.96 12.76
CA LEU C 178 -15.93 33.27 11.57
C LEU C 178 -16.33 31.78 11.55
N TYR C 179 -17.21 31.34 12.45
CA TYR C 179 -17.56 29.90 12.47
C TYR C 179 -19.08 29.70 12.62
N SER C 180 -19.55 28.49 12.26
CA SER C 180 -20.98 28.13 12.33
C SER C 180 -21.40 27.89 13.79
N ASP C 181 -22.71 27.86 14.04
CA ASP C 181 -23.26 27.63 15.41
C ASP C 181 -22.82 26.25 15.90
N SER C 182 -22.79 25.26 15.00
CA SER C 182 -22.38 23.87 15.33
C SER C 182 -20.93 23.88 15.83
N GLU C 183 -20.07 24.66 15.18
CA GLU C 183 -18.62 24.77 15.53
C GLU C 183 -18.45 25.51 16.86
N LYS C 184 -19.23 26.57 17.08
CA LYS C 184 -19.16 27.35 18.35
C LYS C 184 -19.62 26.48 19.51
N ALA C 185 -20.59 25.59 19.26
CA ALA C 185 -21.13 24.68 20.31
C ALA C 185 -20.08 23.62 20.64
N ASN C 186 -19.37 23.11 19.64
CA ASN C 186 -18.33 22.07 19.84
C ASN C 186 -17.14 22.65 20.61
N ALA C 187 -16.72 23.87 20.25
CA ALA C 187 -15.58 24.54 20.91
C ALA C 187 -15.90 24.77 22.39
N SER C 188 -17.09 25.29 22.69
CA SER C 188 -17.48 25.53 24.10
C SER C 188 -17.56 24.21 24.85
N LYS C 189 -18.07 23.16 24.20
CA LYS C 189 -18.22 21.84 24.86
C LYS C 189 -16.83 21.28 25.24
N LEU C 190 -15.90 21.27 24.28
CA LEU C 190 -14.53 20.73 24.55
C LEU C 190 -13.85 21.52 25.67
N LEU C 191 -13.78 22.86 25.54
CA LEU C 191 -13.12 23.71 26.57
C LEU C 191 -13.87 23.60 27.90
N SER C 192 -15.21 23.57 27.89
CA SER C 192 -15.96 23.46 29.17
C SER C 192 -15.68 22.09 29.81
N SER C 193 -15.33 21.09 28.99
CA SER C 193 -15.00 19.73 29.52
C SER C 193 -13.69 19.77 30.29
N LEU C 194 -12.70 20.54 29.81
CA LEU C 194 -11.39 20.65 30.51
C LEU C 194 -11.65 21.33 31.86
N ALA C 195 -12.56 22.31 31.89
CA ALA C 195 -12.90 23.04 33.14
C ALA C 195 -13.62 22.09 34.10
N ALA C 196 -14.36 21.11 33.56
CA ALA C 196 -15.09 20.13 34.39
C ALA C 196 -14.09 19.23 35.12
N ILE C 197 -13.06 18.75 34.41
CA ILE C 197 -11.99 17.88 34.98
C ILE C 197 -11.30 18.61 36.13
N HIS C 198 -11.22 19.94 36.05
CA HIS C 198 -10.58 20.73 37.14
C HIS C 198 -11.56 20.92 38.29
N ALA C 199 -12.82 21.23 37.97
CA ALA C 199 -13.87 21.44 38.99
C ALA C 199 -14.03 20.18 39.84
N LYS C 200 -14.08 19.01 39.17
CA LYS C 200 -14.24 17.70 39.85
C LYS C 200 -12.98 16.86 39.58
N ASN C 201 -11.90 17.15 40.34
CA ASN C 201 -10.61 16.42 40.19
C ASN C 201 -10.84 14.93 40.44
N PRO C 202 -10.56 14.05 39.44
CA PRO C 202 -10.78 12.61 39.61
C PRO C 202 -9.96 11.97 40.74
N MSE C 203 -8.94 12.69 41.23
CA MSE C 203 -8.10 12.19 42.30
C MSE C 203 -8.88 12.14 43.62
O MSE C 203 -8.50 11.41 44.52
CB MSE C 203 -6.87 13.09 42.48
CG MSE C 203 -5.90 13.08 41.32
SE MSE C 203 -5.02 11.33 41.12
CE MSE C 203 -4.09 10.94 42.79
N HIS C 204 -9.95 12.94 43.73
CA HIS C 204 -10.74 12.98 44.96
C HIS C 204 -11.98 12.08 44.85
N ASP C 205 -12.22 11.45 43.69
CA ASP C 205 -13.41 10.57 43.54
C ASP C 205 -13.25 9.36 44.47
N THR C 206 -14.35 8.95 45.11
CA THR C 206 -14.33 7.80 46.06
C THR C 206 -15.12 6.61 45.51
N SER C 207 -15.74 6.75 44.33
CA SER C 207 -16.51 5.62 43.72
C SER C 207 -15.54 4.73 42.95
N MSE C 208 -14.42 5.32 42.53
CA MSE C 208 -13.39 4.60 41.79
C MSE C 208 -12.04 5.25 42.07
O MSE C 208 -11.98 6.48 42.26
CB MSE C 208 -13.72 4.60 40.29
CG MSE C 208 -13.69 5.98 39.64
SE MSE C 208 -13.92 5.94 37.68
CE MSE C 208 -15.81 5.70 37.21
N LYS C 209 -10.97 4.44 42.10
CA LYS C 209 -9.64 5.00 42.35
C LYS C 209 -8.89 5.01 41.01
N VAL C 210 -8.67 6.21 40.47
CA VAL C 210 -7.96 6.38 39.16
C VAL C 210 -6.45 6.25 39.35
N TRP C 211 -5.96 6.19 40.60
CA TRP C 211 -4.50 6.09 40.86
C TRP C 211 -4.15 4.73 41.51
N GLN C 212 -2.92 4.26 41.28
CA GLN C 212 -2.41 2.99 41.84
C GLN C 212 -1.59 3.32 43.09
N GLU C 213 -0.72 4.33 43.00
CA GLU C 213 0.10 4.78 44.18
C GLU C 213 0.41 6.28 44.05
N LYS C 214 0.70 6.90 45.20
CA LYS C 214 1.03 8.35 45.29
C LYS C 214 2.37 8.49 46.02
N LEU C 215 3.46 8.59 45.25
CA LEU C 215 4.85 8.74 45.79
C LEU C 215 5.08 10.19 46.22
N GLU C 216 5.14 10.42 47.54
CA GLU C 216 5.32 11.78 48.11
C GLU C 216 6.14 11.70 49.39
N GLY C 217 6.46 12.86 49.98
CA GLY C 217 7.22 12.92 51.24
C GLY C 217 8.55 12.19 51.15
N LYS C 218 8.80 11.26 52.08
CA LYS C 218 10.06 10.48 52.13
C LYS C 218 10.10 9.46 50.99
N GLN C 219 8.98 9.26 50.27
CA GLN C 219 8.94 8.28 49.16
C GLN C 219 8.95 9.02 47.82
N ALA C 220 9.05 10.36 47.87
CA ALA C 220 9.07 11.22 46.66
C ALA C 220 10.18 10.74 45.70
N LEU C 221 9.96 10.92 44.40
CA LEU C 221 10.95 10.50 43.37
C LEU C 221 11.73 11.70 42.84
N THR C 222 12.96 11.45 42.42
CA THR C 222 13.85 12.45 41.78
C THR C 222 13.64 12.28 40.28
N VAL C 223 14.34 13.03 39.43
CA VAL C 223 14.15 12.84 37.96
C VAL C 223 14.65 11.43 37.61
N ASN C 224 15.73 10.97 38.25
CA ASN C 224 16.28 9.61 37.98
C ASN C 224 15.26 8.56 38.39
N GLY C 225 14.55 8.80 39.52
CA GLY C 225 13.53 7.85 39.99
C GLY C 225 12.44 7.66 38.94
N VAL C 226 11.96 8.78 38.39
CA VAL C 226 10.90 8.77 37.33
C VAL C 226 11.45 8.03 36.10
N VAL C 227 12.70 8.31 35.72
CA VAL C 227 13.31 7.64 34.52
C VAL C 227 13.32 6.13 34.72
N GLU C 228 13.73 5.67 35.91
CA GLU C 228 13.82 4.19 36.16
C GLU C 228 12.41 3.60 36.09
N LYS C 229 11.41 4.26 36.67
CA LYS C 229 10.00 3.78 36.66
C LYS C 229 9.47 3.69 35.21
N ILE C 230 9.74 4.72 34.40
CA ILE C 230 9.26 4.78 32.99
C ILE C 230 10.00 3.76 32.10
N THR C 231 11.32 3.66 32.24
CA THR C 231 12.14 2.77 31.37
C THR C 231 12.30 1.34 31.94
N ASP C 232 11.80 1.08 33.15
CA ASP C 232 11.97 -0.25 33.79
C ASP C 232 11.58 -1.35 32.80
N ALA C 233 12.53 -2.23 32.47
CA ALA C 233 12.32 -3.35 31.52
C ALA C 233 11.29 -4.35 32.05
N SER C 234 10.93 -4.28 33.33
CA SER C 234 9.95 -5.21 33.94
C SER C 234 8.51 -4.84 33.55
N ALA C 235 8.31 -3.77 32.78
CA ALA C 235 6.94 -3.35 32.36
C ALA C 235 6.55 -3.97 31.01
N ASN C 236 7.40 -4.84 30.46
CA ASN C 236 7.12 -5.53 29.17
C ASN C 236 6.33 -4.62 28.22
N GLY C 237 5.18 -5.11 27.75
CA GLY C 237 4.31 -4.36 26.82
C GLY C 237 3.16 -3.70 27.55
N LYS C 238 3.34 -3.38 28.84
CA LYS C 238 2.24 -2.74 29.61
C LYS C 238 2.54 -1.25 29.67
N PRO C 239 1.50 -0.39 29.78
CA PRO C 239 1.70 1.04 29.83
C PRO C 239 2.03 1.58 31.22
N VAL C 240 2.96 2.53 31.29
CA VAL C 240 3.36 3.22 32.55
C VAL C 240 2.82 4.65 32.41
N LEU C 241 1.85 5.05 33.23
CA LEU C 241 1.25 6.40 33.17
C LEU C 241 1.53 7.16 34.47
N LEU C 242 2.42 8.16 34.42
CA LEU C 242 2.78 8.93 35.64
C LEU C 242 2.44 10.41 35.50
N GLU C 243 1.87 11.00 36.54
CA GLU C 243 1.61 12.47 36.58
C GLU C 243 2.70 13.05 37.48
N LEU C 244 3.55 13.93 36.95
CA LEU C 244 4.64 14.53 37.75
C LEU C 244 4.16 15.90 38.26
N ASP C 245 3.95 16.03 39.57
CA ASP C 245 3.44 17.30 40.16
C ASP C 245 4.57 18.10 40.82
N ALA C 246 4.70 19.37 40.41
CA ALA C 246 5.65 20.36 40.95
C ALA C 246 4.79 21.50 41.50
N PRO C 247 5.29 22.38 42.39
CA PRO C 247 4.46 23.46 42.92
C PRO C 247 3.78 24.26 41.80
N GLY C 248 2.44 24.20 41.75
CA GLY C 248 1.62 24.92 40.76
C GLY C 248 1.96 24.57 39.31
N HIS C 249 2.46 23.36 39.05
CA HIS C 249 2.80 22.97 37.65
C HIS C 249 2.76 21.43 37.53
N ALA C 250 1.86 20.91 36.70
CA ALA C 250 1.70 19.43 36.51
C ALA C 250 2.22 19.02 35.13
N MSE C 251 2.94 17.89 35.12
CA MSE C 251 3.51 17.32 33.91
C MSE C 251 3.11 15.86 33.84
O MSE C 251 2.49 15.34 34.76
CB MSE C 251 5.03 17.45 33.94
CG MSE C 251 5.55 18.87 33.77
SE MSE C 251 7.23 19.15 34.75
CE MSE C 251 6.80 18.97 36.65
N ALA C 252 3.48 15.20 32.75
CA ALA C 252 3.15 13.79 32.57
C ALA C 252 4.34 13.07 31.91
N ALA C 253 4.50 11.79 32.24
CA ALA C 253 5.56 10.93 31.69
C ALA C 253 4.92 9.56 31.43
N TRP C 254 5.39 8.83 30.42
CA TRP C 254 4.74 7.52 30.13
C TRP C 254 5.63 6.62 29.29
N ALA C 255 5.18 5.37 29.18
CA ALA C 255 5.81 4.30 28.37
C ALA C 255 4.65 3.51 27.78
N LYS C 256 4.68 3.22 26.48
CA LYS C 256 3.56 2.48 25.84
C LYS C 256 4.09 1.67 24.65
N GLY C 257 3.40 0.60 24.28
CA GLY C 257 3.81 -0.24 23.14
C GLY C 257 4.71 -1.37 23.61
N SER C 258 5.15 -2.21 22.67
CA SER C 258 6.00 -3.38 23.01
C SER C 258 7.08 -3.56 21.95
N GLY C 259 8.21 -4.16 22.34
CA GLY C 259 9.33 -4.40 21.42
C GLY C 259 9.84 -3.11 20.81
N ASP C 260 10.05 -3.12 19.49
CA ASP C 260 10.56 -1.94 18.73
C ASP C 260 9.55 -0.80 18.78
N ASP C 261 8.26 -1.12 18.97
CA ASP C 261 7.19 -0.08 19.02
C ASP C 261 7.09 0.57 20.40
N ARG C 262 7.80 0.06 21.40
CA ARG C 262 7.71 0.72 22.74
C ARG C 262 8.28 2.13 22.64
N VAL C 263 7.57 3.11 23.21
CA VAL C 263 7.96 4.53 23.20
C VAL C 263 7.91 5.09 24.63
N TYR C 264 8.86 5.98 24.96
CA TYR C 264 8.95 6.64 26.29
C TYR C 264 8.71 8.13 26.04
N GLY C 265 7.75 8.75 26.73
CA GLY C 265 7.46 10.16 26.45
C GLY C 265 7.32 11.03 27.69
N PHE C 266 7.25 12.35 27.44
CA PHE C 266 7.14 13.38 28.49
C PHE C 266 6.28 14.53 27.96
N TYR C 267 5.40 15.05 28.82
CA TYR C 267 4.55 16.20 28.43
C TYR C 267 4.68 17.33 29.45
N ASP C 268 4.87 18.53 28.92
CA ASP C 268 5.00 19.78 29.72
C ASP C 268 4.35 20.88 28.89
N PRO C 269 3.42 21.69 29.44
CA PRO C 269 2.80 22.77 28.67
C PRO C 269 3.81 23.64 27.92
N ASN C 270 5.05 23.72 28.42
CA ASN C 270 6.11 24.54 27.78
C ASN C 270 6.81 23.76 26.67
N ALA C 271 7.31 22.55 26.96
CA ALA C 271 8.03 21.74 25.96
C ALA C 271 7.07 20.99 25.03
N GLY C 272 5.82 20.83 25.42
CA GLY C 272 4.88 20.07 24.58
C GLY C 272 5.12 18.58 24.76
N ILE C 273 4.75 17.77 23.77
CA ILE C 273 4.93 16.28 23.84
C ILE C 273 6.26 15.89 23.20
N VAL C 274 7.07 15.10 23.92
CA VAL C 274 8.37 14.58 23.38
C VAL C 274 8.38 13.07 23.61
N GLU C 275 8.66 12.29 22.58
CA GLU C 275 8.70 10.80 22.69
C GLU C 275 9.98 10.25 22.05
N PHE C 276 10.46 9.12 22.57
CA PHE C 276 11.68 8.43 22.08
C PHE C 276 11.48 6.92 22.06
N SER C 277 12.13 6.25 21.10
CA SER C 277 12.08 4.77 21.02
C SER C 277 13.14 4.25 21.98
N SER C 278 14.19 5.06 22.20
CA SER C 278 15.36 4.74 23.05
C SER C 278 15.14 5.15 24.51
N ALA C 279 15.27 4.18 25.43
CA ALA C 279 15.14 4.46 26.88
C ALA C 279 16.31 5.35 27.29
N GLU C 280 17.49 5.12 26.69
CA GLU C 280 18.71 5.90 26.99
C GLU C 280 18.48 7.37 26.61
N LYS C 281 17.96 7.63 25.41
CA LYS C 281 17.72 9.04 24.99
C LYS C 281 16.65 9.66 25.88
N PHE C 282 15.62 8.90 26.26
CA PHE C 282 14.57 9.46 27.14
C PHE C 282 15.20 9.90 28.45
N GLY C 283 16.04 9.03 29.02
CA GLY C 283 16.72 9.34 30.29
C GLY C 283 17.64 10.54 30.16
N ASP C 284 18.36 10.62 29.05
CA ASP C 284 19.30 11.74 28.81
C ASP C 284 18.50 13.03 28.67
N TYR C 285 17.35 12.98 27.99
CA TYR C 285 16.49 14.17 27.80
C TYR C 285 15.93 14.67 29.13
N LEU C 286 15.32 13.78 29.89
CA LEU C 286 14.67 14.19 31.17
C LEU C 286 15.74 14.70 32.17
N THR C 287 16.89 14.02 32.24
CA THR C 287 17.98 14.42 33.16
C THR C 287 18.49 15.82 32.83
N ARG C 288 18.67 16.11 31.53
CA ARG C 288 19.17 17.43 31.05
C ARG C 288 18.05 18.46 31.08
N PHE C 289 16.79 18.01 30.99
CA PHE C 289 15.65 18.96 31.03
C PHE C 289 15.59 19.63 32.41
N PHE C 290 15.66 18.82 33.46
CA PHE C 290 15.58 19.31 34.86
C PHE C 290 16.96 19.65 35.45
N GLY C 291 18.03 19.03 34.95
CA GLY C 291 19.40 19.25 35.48
C GLY C 291 20.00 20.61 35.18
N LYS C 292 20.96 21.02 36.02
CA LYS C 292 21.67 22.33 35.88
C LYS C 292 22.57 22.32 34.64
N SER C 293 22.91 21.14 34.12
CA SER C 293 23.81 21.04 32.94
C SER C 293 23.17 21.66 31.70
N ASP C 294 21.83 21.68 31.61
CA ASP C 294 21.20 22.26 30.40
C ASP C 294 20.08 23.26 30.75
N LEU C 295 18.83 22.83 30.68
CA LEU C 295 17.67 23.75 30.91
C LEU C 295 17.49 24.09 32.40
N ASN C 296 17.84 23.19 33.32
CA ASN C 296 17.71 23.51 34.76
C ASN C 296 16.26 23.83 35.11
N MSE C 297 15.32 23.04 34.59
CA MSE C 297 13.90 23.28 34.82
C MSE C 297 13.50 22.88 36.24
O MSE C 297 12.49 23.35 36.74
CB MSE C 297 13.06 22.56 33.77
CG MSE C 297 13.24 23.09 32.37
SE MSE C 297 13.04 25.03 32.23
CE MSE C 297 11.18 25.39 32.72
N ALA C 298 14.28 22.00 36.88
CA ALA C 298 13.98 21.58 38.24
C ALA C 298 13.98 22.82 39.15
N GLN C 299 14.92 23.74 38.91
CA GLN C 299 15.00 24.97 39.75
C GLN C 299 13.97 25.99 39.23
N SER C 300 13.65 25.96 37.95
CA SER C 300 12.65 26.90 37.38
C SER C 300 11.26 26.55 37.90
N TYR C 301 10.95 25.25 38.04
CA TYR C 301 9.62 24.83 38.56
C TYR C 301 9.66 24.75 40.08
N LYS C 302 10.77 25.24 40.66
CA LYS C 302 11.02 25.30 42.12
C LYS C 302 10.75 23.97 42.81
N LEU C 303 11.43 22.91 42.35
CA LEU C 303 11.28 21.57 42.98
C LEU C 303 12.01 21.57 44.32
N GLY C 304 11.46 20.86 45.32
CA GLY C 304 12.10 20.75 46.63
C GLY C 304 13.25 19.75 46.53
N LYS C 305 13.96 19.49 47.62
CA LYS C 305 15.09 18.53 47.56
C LYS C 305 14.95 17.47 48.66
N ASN C 306 15.53 16.29 48.43
CA ASN C 306 15.50 15.19 49.43
C ASN C 306 16.69 15.40 50.38
N ASP C 307 16.86 14.55 51.38
CA ASP C 307 17.98 14.72 52.36
C ASP C 307 19.33 14.77 51.63
N ALA C 308 19.43 14.16 50.44
CA ALA C 308 20.70 14.14 49.69
C ALA C 308 20.88 15.44 48.89
N GLY C 309 19.87 16.31 48.86
CA GLY C 309 19.94 17.56 48.10
C GLY C 309 19.56 17.36 46.65
N GLU C 310 18.97 16.21 46.32
CA GLU C 310 18.55 15.89 44.94
C GLU C 310 17.12 16.44 44.72
N ALA C 311 16.88 17.10 43.58
CA ALA C 311 15.54 17.68 43.29
C ALA C 311 14.51 16.55 43.22
N ILE C 312 13.36 16.74 43.86
CA ILE C 312 12.26 15.73 43.88
C ILE C 312 10.93 16.38 43.51
N PHE C 313 10.03 15.60 42.93
CA PHE C 313 8.67 16.11 42.59
C PHE C 313 7.84 16.10 43.87
N ASN C 314 7.03 17.14 44.09
CA ASN C 314 6.19 17.20 45.31
C ASN C 314 5.34 15.94 45.38
N ARG C 315 5.01 15.38 44.22
CA ARG C 315 4.17 14.15 44.16
C ARG C 315 4.25 13.53 42.78
N VAL C 316 4.27 12.20 42.73
CA VAL C 316 4.28 11.42 41.46
C VAL C 316 3.11 10.43 41.59
N VAL C 317 2.14 10.53 40.69
CA VAL C 317 0.95 9.63 40.76
C VAL C 317 1.07 8.53 39.71
N VAL C 318 1.13 7.27 40.15
CA VAL C 318 1.14 6.14 39.19
C VAL C 318 -0.33 5.91 38.86
N MSE C 319 -0.74 6.34 37.67
CA MSE C 319 -2.13 6.26 37.25
C MSE C 319 -2.52 4.87 36.76
O MSE C 319 -1.67 4.05 36.43
CB MSE C 319 -2.38 7.28 36.13
CG MSE C 319 -3.75 7.88 36.12
SE MSE C 319 -4.07 9.09 37.62
CE MSE C 319 -3.02 10.72 37.40
N ASP C 320 -3.84 4.66 36.72
CA ASP C 320 -4.47 3.45 36.22
C ASP C 320 -5.23 3.90 34.96
N GLY C 321 -4.59 3.78 33.80
CA GLY C 321 -5.19 4.21 32.51
C GLY C 321 -6.63 3.78 32.32
N ASN C 322 -6.93 2.51 32.57
CA ASN C 322 -8.30 1.98 32.37
C ASN C 322 -9.33 2.73 33.25
N THR C 323 -9.06 2.86 34.56
CA THR C 323 -10.02 3.55 35.47
C THR C 323 -10.14 5.03 35.10
N LEU C 324 -9.02 5.72 34.85
CA LEU C 324 -9.05 7.16 34.50
C LEU C 324 -9.79 7.37 33.17
N ALA C 325 -9.57 6.49 32.19
CA ALA C 325 -10.22 6.62 30.87
C ALA C 325 -11.75 6.55 30.99
N SER C 326 -12.24 5.77 31.96
CA SER C 326 -13.71 5.59 32.16
C SER C 326 -14.29 6.61 33.14
N TYR C 327 -13.48 7.55 33.64
CA TYR C 327 -13.98 8.55 34.61
C TYR C 327 -14.87 9.60 33.92
N LYS C 328 -15.95 10.00 34.59
CA LYS C 328 -16.91 11.02 34.06
C LYS C 328 -16.74 12.31 34.86
N PRO C 329 -16.14 13.38 34.28
CA PRO C 329 -15.94 14.64 35.00
C PRO C 329 -17.22 15.43 35.33
N THR C 330 -18.16 15.50 34.38
CA THR C 330 -19.43 16.25 34.55
C THR C 330 -20.55 15.32 35.02
N PHE C 331 -21.08 15.58 36.22
CA PHE C 331 -22.18 14.77 36.81
C PHE C 331 -23.41 14.85 35.89
N GLY C 332 -24.19 13.76 35.84
CA GLY C 332 -25.39 13.69 34.98
C GLY C 332 -25.04 13.34 33.54
N ASP C 333 -23.94 13.90 33.03
CA ASP C 333 -23.46 13.67 31.64
C ASP C 333 -22.72 12.33 31.61
N LYS C 334 -22.84 11.58 30.52
CA LYS C 334 -22.19 10.25 30.35
C LYS C 334 -20.85 10.38 29.61
N THR C 335 -20.38 11.61 29.33
CA THR C 335 -19.09 11.79 28.62
C THR C 335 -17.94 11.40 29.55
N THR C 336 -17.10 10.45 29.13
CA THR C 336 -15.93 9.99 29.92
C THR C 336 -14.68 10.71 29.42
N MSE C 337 -13.55 10.50 30.11
CA MSE C 337 -12.29 11.11 29.74
C MSE C 337 -11.95 10.70 28.30
O MSE C 337 -11.51 11.53 27.51
CB MSE C 337 -11.19 10.69 30.71
CG MSE C 337 -11.40 11.16 32.13
SE MSE C 337 -10.96 13.04 32.35
CE MSE C 337 -9.02 13.17 32.49
N GLN C 338 -12.16 9.41 27.98
CA GLN C 338 -11.91 8.90 26.65
C GLN C 338 -12.88 9.62 25.68
N GLY C 339 -14.10 9.90 26.16
CA GLY C 339 -15.11 10.59 25.34
C GLY C 339 -14.67 12.00 24.99
N ILE C 340 -14.04 12.69 25.94
CA ILE C 340 -13.56 14.09 25.74
C ILE C 340 -12.47 14.11 24.65
N LEU C 341 -11.61 13.08 24.62
CA LEU C 341 -10.52 13.02 23.61
C LEU C 341 -11.12 12.83 22.21
N ASP C 342 -12.37 12.38 22.11
CA ASP C 342 -13.02 12.17 20.78
C ASP C 342 -13.94 13.34 20.42
N LEU C 343 -14.18 14.27 21.36
CA LEU C 343 -15.09 15.42 21.07
C LEU C 343 -14.62 16.16 19.81
N PRO C 344 -15.51 16.46 18.86
CA PRO C 344 -15.14 17.16 17.63
C PRO C 344 -15.18 18.69 17.78
N VAL C 345 -14.62 19.40 16.80
CA VAL C 345 -14.61 20.89 16.80
C VAL C 345 -15.18 21.33 15.44
N PHE C 346 -14.78 20.64 14.37
CA PHE C 346 -15.26 20.90 12.99
C PHE C 346 -15.80 19.56 12.49
N ASP C 347 -17.06 19.49 12.06
CA ASP C 347 -17.62 18.19 11.60
C ASP C 347 -19.08 18.38 11.16
N GLY D 5 -11.58 31.10 43.02
CA GLY D 5 -12.61 32.16 42.90
C GLY D 5 -13.38 32.06 41.59
N LEU D 6 -12.67 31.89 40.48
CA LEU D 6 -13.28 31.76 39.12
C LEU D 6 -13.90 30.36 38.94
N GLU D 7 -13.40 29.38 39.71
CA GLU D 7 -13.91 27.98 39.63
C GLU D 7 -15.35 27.93 40.17
N LYS D 8 -15.61 28.56 41.32
CA LYS D 8 -16.97 28.59 41.94
C LYS D 8 -17.92 29.43 41.09
N ASP D 9 -17.38 30.41 40.36
CA ASP D 9 -18.20 31.29 39.47
C ASP D 9 -18.59 30.52 38.20
N PHE D 10 -17.77 29.54 37.78
CA PHE D 10 -18.08 28.75 36.56
C PHE D 10 -19.07 27.62 36.91
N LYS D 11 -19.03 27.10 38.14
CA LYS D 11 -19.97 26.03 38.57
C LYS D 11 -21.39 26.59 38.65
N ARG D 12 -21.55 27.78 39.23
CA ARG D 12 -22.86 28.46 39.36
C ARG D 12 -23.43 28.75 37.97
N TYR D 13 -22.55 29.10 37.04
CA TYR D 13 -22.90 29.41 35.63
C TYR D 13 -23.36 28.14 34.90
N GLY D 14 -22.56 27.07 34.99
CA GLY D 14 -22.88 25.78 34.34
C GLY D 14 -24.21 25.22 34.82
N ASP D 15 -24.50 25.36 36.11
CA ASP D 15 -25.76 24.86 36.73
C ASP D 15 -26.95 25.68 36.22
N ALA D 16 -26.74 26.96 35.89
CA ALA D 16 -27.81 27.85 35.40
C ALA D 16 -28.23 27.44 33.97
N ASP D 29 -31.22 20.77 25.71
CA ASP D 29 -30.18 21.70 26.21
C ASP D 29 -30.33 23.05 25.50
N ILE D 30 -30.25 24.16 26.26
CA ILE D 30 -30.37 25.54 25.70
C ILE D 30 -29.07 25.92 25.00
N ARG D 31 -27.94 25.32 25.42
CA ARG D 31 -26.60 25.62 24.83
C ARG D 31 -26.49 25.10 23.39
N THR D 32 -27.49 24.35 22.90
CA THR D 32 -27.44 23.79 21.52
C THR D 32 -28.58 24.35 20.65
N THR D 33 -29.42 25.24 21.20
CA THR D 33 -30.54 25.83 20.42
C THR D 33 -29.97 26.91 19.49
N LYS D 34 -30.49 26.97 18.25
CA LYS D 34 -30.02 27.95 17.23
C LYS D 34 -30.27 29.39 17.72
N ASP D 35 -31.20 29.56 18.67
CA ASP D 35 -31.54 30.90 19.21
C ASP D 35 -30.40 31.36 20.13
N PHE D 36 -29.85 30.44 20.92
CA PHE D 36 -28.74 30.72 21.87
C PHE D 36 -27.43 30.95 21.12
N LEU D 37 -27.10 30.03 20.21
CA LEU D 37 -25.84 30.08 19.41
C LEU D 37 -25.76 31.33 18.54
N ASN D 38 -26.89 31.83 18.02
CA ASN D 38 -26.85 33.07 17.19
C ASN D 38 -26.41 34.26 18.07
N GLY D 39 -26.82 34.26 19.34
CA GLY D 39 -26.45 35.33 20.27
C GLY D 39 -25.04 35.14 20.82
N TYR D 40 -24.52 33.91 20.70
CA TYR D 40 -23.15 33.56 21.19
C TYR D 40 -22.12 34.13 20.21
N LYS D 41 -21.84 35.43 20.35
CA LYS D 41 -20.90 36.21 19.51
C LYS D 41 -20.23 37.27 20.40
N ASN D 42 -19.32 38.07 19.83
CA ASN D 42 -18.61 39.15 20.56
C ASN D 42 -19.34 40.50 20.37
N ASP D 43 -18.77 41.57 20.93
CA ASP D 43 -19.33 42.94 20.80
C ASP D 43 -20.82 42.96 21.14
N HIS D 44 -21.17 42.48 22.33
CA HIS D 44 -22.57 42.54 22.87
C HIS D 44 -22.73 41.44 23.93
N SER D 54 -18.27 45.52 29.90
CA SER D 54 -17.04 45.83 29.11
C SER D 54 -15.80 45.75 30.01
N ASP D 55 -15.94 46.22 31.25
CA ASP D 55 -14.81 46.19 32.24
C ASP D 55 -15.23 45.34 33.43
N MSE D 56 -16.34 44.61 33.27
CA MSE D 56 -16.87 43.76 34.32
C MSE D 56 -15.97 42.54 34.53
O MSE D 56 -15.26 42.13 33.60
CB MSE D 56 -18.27 43.26 33.95
CG MSE D 56 -19.40 44.22 34.30
SE MSE D 56 -21.13 43.64 33.55
CE MSE D 56 -21.14 44.01 31.63
N SER D 57 -16.00 42.00 35.74
CA SER D 57 -15.21 40.82 36.09
C SER D 57 -16.07 39.58 35.85
N ILE D 58 -15.44 38.41 35.72
CA ILE D 58 -16.19 37.14 35.48
C ILE D 58 -17.26 36.98 36.56
N LYS D 59 -16.92 37.31 37.82
CA LYS D 59 -17.89 37.19 38.94
C LYS D 59 -19.10 38.10 38.67
N GLN D 60 -18.85 39.35 38.27
CA GLN D 60 -19.94 40.32 37.98
C GLN D 60 -20.78 39.83 36.79
N LEU D 61 -20.13 39.23 35.77
CA LEU D 61 -20.85 38.74 34.57
C LEU D 61 -21.77 37.56 34.94
N VAL D 62 -21.33 36.68 35.84
CA VAL D 62 -22.16 35.51 36.25
C VAL D 62 -23.33 36.02 37.11
N ASP D 63 -23.10 37.06 37.93
CA ASP D 63 -24.18 37.65 38.78
C ASP D 63 -25.26 38.23 37.86
N LEU D 64 -24.84 38.92 36.80
CA LEU D 64 -25.79 39.54 35.82
C LEU D 64 -26.55 38.43 35.08
N PHE D 65 -25.91 37.27 34.90
CA PHE D 65 -26.53 36.13 34.18
C PHE D 65 -27.58 35.43 35.06
N VAL D 66 -27.23 35.14 36.33
CA VAL D 66 -28.16 34.45 37.27
C VAL D 66 -29.28 35.42 37.67
N LYS D 67 -28.92 36.57 38.26
CA LYS D 67 -29.93 37.59 38.70
C LYS D 67 -30.44 38.36 37.48
N GLY D 68 -31.46 37.83 36.80
CA GLY D 68 -32.05 38.49 35.62
C GLY D 68 -32.73 37.52 34.67
N ASN D 69 -33.89 37.92 34.12
CA ASN D 69 -34.66 37.10 33.16
C ASN D 69 -34.16 37.45 31.76
N TRP D 70 -33.55 36.50 31.05
CA TRP D 70 -33.00 36.77 29.69
C TRP D 70 -33.61 35.81 28.66
N SER D 71 -33.55 36.18 27.38
CA SER D 71 -34.08 35.36 26.26
C SER D 71 -33.00 34.37 25.82
N ALA D 72 -33.28 33.57 24.78
CA ALA D 72 -32.30 32.57 24.28
C ALA D 72 -31.05 33.28 23.75
N GLU D 73 -31.24 34.27 22.86
CA GLU D 73 -30.10 35.02 22.27
C GLU D 73 -29.38 35.85 23.34
N GLN D 74 -30.11 36.34 24.35
CA GLN D 74 -29.49 37.16 25.44
C GLN D 74 -28.60 36.27 26.32
N LYS D 75 -29.00 35.02 26.56
CA LYS D 75 -28.16 34.09 27.39
C LYS D 75 -26.89 33.75 26.60
N GLY D 76 -27.01 33.65 25.27
CA GLY D 76 -25.85 33.35 24.39
C GLY D 76 -24.82 34.47 24.41
N ALA D 77 -25.28 35.72 24.45
CA ALA D 77 -24.36 36.89 24.48
C ALA D 77 -23.52 36.86 25.75
N LEU D 78 -24.18 36.74 26.92
CA LEU D 78 -23.46 36.69 28.22
C LEU D 78 -22.62 35.41 28.28
N ALA D 79 -23.13 34.31 27.72
CA ALA D 79 -22.37 33.04 27.71
C ALA D 79 -21.02 33.25 27.04
N TRP D 80 -21.00 33.95 25.90
CA TRP D 80 -19.72 34.21 25.19
C TRP D 80 -18.83 35.13 26.03
N GLU D 81 -19.37 36.22 26.57
CA GLU D 81 -18.60 37.18 27.41
C GLU D 81 -17.98 36.43 28.60
N ILE D 82 -18.69 35.44 29.14
CA ILE D 82 -18.22 34.64 30.32
C ILE D 82 -17.21 33.58 29.86
N GLU D 83 -17.61 32.73 28.90
CA GLU D 83 -16.73 31.63 28.40
C GLU D 83 -15.47 32.19 27.72
N SER D 84 -15.59 33.28 26.95
CA SER D 84 -14.40 33.85 26.26
C SER D 84 -13.34 34.27 27.28
N ARG D 85 -13.75 34.53 28.52
CA ARG D 85 -12.83 34.95 29.61
C ARG D 85 -12.43 33.76 30.50
N ALA D 86 -13.41 32.96 30.95
CA ALA D 86 -13.16 31.81 31.84
C ALA D 86 -12.47 30.65 31.13
N LEU D 87 -12.92 30.30 29.92
CA LEU D 87 -12.35 29.14 29.16
C LEU D 87 -11.27 29.61 28.17
N LYS D 88 -10.66 30.78 28.41
CA LYS D 88 -9.61 31.29 27.49
C LYS D 88 -8.32 30.48 27.63
N VAL D 89 -7.76 30.06 26.51
CA VAL D 89 -6.48 29.30 26.44
C VAL D 89 -5.59 30.02 25.43
N THR D 90 -4.51 30.64 25.92
CA THR D 90 -3.60 31.39 25.02
C THR D 90 -2.40 30.53 24.63
N PHE D 91 -1.95 30.67 23.39
CA PHE D 91 -0.79 29.93 22.84
C PHE D 91 0.30 30.92 22.47
N GLN D 92 1.54 30.43 22.41
CA GLN D 92 2.71 31.25 22.04
C GLN D 92 3.77 30.30 21.50
N ASN D 93 4.69 30.79 20.67
CA ASN D 93 5.74 29.92 20.09
C ASN D 93 6.54 29.31 21.24
N LYS D 94 6.93 28.01 21.15
CA LYS D 94 7.70 27.44 22.28
C LYS D 94 9.13 27.98 22.20
N SER D 95 9.76 28.13 23.37
CA SER D 95 11.14 28.65 23.49
C SER D 95 12.09 27.77 22.67
N GLU D 96 13.11 28.38 22.07
CA GLU D 96 14.09 27.65 21.23
C GLU D 96 14.87 26.62 22.06
N LYS D 97 15.07 26.88 23.36
CA LYS D 97 15.85 25.95 24.24
C LYS D 97 15.19 24.57 24.29
N TYR D 98 13.85 24.47 24.22
CA TYR D 98 13.19 23.14 24.27
C TYR D 98 13.47 22.39 22.96
N ASN D 99 13.41 23.08 21.84
CA ASN D 99 13.69 22.44 20.53
C ASN D 99 15.17 22.07 20.43
N ARG D 100 16.05 22.93 20.96
CA ARG D 100 17.52 22.67 20.91
C ARG D 100 17.84 21.42 21.75
N LEU D 101 17.20 21.25 22.91
CA LEU D 101 17.49 20.06 23.74
C LEU D 101 17.01 18.79 23.00
N PHE D 102 15.84 18.87 22.36
CA PHE D 102 15.32 17.67 21.66
C PHE D 102 16.22 17.30 20.48
N ARG D 103 16.61 18.29 19.66
CA ARG D 103 17.48 18.05 18.49
C ARG D 103 18.81 17.46 18.93
N GLU D 104 19.39 17.96 20.03
CA GLU D 104 20.71 17.47 20.52
C GLU D 104 20.62 15.98 20.88
N ILE D 105 19.56 15.58 21.58
CA ILE D 105 19.39 14.16 22.01
C ILE D 105 19.09 13.27 20.80
N ALA D 106 18.10 13.67 20.00
CA ALA D 106 17.63 12.88 18.82
C ALA D 106 18.71 12.70 17.75
N SER D 107 19.61 13.67 17.60
CA SER D 107 20.66 13.61 16.56
C SER D 107 21.92 12.89 17.03
N ALA D 108 21.98 12.48 18.31
CA ALA D 108 23.18 11.81 18.83
C ALA D 108 23.08 10.28 18.68
N GLY D 109 24.24 9.62 18.51
CA GLY D 109 24.36 8.15 18.41
C GLY D 109 23.42 7.52 17.40
N VAL D 110 22.92 6.33 17.73
CA VAL D 110 22.00 5.53 16.86
C VAL D 110 20.73 6.33 16.60
N VAL D 111 20.19 6.20 15.37
CA VAL D 111 18.94 6.88 14.96
C VAL D 111 17.79 6.34 15.80
N ASP D 112 16.91 7.23 16.27
CA ASP D 112 15.72 6.87 17.08
C ASP D 112 14.50 7.00 16.16
N ALA D 113 13.87 5.88 15.82
CA ALA D 113 12.70 5.88 14.90
C ALA D 113 11.65 6.92 15.31
N LYS D 114 11.13 6.83 16.53
CA LYS D 114 10.06 7.77 16.97
C LYS D 114 10.56 9.21 17.03
N ALA D 115 11.81 9.41 17.47
CA ALA D 115 12.36 10.78 17.57
C ALA D 115 12.54 11.37 16.17
N THR D 116 12.87 10.54 15.17
CA THR D 116 13.09 11.03 13.79
C THR D 116 11.78 11.61 13.23
N GLU D 117 10.63 11.06 13.64
CA GLU D 117 9.33 11.58 13.14
C GLU D 117 9.16 13.05 13.54
N GLN D 118 9.57 13.39 14.76
CA GLN D 118 9.45 14.76 15.33
C GLN D 118 10.62 15.64 14.88
N LEU D 119 11.77 15.03 14.58
CA LEU D 119 13.01 15.77 14.21
C LEU D 119 13.05 16.15 12.73
N ALA D 120 12.73 15.23 11.82
CA ALA D 120 12.79 15.47 10.36
C ALA D 120 12.15 16.80 9.95
N PRO D 121 10.91 17.11 10.40
CA PRO D 121 10.26 18.37 10.03
C PRO D 121 10.94 19.66 10.49
N GLN D 122 11.92 19.57 11.40
CA GLN D 122 12.63 20.76 11.94
C GLN D 122 13.97 20.95 11.20
N LEU D 123 14.36 20.01 10.34
CA LEU D 123 15.69 20.10 9.68
C LEU D 123 15.61 20.62 8.25
N MSE D 124 16.79 21.02 7.75
CA MSE D 124 17.01 21.50 6.40
C MSE D 124 18.19 20.71 5.85
O MSE D 124 19.01 20.21 6.63
CB MSE D 124 17.28 23.01 6.42
CG MSE D 124 18.70 23.39 6.77
SE MSE D 124 18.93 25.32 6.76
CE MSE D 124 20.76 25.69 7.37
N LEU D 125 18.30 20.60 4.52
CA LEU D 125 19.38 19.84 3.90
C LEU D 125 20.53 20.74 3.43
N LEU D 126 21.72 20.15 3.32
CA LEU D 126 22.97 20.80 2.84
C LEU D 126 23.76 19.78 1.98
N ASN D 127 24.58 20.27 1.05
CA ASN D 127 25.42 19.42 0.16
C ASN D 127 26.27 20.31 -0.76
N LEU D 128 27.05 19.69 -1.66
CA LEU D 128 27.95 20.40 -2.62
C LEU D 128 27.15 20.91 -3.83
N SER D 129 27.68 21.92 -4.53
CA SER D 129 27.01 22.47 -5.75
C SER D 129 27.01 21.38 -6.82
N ASN D 130 28.12 20.63 -6.91
CA ASN D 130 28.30 19.48 -7.84
C ASN D 130 28.44 18.19 -7.01
N ASP D 131 27.46 17.93 -6.14
CA ASP D 131 27.44 16.72 -5.27
C ASP D 131 27.05 15.51 -6.15
N GLY D 132 26.74 14.36 -5.53
CA GLY D 132 26.32 13.17 -6.29
C GLY D 132 24.83 13.22 -6.63
N PHE D 133 24.20 14.41 -6.49
CA PHE D 133 22.76 14.61 -6.78
C PHE D 133 22.54 16.00 -7.41
N GLY D 134 23.62 16.75 -7.66
CA GLY D 134 23.47 18.12 -8.19
C GLY D 134 23.17 19.07 -7.03
N GLY D 135 23.70 20.29 -7.09
CA GLY D 135 23.48 21.27 -6.00
C GLY D 135 22.13 21.93 -6.11
N ARG D 136 21.20 21.38 -6.90
CA ARG D 136 19.87 22.03 -7.05
C ARG D 136 18.77 21.28 -6.30
N ALA D 137 19.04 20.08 -5.76
CA ALA D 137 17.97 19.25 -5.12
C ALA D 137 17.04 18.73 -6.24
N ASP D 138 17.63 18.53 -7.42
CA ASP D 138 17.00 18.03 -8.67
C ASP D 138 16.16 16.79 -8.36
N PRO D 139 16.73 15.71 -7.77
CA PRO D 139 15.94 14.50 -7.48
C PRO D 139 14.92 14.63 -6.34
N LEU D 140 15.15 15.53 -5.37
CA LEU D 140 14.21 15.70 -4.21
C LEU D 140 12.91 16.35 -4.67
N SER D 141 13.00 17.50 -5.35
CA SER D 141 11.77 18.19 -5.80
C SER D 141 10.92 17.22 -6.62
N LYS D 142 11.55 16.36 -7.42
CA LYS D 142 10.82 15.37 -8.27
C LYS D 142 10.20 14.28 -7.39
N LEU D 143 10.97 13.68 -6.48
CA LEU D 143 10.41 12.61 -5.58
C LEU D 143 9.27 13.18 -4.72
N VAL D 144 9.38 14.43 -4.29
CA VAL D 144 8.30 15.05 -3.46
C VAL D 144 7.02 15.13 -4.31
N LEU D 145 7.18 15.43 -5.60
CA LEU D 145 6.01 15.53 -6.52
C LEU D 145 5.39 14.13 -6.71
N VAL D 146 6.22 13.10 -6.87
CA VAL D 146 5.69 11.71 -7.03
C VAL D 146 4.95 11.33 -5.74
N ALA D 147 5.53 11.69 -4.58
CA ALA D 147 4.91 11.40 -3.27
C ALA D 147 3.51 12.02 -3.23
N LYS D 148 3.36 13.26 -3.71
CA LYS D 148 2.05 13.95 -3.69
C LYS D 148 1.10 13.27 -4.70
N GLN D 149 1.63 12.73 -5.79
CA GLN D 149 0.80 12.00 -6.79
C GLN D 149 0.22 10.78 -6.08
N LEU D 150 1.05 10.09 -5.30
CA LEU D 150 0.63 8.86 -4.55
C LEU D 150 -0.34 9.25 -3.43
N GLU D 151 -0.07 10.36 -2.74
CA GLU D 151 -0.96 10.79 -1.62
C GLU D 151 -2.34 11.17 -2.19
N ASN D 152 -2.39 11.80 -3.37
CA ASN D 152 -3.69 12.16 -3.99
C ASN D 152 -4.48 10.87 -4.22
N ASP D 153 -3.76 9.81 -4.60
CA ASP D 153 -4.34 8.47 -4.91
C ASP D 153 -4.62 7.66 -3.64
N GLY D 154 -4.48 8.23 -2.44
CA GLY D 154 -4.84 7.46 -1.23
C GLY D 154 -3.73 7.20 -0.23
N GLN D 155 -2.47 7.04 -0.67
CA GLN D 155 -1.39 6.76 0.31
C GLN D 155 -1.29 7.93 1.31
N VAL D 156 -0.64 7.69 2.46
CA VAL D 156 -0.53 8.74 3.51
C VAL D 156 0.92 8.92 3.96
N GLY D 157 1.30 10.16 4.23
CA GLY D 157 2.65 10.57 4.70
C GLY D 157 3.80 10.03 3.86
N VAL D 158 3.60 9.89 2.55
CA VAL D 158 4.69 9.36 1.67
C VAL D 158 5.85 10.38 1.63
N ALA D 159 5.55 11.68 1.61
CA ALA D 159 6.59 12.73 1.55
C ALA D 159 7.28 12.91 2.91
N ARG D 160 6.50 12.85 3.99
N ARG D 160 6.51 12.87 4.01
CA ARG D 160 7.03 12.98 5.37
CA ARG D 160 7.14 13.01 5.35
C ARG D 160 8.05 11.86 5.62
C ARG D 160 8.08 11.84 5.62
N GLN D 161 7.73 10.64 5.17
CA GLN D 161 8.59 9.46 5.38
C GLN D 161 9.82 9.51 4.45
N LEU D 162 9.72 10.21 3.30
CA LEU D 162 10.89 10.31 2.40
C LEU D 162 11.99 11.08 3.16
N LEU D 163 11.62 12.17 3.83
CA LEU D 163 12.62 12.98 4.61
C LEU D 163 13.12 12.17 5.79
N GLU D 164 12.25 11.42 6.48
CA GLU D 164 12.64 10.60 7.64
C GLU D 164 13.65 9.53 7.19
N LYS D 165 13.39 8.91 6.02
CA LYS D 165 14.26 7.82 5.48
C LYS D 165 15.60 8.40 5.00
N MSE D 166 15.57 9.60 4.43
CA MSE D 166 16.80 10.19 3.94
C MSE D 166 17.69 10.56 5.12
O MSE D 166 18.90 10.41 5.03
CB MSE D 166 16.47 11.41 3.07
CG MSE D 166 16.17 11.05 1.64
SE MSE D 166 16.00 12.73 0.73
CE MSE D 166 17.65 13.73 1.07
N TYR D 167 17.06 11.04 6.19
CA TYR D 167 17.78 11.38 7.39
C TYR D 167 18.39 10.11 8.00
N SER D 168 17.61 9.02 7.98
CA SER D 168 18.04 7.71 8.54
C SER D 168 19.16 7.11 7.68
N ALA D 169 19.02 7.19 6.35
CA ALA D 169 20.03 6.64 5.42
C ALA D 169 21.36 7.38 5.62
N ALA D 170 21.30 8.72 5.65
CA ALA D 170 22.50 9.56 5.85
C ALA D 170 23.18 9.19 7.18
N ALA D 171 22.38 9.02 8.23
CA ALA D 171 22.90 8.66 9.57
C ALA D 171 23.59 7.29 9.52
N VAL D 172 22.99 6.35 8.78
CA VAL D 172 23.55 4.96 8.64
C VAL D 172 24.86 5.03 7.85
N LEU D 173 24.89 5.89 6.82
CA LEU D 173 26.11 6.04 5.96
C LEU D 173 27.24 6.72 6.75
N SER D 174 26.91 7.57 7.73
CA SER D 174 27.93 8.28 8.55
C SER D 174 28.46 7.40 9.69
N ASN D 175 27.63 6.52 10.23
CA ASN D 175 28.02 5.63 11.37
C ASN D 175 27.57 4.20 11.06
N PRO D 176 28.13 3.56 10.00
CA PRO D 176 27.72 2.20 9.64
C PRO D 176 28.00 1.14 10.72
N THR D 177 28.99 1.39 11.56
CA THR D 177 29.40 0.48 12.65
C THR D 177 28.25 0.28 13.66
N LEU D 178 27.23 1.14 13.62
CA LEU D 178 26.08 1.06 14.57
C LEU D 178 24.87 0.40 13.92
N TYR D 179 25.01 -0.14 12.70
CA TYR D 179 23.82 -0.75 12.03
C TYR D 179 24.19 -2.09 11.39
N SER D 180 23.16 -2.90 11.11
CA SER D 180 23.33 -4.25 10.50
C SER D 180 23.67 -4.13 9.01
N ASP D 181 24.15 -5.22 8.40
CA ASP D 181 24.49 -5.24 6.96
C ASP D 181 23.25 -4.93 6.13
N SER D 182 22.09 -5.45 6.56
CA SER D 182 20.80 -5.23 5.86
C SER D 182 20.49 -3.74 5.83
N GLU D 183 20.73 -3.04 6.95
CA GLU D 183 20.45 -1.59 7.09
C GLU D 183 21.43 -0.78 6.25
N LYS D 184 22.71 -1.18 6.24
CA LYS D 184 23.74 -0.45 5.44
C LYS D 184 23.43 -0.62 3.94
N ALA D 185 22.89 -1.77 3.56
CA ALA D 185 22.54 -2.05 2.14
C ALA D 185 21.33 -1.20 1.74
N ASN D 186 20.35 -1.05 2.63
CA ASN D 186 19.13 -0.25 2.36
C ASN D 186 19.49 1.24 2.24
N ALA D 187 20.34 1.73 3.13
CA ALA D 187 20.77 3.15 3.13
C ALA D 187 21.50 3.47 1.83
N SER D 188 22.44 2.61 1.43
CA SER D 188 23.20 2.84 0.16
C SER D 188 22.25 2.77 -1.03
N LYS D 189 21.28 1.85 -0.99
CA LYS D 189 20.33 1.70 -2.12
C LYS D 189 19.49 2.98 -2.27
N LEU D 190 18.91 3.48 -1.16
CA LEU D 190 18.07 4.71 -1.22
C LEU D 190 18.89 5.90 -1.72
N LEU D 191 20.03 6.18 -1.07
CA LEU D 191 20.89 7.33 -1.47
C LEU D 191 21.43 7.12 -2.90
N SER D 192 21.81 5.90 -3.28
CA SER D 192 22.32 5.65 -4.65
C SER D 192 21.18 5.90 -5.66
N SER D 193 19.93 5.71 -5.23
CA SER D 193 18.77 5.94 -6.12
C SER D 193 18.61 7.43 -6.41
N LEU D 194 18.83 8.29 -5.41
CA LEU D 194 18.73 9.75 -5.61
C LEU D 194 19.83 10.18 -6.61
N ALA D 195 21.00 9.55 -6.51
CA ALA D 195 22.13 9.87 -7.41
C ALA D 195 21.80 9.41 -8.82
N ALA D 196 21.01 8.34 -8.94
CA ALA D 196 20.60 7.80 -10.26
C ALA D 196 19.67 8.79 -10.96
N ILE D 197 18.70 9.35 -10.23
CA ILE D 197 17.72 10.34 -10.76
C ILE D 197 18.49 11.56 -11.29
N HIS D 198 19.63 11.88 -10.69
CA HIS D 198 20.44 13.04 -11.16
C HIS D 198 21.28 12.63 -12.39
N ALA D 199 21.88 11.43 -12.34
CA ALA D 199 22.71 10.93 -13.46
C ALA D 199 21.85 10.83 -14.73
N LYS D 200 20.64 10.29 -14.61
CA LYS D 200 19.70 10.13 -15.75
C LYS D 200 18.46 11.00 -15.47
N ASN D 201 18.56 12.30 -15.73
CA ASN D 201 17.44 13.26 -15.50
C ASN D 201 16.24 12.81 -16.33
N PRO D 202 15.07 12.50 -15.70
CA PRO D 202 13.89 12.06 -16.45
C PRO D 202 13.35 13.07 -17.46
N MSE D 203 13.80 14.32 -17.33
CA MSE D 203 13.35 15.38 -18.23
C MSE D 203 13.93 15.16 -19.63
O MSE D 203 13.37 15.68 -20.60
CB MSE D 203 13.80 16.75 -17.71
CG MSE D 203 13.15 17.16 -16.39
SE MSE D 203 11.25 17.49 -16.61
CE MSE D 203 11.00 18.91 -17.94
N HIS D 204 15.03 14.41 -19.74
CA HIS D 204 15.66 14.17 -21.03
C HIS D 204 15.23 12.81 -21.62
N ASP D 205 14.44 12.02 -20.90
CA ASP D 205 14.01 10.70 -21.41
C ASP D 205 13.11 10.90 -22.65
N THR D 206 13.28 10.05 -23.67
CA THR D 206 12.50 10.15 -24.94
C THR D 206 11.55 8.96 -25.10
N SER D 207 11.55 8.00 -24.16
CA SER D 207 10.62 6.85 -24.23
C SER D 207 9.29 7.25 -23.60
N MSE D 208 9.33 8.25 -22.71
CA MSE D 208 8.14 8.74 -22.04
C MSE D 208 8.35 10.20 -21.68
O MSE D 208 9.46 10.63 -21.40
CB MSE D 208 7.83 7.90 -20.80
CG MSE D 208 8.87 7.96 -19.70
SE MSE D 208 8.23 6.92 -18.15
CE MSE D 208 8.74 5.04 -18.40
N LYS D 209 7.26 10.97 -21.68
CA LYS D 209 7.28 12.39 -21.38
C LYS D 209 6.74 12.60 -19.96
N VAL D 210 7.62 12.86 -18.98
CA VAL D 210 7.21 13.03 -17.55
C VAL D 210 6.62 14.43 -17.32
N TRP D 211 6.74 15.34 -18.29
CA TRP D 211 6.23 16.73 -18.14
C TRP D 211 5.06 16.99 -19.09
N GLN D 212 4.16 17.90 -18.70
CA GLN D 212 2.99 18.30 -19.52
C GLN D 212 3.35 19.58 -20.27
N GLU D 213 3.97 20.55 -19.56
CA GLU D 213 4.42 21.83 -20.18
C GLU D 213 5.65 22.37 -19.43
N LYS D 214 6.42 23.21 -20.11
CA LYS D 214 7.65 23.85 -19.54
C LYS D 214 7.52 25.36 -19.74
N LEU D 215 7.00 26.05 -18.73
CA LEU D 215 6.80 27.53 -18.77
C LEU D 215 8.14 28.24 -18.50
N GLU D 216 8.74 28.81 -19.54
CA GLU D 216 10.02 29.54 -19.46
C GLU D 216 10.06 30.67 -20.50
N GLY D 217 11.14 31.44 -20.52
CA GLY D 217 11.28 32.57 -21.45
C GLY D 217 10.17 33.58 -21.26
N LYS D 218 9.50 33.95 -22.35
CA LYS D 218 8.39 34.94 -22.32
C LYS D 218 7.13 34.31 -21.71
N GLN D 219 7.14 33.00 -21.45
CA GLN D 219 5.96 32.32 -20.85
C GLN D 219 6.24 32.02 -19.37
N ALA D 220 7.42 32.44 -18.88
CA ALA D 220 7.84 32.22 -17.47
C ALA D 220 6.76 32.70 -16.50
N LEU D 221 6.64 32.02 -15.35
CA LEU D 221 5.63 32.40 -14.34
C LEU D 221 6.28 33.17 -13.18
N THR D 222 5.48 34.05 -12.56
CA THR D 222 5.90 34.83 -11.38
C THR D 222 5.41 34.02 -10.18
N VAL D 223 5.61 34.51 -8.95
CA VAL D 223 5.09 33.74 -7.78
C VAL D 223 3.55 33.72 -7.87
N ASN D 224 2.93 34.81 -8.32
CA ASN D 224 1.45 34.87 -8.44
C ASN D 224 0.98 33.87 -9.50
N GLY D 225 1.74 33.72 -10.58
CA GLY D 225 1.39 32.76 -11.65
C GLY D 225 1.31 31.35 -11.09
N VAL D 226 2.34 30.97 -10.31
CA VAL D 226 2.41 29.63 -9.66
C VAL D 226 1.21 29.48 -8.71
N VAL D 227 0.91 30.53 -7.93
CA VAL D 227 -0.22 30.48 -6.96
C VAL D 227 -1.53 30.22 -7.71
N GLU D 228 -1.77 30.90 -8.83
CA GLU D 228 -3.04 30.74 -9.58
C GLU D 228 -3.12 29.29 -10.10
N LYS D 229 -2.02 28.77 -10.65
CA LYS D 229 -1.97 27.39 -11.18
C LYS D 229 -2.26 26.37 -10.08
N ILE D 230 -1.64 26.55 -8.91
CA ILE D 230 -1.79 25.61 -7.75
C ILE D 230 -3.20 25.70 -7.14
N THR D 231 -3.72 26.92 -6.94
CA THR D 231 -5.03 27.14 -6.27
C THR D 231 -6.21 27.14 -7.23
N ASP D 232 -5.99 27.05 -8.55
CA ASP D 232 -7.12 27.07 -9.53
C ASP D 232 -8.22 26.12 -9.04
N ALA D 233 -9.43 26.66 -8.77
CA ALA D 233 -10.58 25.88 -8.26
C ALA D 233 -11.07 24.84 -9.28
N SER D 234 -10.64 24.96 -10.54
CA SER D 234 -11.08 24.00 -11.60
C SER D 234 -10.37 22.65 -11.47
N ALA D 235 -9.31 22.57 -10.65
CA ALA D 235 -8.52 21.33 -10.50
C ALA D 235 -9.01 20.50 -9.32
N ASN D 236 -10.09 20.91 -8.64
CA ASN D 236 -10.57 20.13 -7.46
C ASN D 236 -10.54 18.63 -7.79
N GLY D 237 -9.88 17.83 -6.94
CA GLY D 237 -9.77 16.37 -7.11
C GLY D 237 -8.53 15.93 -7.85
N LYS D 238 -8.05 16.75 -8.79
CA LYS D 238 -6.86 16.36 -9.59
C LYS D 238 -5.60 16.93 -8.95
N PRO D 239 -4.44 16.25 -9.07
CA PRO D 239 -3.21 16.77 -8.51
C PRO D 239 -2.50 17.75 -9.46
N VAL D 240 -1.98 18.84 -8.89
CA VAL D 240 -1.21 19.87 -9.65
C VAL D 240 0.22 19.72 -9.12
N LEU D 241 1.14 19.27 -9.97
CA LEU D 241 2.55 18.99 -9.56
C LEU D 241 3.49 19.91 -10.34
N LEU D 242 4.06 20.91 -9.66
CA LEU D 242 4.96 21.89 -10.32
C LEU D 242 6.35 21.84 -9.73
N GLU D 243 7.36 21.86 -10.61
CA GLU D 243 8.77 21.94 -10.16
C GLU D 243 9.18 23.39 -10.43
N LEU D 244 9.55 24.13 -9.38
CA LEU D 244 9.94 25.56 -9.54
C LEU D 244 11.46 25.61 -9.62
N ASP D 245 12.00 25.95 -10.79
CA ASP D 245 13.47 26.01 -11.00
C ASP D 245 13.99 27.44 -10.96
N ALA D 246 14.97 27.68 -10.09
CA ALA D 246 15.67 28.97 -9.93
C ALA D 246 17.13 28.66 -10.21
N PRO D 247 17.99 29.66 -10.52
CA PRO D 247 19.40 29.37 -10.81
C PRO D 247 20.04 28.51 -9.70
N GLY D 248 20.44 27.29 -10.06
CA GLY D 248 21.10 26.34 -9.13
C GLY D 248 20.27 26.00 -7.90
N HIS D 249 18.93 26.06 -7.99
CA HIS D 249 18.08 25.73 -6.82
C HIS D 249 16.68 25.30 -7.31
N ALA D 250 16.27 24.06 -7.03
CA ALA D 250 14.96 23.52 -7.45
C ALA D 250 14.04 23.35 -6.24
N MSE D 251 12.78 23.73 -6.44
CA MSE D 251 11.75 23.65 -5.42
C MSE D 251 10.54 22.95 -6.03
O MSE D 251 10.52 22.64 -7.22
CB MSE D 251 11.36 25.06 -4.96
CG MSE D 251 12.41 25.76 -4.14
SE MSE D 251 12.35 27.70 -4.44
CE MSE D 251 12.84 28.04 -6.32
N ALA D 252 9.52 22.70 -5.20
CA ALA D 252 8.32 22.05 -5.65
C ALA D 252 7.09 22.70 -5.01
N ALA D 253 5.98 22.70 -5.75
CA ALA D 253 4.70 23.26 -5.30
C ALA D 253 3.61 22.29 -5.78
N TRP D 254 2.52 22.16 -5.04
CA TRP D 254 1.49 21.18 -5.47
C TRP D 254 0.14 21.45 -4.83
N ALA D 255 -0.86 20.73 -5.34
CA ALA D 255 -2.26 20.72 -4.85
C ALA D 255 -2.72 19.27 -4.94
N LYS D 256 -3.36 18.75 -3.90
CA LYS D 256 -3.83 17.33 -3.96
C LYS D 256 -5.02 17.16 -3.02
N GLY D 257 -5.84 16.14 -3.29
CA GLY D 257 -7.05 15.87 -2.50
C GLY D 257 -8.26 16.58 -3.08
N SER D 258 -9.42 16.45 -2.45
CA SER D 258 -10.67 17.09 -2.95
C SER D 258 -11.50 17.65 -1.80
N GLY D 259 -12.29 18.70 -2.06
CA GLY D 259 -13.14 19.33 -1.04
C GLY D 259 -12.32 19.86 0.12
N ASP D 260 -12.78 19.58 1.35
CA ASP D 260 -12.07 20.03 2.58
C ASP D 260 -10.71 19.33 2.71
N ASP D 261 -10.55 18.17 2.07
CA ASP D 261 -9.26 17.41 2.14
C ASP D 261 -8.23 17.99 1.15
N ARG D 262 -8.64 18.89 0.25
CA ARG D 262 -7.66 19.44 -0.72
C ARG D 262 -6.62 20.25 0.07
N VAL D 263 -5.34 20.05 -0.25
CA VAL D 263 -4.22 20.75 0.43
C VAL D 263 -3.29 21.36 -0.63
N TYR D 264 -2.74 22.54 -0.34
CA TYR D 264 -1.82 23.27 -1.24
C TYR D 264 -0.47 23.30 -0.51
N GLY D 265 0.60 22.84 -1.16
CA GLY D 265 1.90 22.79 -0.46
C GLY D 265 3.07 23.32 -1.25
N PHE D 266 4.21 23.45 -0.56
CA PHE D 266 5.47 23.97 -1.12
C PHE D 266 6.64 23.27 -0.45
N TYR D 267 7.64 22.90 -1.25
CA TYR D 267 8.86 22.25 -0.71
C TYR D 267 10.12 23.01 -1.15
N ASP D 268 11.01 23.24 -0.18
CA ASP D 268 12.31 23.92 -0.38
C ASP D 268 13.29 23.26 0.58
N PRO D 269 14.48 22.81 0.12
CA PRO D 269 15.45 22.18 1.02
C PRO D 269 15.70 22.99 2.30
N ASN D 270 15.49 24.30 2.24
CA ASN D 270 15.70 25.20 3.42
C ASN D 270 14.45 25.23 4.31
N ALA D 271 13.28 25.51 3.75
CA ALA D 271 12.03 25.61 4.54
C ALA D 271 11.42 24.23 4.80
N GLY D 272 11.80 23.21 4.04
CA GLY D 272 11.17 21.88 4.20
C GLY D 272 9.79 21.88 3.56
N ILE D 273 8.90 20.99 4.02
CA ILE D 273 7.52 20.88 3.46
C ILE D 273 6.55 21.76 4.26
N VAL D 274 5.77 22.57 3.55
CA VAL D 274 4.73 23.45 4.16
C VAL D 274 3.43 23.18 3.41
N GLU D 275 2.34 22.87 4.12
CA GLU D 275 1.02 22.62 3.48
C GLU D 275 -0.08 23.42 4.17
N PHE D 276 -1.12 23.77 3.41
CA PHE D 276 -2.29 24.53 3.91
C PHE D 276 -3.59 23.99 3.31
N SER D 277 -4.67 24.04 4.11
CA SER D 277 -6.01 23.63 3.61
C SER D 277 -6.60 24.83 2.86
N SER D 278 -6.17 26.03 3.27
CA SER D 278 -6.63 27.33 2.71
C SER D 278 -5.80 27.79 1.51
N ALA D 279 -6.45 28.02 0.37
CA ALA D 279 -5.78 28.52 -0.84
C ALA D 279 -5.27 29.93 -0.56
N GLU D 280 -6.04 30.70 0.22
CA GLU D 280 -5.67 32.10 0.58
C GLU D 280 -4.37 32.08 1.40
N LYS D 281 -4.28 31.22 2.42
CA LYS D 281 -3.05 31.17 3.25
C LYS D 281 -1.88 30.69 2.39
N PHE D 282 -2.12 29.74 1.49
CA PHE D 282 -1.01 29.24 0.62
C PHE D 282 -0.48 30.41 -0.20
N GLY D 283 -1.39 31.18 -0.80
CA GLY D 283 -1.01 32.34 -1.63
C GLY D 283 -0.28 33.39 -0.80
N ASP D 284 -0.76 33.62 0.42
N ASP D 284 -0.76 33.65 0.41
CA ASP D 284 -0.13 34.63 1.32
CA ASP D 284 -0.10 34.63 1.31
C ASP D 284 1.27 34.15 1.70
C ASP D 284 1.31 34.14 1.63
N TYR D 285 1.44 32.85 1.97
CA TYR D 285 2.76 32.27 2.34
C TYR D 285 3.75 32.38 1.19
N LEU D 286 3.36 31.93 0.01
CA LEU D 286 4.30 31.93 -1.14
C LEU D 286 4.66 33.37 -1.54
N THR D 287 3.67 34.28 -1.53
CA THR D 287 3.90 35.71 -1.88
C THR D 287 4.88 36.35 -0.90
N ARG D 288 4.73 36.07 0.40
CA ARG D 288 5.60 36.65 1.45
C ARG D 288 6.92 35.88 1.51
N PHE D 289 6.93 34.63 1.06
CA PHE D 289 8.18 33.83 1.06
C PHE D 289 9.17 34.45 0.07
N PHE D 290 8.71 34.72 -1.15
CA PHE D 290 9.57 35.27 -2.23
C PHE D 290 9.54 36.81 -2.26
N GLY D 291 8.47 37.43 -1.74
CA GLY D 291 8.29 38.90 -1.76
C GLY D 291 9.22 39.66 -0.84
N LYS D 292 9.46 40.93 -1.18
CA LYS D 292 10.35 41.85 -0.40
C LYS D 292 9.71 42.17 0.96
N SER D 293 8.39 42.00 1.10
CA SER D 293 7.69 42.34 2.37
C SER D 293 8.16 41.46 3.52
N ASP D 294 8.61 40.24 3.24
CA ASP D 294 9.05 39.35 4.36
C ASP D 294 10.42 38.74 4.11
N LEU D 295 10.46 37.48 3.69
CA LEU D 295 11.75 36.75 3.50
C LEU D 295 12.50 37.21 2.27
N ASN D 296 11.81 37.65 1.20
CA ASN D 296 12.51 38.15 -0.01
C ASN D 296 13.42 37.06 -0.58
N MSE D 297 12.91 35.83 -0.66
CA MSE D 297 13.68 34.70 -1.15
C MSE D 297 13.85 34.77 -2.66
O MSE D 297 14.77 34.16 -3.20
CB MSE D 297 13.05 33.37 -0.73
CG MSE D 297 13.07 33.14 0.78
SE MSE D 297 14.86 33.35 1.58
CE MSE D 297 15.92 31.93 0.77
N ALA D 298 12.98 35.51 -3.35
CA ALA D 298 13.08 35.66 -4.79
C ALA D 298 14.45 36.27 -5.13
N GLN D 299 14.88 37.24 -4.31
CA GLN D 299 16.17 37.92 -4.55
C GLN D 299 17.32 37.05 -3.98
N SER D 300 17.03 36.27 -2.95
CA SER D 300 18.07 35.38 -2.35
C SER D 300 18.38 34.25 -3.33
N TYR D 301 17.38 33.73 -4.03
CA TYR D 301 17.62 32.63 -5.01
C TYR D 301 17.96 33.24 -6.38
N LYS D 302 18.16 34.56 -6.40
CA LYS D 302 18.58 35.32 -7.61
C LYS D 302 17.64 35.09 -8.80
N LEU D 303 16.33 35.28 -8.59
CA LEU D 303 15.36 35.12 -9.70
C LEU D 303 15.46 36.33 -10.64
N GLY D 304 15.28 36.09 -11.95
CA GLY D 304 15.29 37.18 -12.94
C GLY D 304 13.96 37.90 -12.90
N LYS D 305 13.76 38.89 -13.77
CA LYS D 305 12.48 39.64 -13.78
C LYS D 305 11.87 39.68 -15.19
N ASN D 306 10.55 39.83 -15.28
CA ASN D 306 9.85 39.93 -16.58
C ASN D 306 9.86 41.40 -16.99
N ASP D 307 9.30 41.73 -18.14
CA ASP D 307 9.25 43.15 -18.61
C ASP D 307 8.58 44.05 -17.57
N ALA D 308 7.71 43.51 -16.71
CA ALA D 308 7.02 44.32 -15.68
C ALA D 308 7.90 44.51 -14.44
N GLY D 309 9.06 43.84 -14.40
CA GLY D 309 9.97 43.92 -13.24
C GLY D 309 9.56 42.95 -12.14
N GLU D 310 8.66 42.01 -12.45
CA GLU D 310 8.18 41.00 -11.48
C GLU D 310 9.14 39.80 -11.49
N ALA D 311 9.49 39.30 -10.31
CA ALA D 311 10.40 38.14 -10.21
C ALA D 311 9.75 36.92 -10.89
N ILE D 312 10.54 36.20 -11.71
CA ILE D 312 10.03 35.00 -12.45
C ILE D 312 10.98 33.82 -12.24
N PHE D 313 10.44 32.60 -12.28
CA PHE D 313 11.27 31.39 -12.15
C PHE D 313 11.91 31.11 -13.52
N ASN D 314 13.17 30.69 -13.52
CA ASN D 314 13.86 30.39 -14.80
C ASN D 314 13.03 29.37 -15.58
N ARG D 315 12.31 28.52 -14.85
CA ARG D 315 11.46 27.50 -15.50
C ARG D 315 10.49 26.90 -14.48
N VAL D 316 9.26 26.63 -14.92
CA VAL D 316 8.22 25.98 -14.08
C VAL D 316 7.76 24.78 -14.90
N VAL D 317 7.97 23.58 -14.35
CA VAL D 317 7.59 22.34 -15.10
C VAL D 317 6.28 21.79 -14.54
N VAL D 318 5.24 21.74 -15.39
CA VAL D 318 3.94 21.15 -14.97
C VAL D 318 4.16 19.66 -15.20
N MSE D 319 4.37 18.91 -14.12
CA MSE D 319 4.65 17.49 -14.20
C MSE D 319 3.38 16.67 -14.39
O MSE D 319 2.27 17.14 -14.15
CB MSE D 319 5.31 16.99 -12.91
CG MSE D 319 6.74 17.41 -12.74
SE MSE D 319 7.93 16.51 -14.00
CE MSE D 319 9.61 17.35 -13.54
N ASP D 320 3.60 15.43 -14.86
CA ASP D 320 2.58 14.43 -15.04
C ASP D 320 2.89 13.36 -13.99
N GLY D 321 2.25 13.45 -12.83
CA GLY D 321 2.48 12.52 -11.71
C GLY D 321 2.51 11.06 -12.12
N ASN D 322 1.54 10.62 -12.92
CA ASN D 322 1.46 9.20 -13.36
C ASN D 322 2.72 8.79 -14.11
N THR D 323 3.11 9.55 -15.13
CA THR D 323 4.31 9.21 -15.95
C THR D 323 5.59 9.28 -15.11
N LEU D 324 5.75 10.33 -14.32
CA LEU D 324 6.97 10.49 -13.47
C LEU D 324 7.05 9.36 -12.44
N ALA D 325 5.91 8.98 -11.84
CA ALA D 325 5.87 7.91 -10.83
C ALA D 325 6.37 6.58 -11.42
N SER D 326 6.10 6.34 -12.70
CA SER D 326 6.48 5.07 -13.37
C SER D 326 7.85 5.17 -14.05
N TYR D 327 8.56 6.28 -13.88
CA TYR D 327 9.91 6.41 -14.50
C TYR D 327 10.95 5.57 -13.75
N LYS D 328 11.87 4.95 -14.49
CA LYS D 328 12.95 4.10 -13.92
C LYS D 328 14.29 4.83 -14.08
N PRO D 329 14.89 5.36 -12.99
CA PRO D 329 16.15 6.09 -13.08
C PRO D 329 17.38 5.24 -13.43
N THR D 330 17.49 4.04 -12.86
CA THR D 330 18.66 3.14 -13.09
C THR D 330 18.33 2.14 -14.22
N PHE D 331 19.08 2.20 -15.32
CA PHE D 331 18.88 1.28 -16.48
C PHE D 331 19.10 -0.17 -16.01
N GLY D 332 18.38 -1.11 -16.62
CA GLY D 332 18.48 -2.54 -16.27
C GLY D 332 17.65 -2.89 -15.05
N ASP D 333 17.63 -1.98 -14.06
CA ASP D 333 16.86 -2.16 -12.81
C ASP D 333 15.40 -1.76 -13.09
N LYS D 334 14.43 -2.46 -12.47
CA LYS D 334 12.99 -2.14 -12.69
C LYS D 334 12.43 -1.28 -11.55
N THR D 335 13.31 -0.72 -10.70
CA THR D 335 12.82 0.15 -9.59
C THR D 335 12.35 1.48 -10.17
N THR D 336 11.10 1.85 -9.90
CA THR D 336 10.51 3.13 -10.41
C THR D 336 10.61 4.20 -9.32
N MSE D 337 10.26 5.44 -9.68
CA MSE D 337 10.29 6.55 -8.75
C MSE D 337 9.38 6.23 -7.57
O MSE D 337 9.73 6.49 -6.43
CB MSE D 337 9.82 7.85 -9.44
CG MSE D 337 10.70 8.29 -10.58
SE MSE D 337 12.32 9.17 -9.93
CE MSE D 337 11.79 11.01 -9.47
N GLN D 338 8.20 5.65 -7.85
CA GLN D 338 7.27 5.29 -6.79
C GLN D 338 7.92 4.17 -5.97
N GLY D 339 8.72 3.32 -6.62
CA GLY D 339 9.42 2.22 -5.93
C GLY D 339 10.44 2.76 -4.95
N ILE D 340 11.14 3.83 -5.34
CA ILE D 340 12.18 4.49 -4.48
C ILE D 340 11.52 5.03 -3.21
N LEU D 341 10.31 5.59 -3.33
CA LEU D 341 9.61 6.17 -2.14
C LEU D 341 9.23 5.05 -1.16
N ASP D 342 9.17 3.80 -1.62
CA ASP D 342 8.79 2.66 -0.74
C ASP D 342 10.04 1.90 -0.27
N LEU D 343 11.24 2.25 -0.77
CA LEU D 343 12.47 1.57 -0.32
C LEU D 343 12.58 1.69 1.20
N PRO D 344 12.88 0.59 1.92
CA PRO D 344 13.03 0.64 3.38
C PRO D 344 14.45 1.03 3.82
N VAL D 345 14.62 1.34 5.10
CA VAL D 345 15.96 1.68 5.67
C VAL D 345 16.18 0.74 6.86
N PHE D 346 15.13 0.51 7.66
CA PHE D 346 15.22 -0.38 8.84
C PHE D 346 14.29 -1.59 8.68
N ASP D 347 13.04 -1.38 8.23
CA ASP D 347 12.08 -2.51 8.05
C ASP D 347 12.37 -3.20 6.71
S SO4 E . 0.08 -17.84 -6.75
O1 SO4 E . 0.72 -17.99 -8.03
O2 SO4 E . 0.33 -16.52 -6.25
O3 SO4 E . 0.62 -18.82 -5.83
O4 SO4 E . -1.33 -18.05 -6.89
S SO4 F . -23.77 -14.32 -23.12
O1 SO4 F . -22.56 -14.70 -22.46
O2 SO4 F . -23.54 -13.11 -23.88
O3 SO4 F . -24.18 -15.37 -24.02
O4 SO4 F . -24.80 -14.08 -22.14
S SO4 G . -16.02 -42.53 -2.09
O1 SO4 G . -15.17 -42.55 -0.94
O2 SO4 G . -16.37 -41.17 -2.41
O3 SO4 G . -15.34 -43.12 -3.21
O4 SO4 G . -17.22 -43.28 -1.81
S SO4 H . 2.85 -22.32 15.42
O1 SO4 H . 2.42 -21.63 16.60
O2 SO4 H . 4.27 -22.49 15.45
O3 SO4 H . 2.47 -21.55 14.26
O4 SO4 H . 2.20 -23.61 15.37
S SO4 I . -10.53 -25.54 8.16
O1 SO4 I . -9.18 -25.52 7.67
O2 SO4 I . -10.78 -24.35 8.94
O3 SO4 I . -11.45 -25.57 7.04
O4 SO4 I . -10.73 -26.69 8.97
CL CL J . -28.54 -19.19 14.36
CL CL K . 10.39 -14.68 -18.95
CL CL L . 12.39 -43.42 -8.68
CL CL M . -7.25 -44.30 5.75
CL CL N . -11.55 -24.21 -29.07
CL CL O . -2.57 -25.11 -13.69
CL CL P . -31.11 -0.49 21.09
CL CL Q . 19.16 -12.44 -32.74
CL CL Q . 19.95 -12.07 -30.30
S SO4 R . -2.89 -9.01 -12.10
O1 SO4 R . -3.96 -8.06 -11.92
O2 SO4 R . -1.62 -8.33 -12.05
O3 SO4 R . -3.03 -9.66 -13.37
O4 SO4 R . -2.95 -9.98 -11.04
S SO4 S . -24.74 8.31 -17.06
O1 SO4 S . -23.39 8.04 -16.64
O2 SO4 S . -24.83 9.65 -17.58
O3 SO4 S . -25.11 7.37 -18.09
O4 SO4 S . -25.63 8.16 -15.95
S SO4 T . -23.92 12.92 -21.30
O1 SO4 T . -22.82 12.41 -22.09
O2 SO4 T . -23.73 14.32 -21.07
O3 SO4 T . -23.97 12.22 -20.04
O4 SO4 T . -25.16 12.71 -22.02
S SO4 U . -8.51 -26.34 -12.59
S SO4 U . -7.60 -23.34 -12.02
O1 SO4 U . -8.28 -25.73 -13.87
O1 SO4 U . -7.26 -24.43 -12.89
O2 SO4 U . -7.49 -25.93 -11.67
O2 SO4 U . -6.67 -22.25 -12.24
O3 SO4 U . -8.50 -27.77 -12.72
O3 SO4 U . -7.52 -23.77 -10.65
O4 SO4 U . -9.80 -25.91 -12.09
O4 SO4 U . -8.93 -22.90 -12.31
S SO4 V . -21.56 -26.63 -13.61
O1 SO4 V . -20.53 -25.97 -12.85
O2 SO4 V . -22.29 -25.66 -14.38
O3 SO4 V . -22.45 -27.32 -12.72
O4 SO4 V . -20.95 -27.58 -14.51
CL CL W . -10.06 -9.38 2.36
CL CL X . 2.76 -5.14 -30.37
S SO4 Y . -2.20 14.04 48.37
O1 SO4 Y . -3.38 14.78 48.71
O2 SO4 Y . -1.02 14.76 48.76
O3 SO4 Y . -2.17 13.82 46.94
O4 SO4 Y . -2.22 12.77 49.04
S SO4 Z . 1.81 10.12 17.20
S SO4 Z . 0.46 11.21 19.84
O1 SO4 Z . 2.50 11.22 16.58
O1 SO4 Z . 1.21 11.82 20.91
O2 SO4 Z . 2.76 9.32 17.92
O2 SO4 Z . 0.75 9.81 19.80
O3 SO4 Z . 1.18 9.32 16.18
O3 SO4 Z . 0.84 11.80 18.59
O4 SO4 Z . 0.83 10.62 18.11
O4 SO4 Z . -0.94 11.41 20.06
S SO4 AA . -12.00 17.98 14.34
O1 SO4 AA . -10.95 18.07 15.32
O2 SO4 AA . -12.73 19.21 14.31
O3 SO4 AA . -11.41 17.73 13.05
O4 SO4 AA . -12.89 16.90 14.69
S SO4 BA . 17.65 1.80 24.34
O1 SO4 BA . 18.15 1.83 23.00
O2 SO4 BA . 17.85 3.08 24.97
O3 SO4 BA . 18.35 0.79 25.11
O4 SO4 BA . 16.24 1.50 24.33
CL CL CA . 15.27 36.96 4.78
CL CL DA . -0.18 18.86 43.50
CL CL EA . 6.37 11.00 54.33
CL CL FA . 10.82 15.50 53.59
CL CL GA . -4.53 17.41 43.42
S SO4 HA . 1.19 14.21 6.15
O1 SO4 HA . 0.94 15.61 5.93
O2 SO4 HA . 2.28 14.06 7.07
O3 SO4 HA . 1.52 13.58 4.90
O4 SO4 HA . 0.01 13.58 6.68
S SO4 IA . 17.75 43.18 -11.86
O1 SO4 IA . 18.41 44.32 -11.28
O2 SO4 IA . 18.73 42.18 -12.20
O3 SO4 IA . 17.05 43.59 -13.05
O4 SO4 IA . 16.81 42.64 -10.92
S SO4 JA . 13.06 32.08 22.15
S SO4 JA . 15.63 30.53 24.19
O1 SO4 JA . 12.01 33.05 22.08
O1 SO4 JA . 15.64 31.12 25.51
O2 SO4 JA . 14.29 32.67 21.72
O2 SO4 JA . 15.11 31.48 23.24
O3 SO4 JA . 12.73 30.97 21.30
O3 SO4 JA . 14.81 29.36 24.21
O4 SO4 JA . 13.21 31.61 23.51
O4 SO4 JA . 16.97 30.17 23.81
S SO4 KA . 11.87 2.60 7.41
O1 SO4 KA . 10.82 3.54 7.69
O2 SO4 KA . 13.14 3.21 7.71
O3 SO4 KA . 11.83 2.23 6.02
O4 SO4 KA . 11.69 1.43 8.23
CL CL LA . 7.81 2.43 3.42
CL CL MA . 23.10 23.18 -0.52
CL CL NA . -9.52 29.63 0.67
CL CL OA . 13.92 32.00 -18.48
CL CL PA . 16.63 20.09 -17.29
CL CL QA . 0.73 16.42 -22.41
CL CL RA . 1.45 39.19 9.62
#